data_9JVT
#
_entry.id   9JVT
#
_cell.length_a   131.122
_cell.length_b   97.689
_cell.length_c   134.308
_cell.angle_alpha   90.00
_cell.angle_beta   103.95
_cell.angle_gamma   90.00
#
_symmetry.space_group_name_H-M   'C 1 2 1'
#
loop_
_entity.id
_entity.type
_entity.pdbx_description
1 polymer Villin
2 polymer 'Actin, alpha skeletal muscle'
3 non-polymer 'CALCIUM ION'
4 non-polymer "ADENOSINE-5'-DIPHOSPHATE"
#
loop_
_entity_poly.entity_id
_entity_poly.type
_entity_poly.pdbx_seq_one_letter_code
_entity_poly.pdbx_strand_id
1 'polypeptide(L)'
;GGESSEFKSLFKTWEKTKLPGSVKPYSVNKIAQTVQTKFDAMTLHNNPEVAKETGMVDDGSGKKKIYRIENMDLVELEKR
YYGELYGGDSYVIHYTYAVNGKEEHIIYYWLGRHSTSDERGVAAAKTIEIDDSLGGTAKQVRVVQSKEPNHFMAMFDGKL
IIFQGGKAGWGGHNSTDGPGDTYLLHVRGTSQYNTKAEQVPCRAESLNSNDVFVLFSKGGTYVWAGKGCTGDEREMAKKI
ASKSPKGYIMIVEGQEKEEFWDLLGGKTEYASDFSLKQAENEHRPSRLFQCSNASGVFKAEEIVDFVQEDLVPEDVFILD
ADHTIYVWLGNEARNDEKQMAMDTAIEYLESDPSGRDPDTPIMTVKQGYEPPDFVGHFGVWDRQLWSHGMSYAELKKELG
EKNMSMEQVRQRSKQNGEMSFSDVSKYPYSVLVQKEGLPDGIDLQNKEKHLTEEEFEKIFGMTYATFITKPAWKQTQLKK
DKGLF
;
v,V
2 'polypeptide(L)'
;MCDEDETTALVCDNGSGLVKAGFAGDDAPRAVFPSIVGRPRHQGVMVGMGQKDSYVGDEAQSKRGILTLKYPIE(HIC)G
IITNWDDMEKIWHHTFYNELRVAPEEHPTLLTEAPLNPKANREKMTQIMFETFNVPAMYVAIQAVLSLYASGRTTGIVLD
SGDGVTHNVPIYEGYALPHAIMRLDLAGRDLTDYLMKILTERGYSFVTTAEREIVRDIKEKLCYVALDFENEMATAASSS
SLEKSYELPDGQVITIGNERFRCPETLFQPSFIGMESAGIHETTYNSIMKCDIDIRKDLYANNVMSGGTTMYPGIADRMQ
KEITALAPSTMKIKIIAPPERKYSVWIGGSILASLSTFQQMWITKQEYDEAGPSIVHRKCF
;
g,G
#
# COMPACT_ATOMS: atom_id res chain seq x y z
N THR A 37 22.83 -0.13 14.91
CA THR A 37 23.85 -1.17 14.86
C THR A 37 23.19 -2.53 14.70
N LYS A 38 21.86 -2.53 14.70
CA LYS A 38 21.10 -3.74 14.41
C LYS A 38 19.73 -3.34 13.89
N PHE A 39 19.19 -4.20 13.03
CA PHE A 39 17.89 -3.99 12.39
C PHE A 39 16.86 -4.81 13.15
N ASP A 40 15.99 -4.13 13.90
CA ASP A 40 14.89 -4.82 14.57
C ASP A 40 14.03 -5.52 13.53
N ALA A 41 14.08 -6.85 13.51
CA ALA A 41 13.38 -7.63 12.50
C ALA A 41 11.89 -7.34 12.45
N MET A 42 11.31 -6.79 13.51
CA MET A 42 9.91 -6.39 13.53
C MET A 42 9.59 -5.32 12.49
N THR A 43 10.60 -4.55 12.06
CA THR A 43 10.41 -3.64 10.93
C THR A 43 9.78 -4.37 9.75
N LEU A 44 10.32 -5.53 9.39
CA LEU A 44 9.71 -6.33 8.34
C LEU A 44 8.46 -7.03 8.85
N HIS A 45 8.44 -7.40 10.13
CA HIS A 45 7.35 -8.20 10.67
C HIS A 45 6.04 -7.42 10.74
N ASN A 46 6.11 -6.09 10.79
CA ASN A 46 4.93 -5.23 10.92
C ASN A 46 3.85 -5.54 9.90
N THR A 54 -6.11 -7.83 -1.48
CA THR A 54 -7.41 -7.52 -2.03
C THR A 54 -7.28 -7.08 -3.49
N GLY A 55 -8.10 -7.66 -4.36
CA GLY A 55 -8.03 -7.34 -5.77
C GLY A 55 -9.38 -7.42 -6.44
N MET A 56 -9.53 -6.67 -7.52
CA MET A 56 -10.72 -6.75 -8.36
C MET A 56 -10.69 -8.10 -9.08
N VAL A 57 -11.56 -9.02 -8.65
CA VAL A 57 -11.50 -10.39 -9.14
C VAL A 57 -11.64 -10.46 -10.66
N ASP A 58 -12.32 -9.49 -11.27
CA ASP A 58 -12.38 -9.40 -12.72
C ASP A 58 -12.35 -7.93 -13.12
N ASP A 59 -12.35 -7.69 -14.43
CA ASP A 59 -12.23 -6.35 -14.98
C ASP A 59 -13.45 -5.47 -14.72
N GLY A 60 -14.45 -5.94 -13.97
CA GLY A 60 -15.67 -5.17 -13.81
C GLY A 60 -16.49 -5.04 -15.07
N SER A 61 -16.16 -5.78 -16.12
CA SER A 61 -16.83 -5.68 -17.41
C SER A 61 -17.98 -6.66 -17.56
N GLY A 62 -18.33 -7.38 -16.50
CA GLY A 62 -19.47 -8.27 -16.54
C GLY A 62 -20.77 -7.50 -16.52
N LYS A 63 -21.87 -8.25 -16.50
CA LYS A 63 -23.19 -7.64 -16.49
C LYS A 63 -23.55 -7.16 -15.09
N LYS A 64 -24.27 -6.05 -15.03
CA LYS A 64 -24.73 -5.47 -13.78
C LYS A 64 -26.23 -5.22 -13.87
N LYS A 65 -26.96 -5.61 -12.84
CA LYS A 65 -28.40 -5.36 -12.73
C LYS A 65 -28.62 -4.50 -11.49
N ILE A 66 -28.79 -3.20 -11.70
CA ILE A 66 -28.95 -2.26 -10.60
C ILE A 66 -30.42 -2.17 -10.23
N TYR A 67 -30.75 -2.58 -9.02
CA TYR A 67 -32.07 -2.40 -8.45
C TYR A 67 -31.98 -1.33 -7.36
N ARG A 68 -32.99 -0.47 -7.29
CA ARG A 68 -33.03 0.61 -6.31
C ARG A 68 -34.20 0.40 -5.36
N ILE A 69 -33.97 0.71 -4.09
CA ILE A 69 -35.00 0.58 -3.05
C ILE A 69 -36.02 1.69 -3.24
N GLU A 70 -37.21 1.33 -3.68
CA GLU A 70 -38.34 2.25 -3.80
C GLU A 70 -39.55 1.61 -3.12
N ASN A 71 -40.17 2.34 -2.20
CA ASN A 71 -41.47 1.96 -1.65
C ASN A 71 -41.43 0.54 -1.06
N MET A 72 -40.37 0.24 -0.33
CA MET A 72 -40.22 -1.06 0.35
C MET A 72 -40.19 -2.22 -0.65
N ASP A 73 -39.59 -1.99 -1.81
CA ASP A 73 -39.45 -3.04 -2.81
C ASP A 73 -38.39 -2.62 -3.82
N LEU A 74 -37.87 -3.62 -4.54
CA LEU A 74 -36.81 -3.38 -5.50
C LEU A 74 -37.38 -3.02 -6.87
N VAL A 75 -36.94 -1.89 -7.40
CA VAL A 75 -37.31 -1.44 -8.74
C VAL A 75 -36.06 -1.44 -9.59
N GLU A 76 -36.07 -2.21 -10.67
CA GLU A 76 -34.92 -2.28 -11.55
C GLU A 76 -34.70 -0.93 -12.22
N LEU A 77 -33.50 -0.38 -12.08
CA LEU A 77 -33.16 0.87 -12.73
C LEU A 77 -33.08 0.67 -14.23
N GLU A 78 -33.60 1.65 -14.98
CA GLU A 78 -33.39 1.66 -16.42
C GLU A 78 -31.89 1.73 -16.71
N LYS A 79 -31.47 1.01 -17.75
CA LYS A 79 -30.08 1.07 -18.17
C LYS A 79 -29.64 2.51 -18.43
N ARG A 80 -30.58 3.37 -18.81
CA ARG A 80 -30.27 4.77 -19.09
C ARG A 80 -29.70 5.47 -17.86
N TYR A 81 -30.20 5.14 -16.68
CA TYR A 81 -29.77 5.79 -15.44
C TYR A 81 -28.64 5.04 -14.73
N TYR A 82 -28.02 4.07 -15.40
CA TYR A 82 -26.82 3.44 -14.84
C TYR A 82 -25.71 4.47 -14.69
N GLY A 83 -24.90 4.29 -13.65
CA GLY A 83 -23.92 5.30 -13.28
C GLY A 83 -24.47 6.47 -12.49
N GLU A 84 -25.75 6.45 -12.15
CA GLU A 84 -26.38 7.50 -11.36
C GLU A 84 -27.01 6.88 -10.12
N LEU A 85 -26.49 7.25 -8.96
CA LEU A 85 -27.02 6.79 -7.69
C LEU A 85 -27.44 8.00 -6.86
N TYR A 86 -28.55 7.89 -6.15
CA TYR A 86 -29.02 8.96 -5.28
C TYR A 86 -28.60 8.66 -3.85
N GLY A 87 -27.86 9.60 -3.24
CA GLY A 87 -27.36 9.47 -1.89
C GLY A 87 -28.41 9.32 -0.81
N GLY A 88 -29.69 9.47 -1.13
CA GLY A 88 -30.72 9.25 -0.13
C GLY A 88 -31.46 7.93 -0.28
N ASP A 89 -31.15 7.21 -1.34
CA ASP A 89 -31.72 5.90 -1.61
C ASP A 89 -30.63 4.86 -1.67
N SER A 90 -30.98 3.64 -1.29
CA SER A 90 -30.06 2.50 -1.35
C SER A 90 -30.31 1.70 -2.63
N TYR A 91 -29.25 1.06 -3.10
CA TYR A 91 -29.28 0.30 -4.35
C TYR A 91 -28.74 -1.10 -4.11
N VAL A 92 -29.27 -2.05 -4.87
CA VAL A 92 -28.76 -3.42 -4.91
C VAL A 92 -28.26 -3.69 -6.31
N ILE A 93 -27.01 -4.12 -6.42
CA ILE A 93 -26.37 -4.38 -7.71
C ILE A 93 -26.01 -5.86 -7.78
N HIS A 94 -26.35 -6.48 -8.90
CA HIS A 94 -26.11 -7.91 -9.13
C HIS A 94 -25.03 -8.04 -10.20
N TYR A 95 -23.83 -8.41 -9.78
CA TYR A 95 -22.71 -8.61 -10.70
C TYR A 95 -22.47 -10.10 -10.87
N THR A 96 -22.78 -10.62 -12.05
CA THR A 96 -22.49 -12.00 -12.41
C THR A 96 -21.29 -12.02 -13.36
N TYR A 97 -20.29 -12.84 -13.04
CA TYR A 97 -19.10 -12.92 -13.86
C TYR A 97 -18.59 -14.36 -13.89
N ALA A 98 -17.94 -14.70 -14.99
CA ALA A 98 -17.28 -15.99 -15.17
C ALA A 98 -15.82 -15.76 -15.45
N VAL A 99 -14.97 -16.19 -14.53
CA VAL A 99 -13.51 -16.10 -14.68
C VAL A 99 -12.98 -17.52 -14.83
N ASN A 100 -12.25 -17.74 -15.93
CA ASN A 100 -11.75 -19.07 -16.29
C ASN A 100 -12.90 -20.06 -16.44
N GLY A 101 -13.97 -19.62 -17.08
CA GLY A 101 -15.13 -20.47 -17.29
C GLY A 101 -15.84 -20.86 -16.02
N LYS A 102 -15.79 -20.03 -14.99
CA LYS A 102 -16.36 -20.36 -13.69
C LYS A 102 -17.31 -19.22 -13.28
N GLU A 103 -18.61 -19.48 -13.38
CA GLU A 103 -19.62 -18.46 -13.10
C GLU A 103 -19.86 -18.39 -11.59
N GLU A 104 -19.40 -17.30 -10.97
CA GLU A 104 -19.68 -17.01 -9.58
C GLU A 104 -20.35 -15.63 -9.49
N HIS A 105 -20.98 -15.37 -8.35
CA HIS A 105 -21.87 -14.21 -8.22
C HIS A 105 -21.47 -13.35 -7.04
N ILE A 106 -21.60 -12.03 -7.23
CA ILE A 106 -21.39 -11.04 -6.18
C ILE A 106 -22.60 -10.12 -6.15
N ILE A 107 -23.11 -9.85 -4.96
CA ILE A 107 -24.25 -8.94 -4.77
C ILE A 107 -23.78 -7.77 -3.94
N TYR A 108 -23.79 -6.58 -4.53
CA TYR A 108 -23.46 -5.34 -3.84
C TYR A 108 -24.75 -4.66 -3.40
N TYR A 109 -24.81 -4.24 -2.13
CA TYR A 109 -25.87 -3.36 -1.66
C TYR A 109 -25.23 -2.03 -1.27
N TRP A 110 -25.46 -1.01 -2.10
CA TRP A 110 -24.91 0.32 -1.89
C TRP A 110 -25.88 1.12 -1.02
N LEU A 111 -25.38 1.56 0.14
CA LEU A 111 -26.20 2.28 1.12
C LEU A 111 -25.81 3.75 1.08
N GLY A 112 -26.75 4.59 0.61
CA GLY A 112 -26.52 6.01 0.61
C GLY A 112 -26.36 6.56 2.01
N ARG A 113 -25.65 7.70 2.09
CA ARG A 113 -25.36 8.30 3.40
C ARG A 113 -26.62 8.85 4.06
N HIS A 114 -27.61 9.25 3.27
CA HIS A 114 -28.86 9.79 3.79
C HIS A 114 -30.04 8.85 3.51
N SER A 115 -29.76 7.55 3.36
CA SER A 115 -30.82 6.57 3.17
C SER A 115 -31.31 6.09 4.53
N THR A 116 -32.62 6.20 4.76
CA THR A 116 -33.19 5.88 6.05
C THR A 116 -33.02 4.40 6.38
N SER A 117 -33.31 4.06 7.64
CA SER A 117 -33.14 2.69 8.10
C SER A 117 -34.02 1.72 7.32
N ASP A 118 -35.19 2.18 6.87
CA ASP A 118 -36.10 1.28 6.15
C ASP A 118 -35.49 0.84 4.83
N GLU A 119 -34.83 1.74 4.10
CA GLU A 119 -34.26 1.38 2.81
C GLU A 119 -33.01 0.52 2.98
N ARG A 120 -32.21 0.77 4.02
CA ARG A 120 -31.02 -0.03 4.24
C ARG A 120 -31.38 -1.49 4.53
N GLY A 121 -32.42 -1.71 5.33
CA GLY A 121 -32.85 -3.07 5.61
C GLY A 121 -33.40 -3.77 4.38
N VAL A 122 -34.21 -3.07 3.59
CA VAL A 122 -34.75 -3.66 2.36
C VAL A 122 -33.62 -4.00 1.40
N ALA A 123 -32.59 -3.16 1.34
CA ALA A 123 -31.43 -3.48 0.52
C ALA A 123 -30.73 -4.73 1.02
N ALA A 124 -30.53 -4.84 2.32
CA ALA A 124 -29.89 -6.02 2.89
C ALA A 124 -30.79 -7.25 2.77
N ALA A 125 -32.08 -7.09 3.03
CA ALA A 125 -32.99 -8.24 3.01
C ALA A 125 -33.10 -8.85 1.63
N LYS A 126 -33.00 -8.03 0.57
CA LYS A 126 -33.17 -8.57 -0.78
C LYS A 126 -31.87 -9.12 -1.34
N THR A 127 -30.71 -8.62 -0.90
CA THR A 127 -29.44 -9.24 -1.27
C THR A 127 -29.38 -10.68 -0.79
N ILE A 128 -29.99 -10.96 0.37
CA ILE A 128 -30.12 -12.34 0.82
C ILE A 128 -31.00 -13.12 -0.14
N GLU A 129 -32.12 -12.53 -0.55
CA GLU A 129 -33.07 -13.24 -1.39
C GLU A 129 -32.52 -13.51 -2.77
N ILE A 130 -31.76 -12.57 -3.34
CA ILE A 130 -31.11 -12.83 -4.62
C ILE A 130 -29.93 -13.78 -4.44
N ASP A 131 -29.36 -13.85 -3.23
CA ASP A 131 -28.36 -14.86 -2.94
C ASP A 131 -29.01 -16.23 -2.79
N ASP A 132 -30.09 -16.32 -2.00
CA ASP A 132 -30.79 -17.57 -1.84
C ASP A 132 -31.35 -18.08 -3.17
N SER A 133 -31.76 -17.16 -4.06
CA SER A 133 -32.20 -17.57 -5.37
C SER A 133 -31.07 -18.24 -6.15
N LEU A 134 -29.86 -17.71 -6.03
CA LEU A 134 -28.68 -18.36 -6.58
C LEU A 134 -28.20 -19.52 -5.73
N GLY A 135 -28.90 -19.82 -4.63
CA GLY A 135 -28.64 -21.00 -3.84
C GLY A 135 -27.59 -20.83 -2.76
N GLY A 136 -27.08 -19.63 -2.54
CA GLY A 136 -25.97 -19.42 -1.63
C GLY A 136 -24.63 -19.27 -2.31
N THR A 137 -24.60 -19.26 -3.64
CA THR A 137 -23.37 -19.12 -4.42
C THR A 137 -22.84 -17.68 -4.44
N ALA A 138 -23.51 -16.75 -3.79
CA ALA A 138 -23.14 -15.34 -3.88
C ALA A 138 -22.37 -14.89 -2.64
N LYS A 139 -21.38 -14.03 -2.87
CA LYS A 139 -20.70 -13.32 -1.79
C LYS A 139 -21.31 -11.93 -1.70
N GLN A 140 -21.76 -11.56 -0.51
CA GLN A 140 -22.47 -10.30 -0.29
C GLN A 140 -21.50 -9.24 0.22
N VAL A 141 -21.52 -8.07 -0.41
CA VAL A 141 -20.60 -6.98 -0.10
C VAL A 141 -21.42 -5.73 0.19
N ARG A 142 -21.11 -5.07 1.30
CA ARG A 142 -21.77 -3.84 1.72
C ARG A 142 -20.93 -2.64 1.28
N VAL A 143 -21.57 -1.71 0.56
CA VAL A 143 -20.92 -0.51 0.08
C VAL A 143 -21.65 0.70 0.66
N VAL A 144 -20.88 1.65 1.19
CA VAL A 144 -21.42 2.89 1.74
C VAL A 144 -20.85 4.05 0.92
N GLN A 145 -21.65 5.10 0.79
CA GLN A 145 -21.29 6.23 -0.05
C GLN A 145 -19.95 6.82 0.39
N SER A 146 -19.14 7.22 -0.59
CA SER A 146 -17.82 7.84 -0.48
C SER A 146 -16.73 6.82 -0.10
N LYS A 147 -17.06 5.55 0.08
CA LYS A 147 -16.08 4.51 0.43
C LYS A 147 -16.35 3.26 -0.41
N GLU A 148 -16.38 3.43 -1.73
CA GLU A 148 -16.66 2.32 -2.63
C GLU A 148 -15.40 1.54 -2.93
N PRO A 149 -15.48 0.21 -3.00
CA PRO A 149 -14.29 -0.60 -3.28
C PRO A 149 -13.86 -0.44 -4.73
N ASN A 150 -12.69 -1.02 -5.02
CA ASN A 150 -12.10 -0.87 -6.36
C ASN A 150 -12.91 -1.62 -7.42
N HIS A 151 -13.39 -2.82 -7.08
CA HIS A 151 -14.18 -3.59 -8.05
C HIS A 151 -15.50 -2.89 -8.35
N PHE A 152 -16.12 -2.29 -7.32
CA PHE A 152 -17.40 -1.61 -7.50
C PHE A 152 -17.28 -0.48 -8.52
N MET A 153 -16.29 0.39 -8.34
CA MET A 153 -16.09 1.50 -9.28
C MET A 153 -15.68 1.00 -10.67
N ALA A 154 -15.03 -0.17 -10.73
CA ALA A 154 -14.66 -0.71 -12.03
C ALA A 154 -15.87 -1.15 -12.83
N MET A 155 -16.95 -1.54 -12.15
CA MET A 155 -18.16 -1.94 -12.87
C MET A 155 -18.74 -0.79 -13.67
N PHE A 156 -18.46 0.45 -13.25
CA PHE A 156 -18.96 1.64 -13.92
C PHE A 156 -17.86 2.37 -14.69
N ASP A 157 -16.78 1.65 -15.04
CA ASP A 157 -15.63 2.21 -15.73
C ASP A 157 -15.00 3.37 -14.97
N GLY A 158 -15.22 3.43 -13.66
CA GLY A 158 -14.71 4.53 -12.85
C GLY A 158 -15.46 5.82 -12.98
N LYS A 159 -16.62 5.83 -13.64
CA LYS A 159 -17.41 7.03 -13.86
C LYS A 159 -18.74 6.86 -13.14
N LEU A 160 -18.86 7.41 -11.94
CA LEU A 160 -20.07 7.30 -11.14
C LEU A 160 -20.56 8.70 -10.76
N ILE A 161 -21.86 8.92 -10.88
CA ILE A 161 -22.48 10.21 -10.58
C ILE A 161 -23.46 10.00 -9.44
N ILE A 162 -23.19 10.65 -8.31
CA ILE A 162 -24.00 10.49 -7.11
C ILE A 162 -24.75 11.79 -6.88
N PHE A 163 -26.00 11.85 -7.31
CA PHE A 163 -26.83 13.01 -7.03
C PHE A 163 -27.17 13.07 -5.55
N GLN A 164 -27.39 14.29 -5.06
CA GLN A 164 -27.92 14.49 -3.72
C GLN A 164 -29.44 14.63 -3.82
N GLY A 165 -30.17 13.70 -3.20
CA GLY A 165 -31.61 13.68 -3.26
C GLY A 165 -32.16 12.37 -2.76
N GLY A 166 -33.10 11.76 -3.48
CA GLY A 166 -33.61 10.45 -3.11
C GLY A 166 -35.12 10.36 -2.96
N LYS A 167 -35.65 9.14 -2.91
CA LYS A 167 -37.07 8.94 -2.73
C LYS A 167 -37.43 9.01 -1.24
N ALA A 168 -38.73 8.98 -0.97
CA ALA A 168 -39.21 9.14 0.40
C ALA A 168 -38.81 7.94 1.25
N GLY A 169 -38.58 8.22 2.53
CA GLY A 169 -38.25 7.18 3.50
C GLY A 169 -39.42 6.92 4.41
N TRP A 170 -39.57 5.67 4.83
CA TRP A 170 -40.69 5.25 5.66
C TRP A 170 -42.04 5.58 5.03
N GLY A 171 -42.06 5.79 3.71
CA GLY A 171 -43.26 5.61 2.89
C GLY A 171 -44.07 6.84 2.59
N GLY A 172 -43.49 8.03 2.75
CA GLY A 172 -44.25 9.26 2.65
C GLY A 172 -43.37 10.45 2.35
N HIS A 173 -43.95 11.37 1.55
CA HIS A 173 -43.58 12.78 1.44
C HIS A 173 -42.54 13.09 0.37
N ASN A 174 -41.65 14.04 0.67
CA ASN A 174 -40.81 14.65 -0.36
C ASN A 174 -40.03 13.62 -1.17
N SER A 175 -40.01 13.81 -2.49
CA SER A 175 -39.28 12.94 -3.43
C SER A 175 -38.52 13.85 -4.40
N THR A 176 -37.33 14.29 -3.96
CA THR A 176 -36.46 15.12 -4.80
C THR A 176 -35.67 14.23 -5.76
N ASP A 177 -36.42 13.60 -6.67
CA ASP A 177 -35.84 12.74 -7.70
C ASP A 177 -35.36 13.51 -8.92
N GLY A 178 -35.41 14.84 -8.88
CA GLY A 178 -34.89 15.63 -9.95
C GLY A 178 -33.68 16.43 -9.50
N PRO A 179 -32.54 16.23 -10.17
CA PRO A 179 -31.39 17.11 -9.89
C PRO A 179 -31.75 18.58 -10.07
N GLY A 180 -32.50 18.91 -11.10
CA GLY A 180 -33.05 20.23 -11.29
C GLY A 180 -32.58 20.85 -12.59
N ASP A 181 -33.10 22.04 -12.87
CA ASP A 181 -32.59 22.87 -13.95
C ASP A 181 -31.32 23.62 -13.54
N THR A 182 -31.01 23.66 -12.25
CA THR A 182 -29.84 24.38 -11.73
C THR A 182 -29.24 23.55 -10.61
N TYR A 183 -28.06 22.97 -10.87
CA TYR A 183 -27.33 22.23 -9.85
C TYR A 183 -25.84 22.33 -10.14
N LEU A 184 -25.04 21.86 -9.18
CA LEU A 184 -23.59 21.90 -9.27
C LEU A 184 -23.03 20.52 -8.96
N LEU A 185 -22.00 20.13 -9.71
CA LEU A 185 -21.39 18.82 -9.58
C LEU A 185 -19.90 18.95 -9.24
N HIS A 186 -19.39 17.95 -8.52
CA HIS A 186 -18.02 17.96 -8.01
C HIS A 186 -17.30 16.71 -8.51
N VAL A 187 -16.30 16.90 -9.36
CA VAL A 187 -15.54 15.81 -9.96
C VAL A 187 -14.21 15.69 -9.25
N ARG A 188 -13.95 14.52 -8.65
CA ARG A 188 -12.75 14.33 -7.85
C ARG A 188 -12.24 12.90 -7.99
N GLY A 189 -10.91 12.76 -8.03
CA GLY A 189 -10.29 11.45 -8.10
C GLY A 189 -9.12 11.27 -7.17
N THR A 190 -9.29 10.40 -6.15
CA THR A 190 -8.19 10.12 -5.24
C THR A 190 -7.09 9.34 -5.94
N SER A 191 -7.44 8.20 -6.52
CA SER A 191 -6.59 7.47 -7.46
C SER A 191 -7.33 7.36 -8.78
N GLN A 192 -6.71 6.70 -9.76
CA GLN A 192 -7.48 6.32 -10.92
C GLN A 192 -8.54 5.27 -10.53
N TYR A 193 -9.46 5.01 -11.46
CA TYR A 193 -10.65 4.16 -11.38
C TYR A 193 -11.71 4.74 -10.44
N ASN A 194 -11.43 5.82 -9.70
CA ASN A 194 -12.43 6.49 -8.87
C ASN A 194 -12.49 7.96 -9.27
N THR A 195 -13.22 8.24 -10.35
CA THR A 195 -13.54 9.60 -10.76
C THR A 195 -15.04 9.77 -10.58
N LYS A 196 -15.42 10.38 -9.46
CA LYS A 196 -16.82 10.50 -9.08
C LYS A 196 -17.31 11.92 -9.26
N ALA A 197 -18.58 12.05 -9.60
CA ALA A 197 -19.27 13.34 -9.68
C ALA A 197 -20.41 13.33 -8.68
N GLU A 198 -20.33 14.19 -7.68
CA GLU A 198 -21.32 14.27 -6.63
C GLU A 198 -21.96 15.66 -6.63
N GLN A 199 -23.28 15.70 -6.44
CA GLN A 199 -23.97 16.97 -6.37
C GLN A 199 -23.62 17.69 -5.07
N VAL A 200 -23.23 18.95 -5.20
CA VAL A 200 -22.89 19.78 -4.05
C VAL A 200 -23.88 20.94 -4.00
N PRO A 201 -24.02 21.60 -2.86
CA PRO A 201 -24.84 22.81 -2.81
C PRO A 201 -24.32 23.85 -3.79
N CYS A 202 -25.22 24.35 -4.64
CA CYS A 202 -24.84 25.28 -5.69
C CYS A 202 -24.41 26.62 -5.08
N ARG A 203 -23.30 26.59 -4.35
CA ARG A 203 -22.73 27.76 -3.72
C ARG A 203 -21.22 27.79 -4.02
N ALA A 204 -20.63 28.97 -3.84
CA ALA A 204 -19.22 29.14 -4.20
C ALA A 204 -18.31 28.45 -3.19
N GLU A 205 -18.72 28.40 -1.91
CA GLU A 205 -17.90 27.76 -0.89
C GLU A 205 -17.57 26.32 -1.25
N SER A 206 -18.51 25.63 -1.92
CA SER A 206 -18.31 24.22 -2.25
C SER A 206 -17.13 24.00 -3.20
N LEU A 207 -16.66 25.05 -3.87
CA LEU A 207 -15.59 24.90 -4.85
C LEU A 207 -14.27 24.52 -4.17
N ASN A 208 -13.54 23.63 -4.82
CA ASN A 208 -12.24 23.17 -4.35
C ASN A 208 -11.24 23.26 -5.51
N SER A 209 -9.96 23.37 -5.15
CA SER A 209 -8.92 23.62 -6.16
C SER A 209 -8.33 22.34 -6.74
N ASN A 210 -8.31 21.25 -5.98
CA ASN A 210 -7.77 19.99 -6.49
C ASN A 210 -8.72 19.30 -7.45
N ASP A 211 -9.87 19.90 -7.76
CA ASP A 211 -10.93 19.22 -8.48
C ASP A 211 -11.56 20.18 -9.49
N VAL A 212 -12.48 19.65 -10.30
CA VAL A 212 -13.23 20.44 -11.27
C VAL A 212 -14.71 20.40 -10.89
N PHE A 213 -15.47 21.32 -11.49
CA PHE A 213 -16.88 21.47 -11.21
C PHE A 213 -17.65 21.71 -12.50
N VAL A 214 -18.92 21.31 -12.49
CA VAL A 214 -19.82 21.51 -13.62
C VAL A 214 -21.09 22.17 -13.10
N LEU A 215 -21.36 23.38 -13.59
CA LEU A 215 -22.55 24.13 -13.20
C LEU A 215 -23.57 24.04 -14.33
N PHE A 216 -24.72 23.44 -14.04
CA PHE A 216 -25.85 23.43 -14.97
C PHE A 216 -26.79 24.56 -14.57
N SER A 217 -26.98 25.51 -15.47
CA SER A 217 -27.89 26.62 -15.23
C SER A 217 -28.92 26.69 -16.35
N LYS A 218 -29.97 27.48 -16.11
CA LYS A 218 -30.96 27.72 -17.16
C LYS A 218 -30.31 28.43 -18.34
N GLY A 219 -29.38 29.34 -18.08
CA GLY A 219 -28.67 30.03 -19.14
C GLY A 219 -27.75 29.14 -19.92
N GLY A 220 -26.83 28.48 -19.23
CA GLY A 220 -25.88 27.59 -19.90
C GLY A 220 -25.09 26.79 -18.89
N THR A 221 -24.37 25.80 -19.41
CA THR A 221 -23.54 24.92 -18.60
C THR A 221 -22.09 25.40 -18.66
N TYR A 222 -21.48 25.53 -17.48
CA TYR A 222 -20.10 25.99 -17.37
C TYR A 222 -19.28 24.98 -16.60
N VAL A 223 -17.99 24.91 -16.89
CA VAL A 223 -17.09 23.92 -16.31
C VAL A 223 -15.94 24.67 -15.66
N TRP A 224 -15.94 24.73 -14.32
CA TRP A 224 -14.87 25.38 -13.58
C TRP A 224 -13.67 24.43 -13.48
N ALA A 225 -12.47 24.99 -13.68
CA ALA A 225 -11.24 24.22 -13.64
C ALA A 225 -10.34 24.76 -12.54
N GLY A 226 -9.80 23.85 -11.72
CA GLY A 226 -8.92 24.23 -10.64
C GLY A 226 -7.45 24.15 -11.03
N LYS A 227 -6.61 24.73 -10.16
CA LYS A 227 -5.18 24.76 -10.42
C LYS A 227 -4.58 23.36 -10.50
N GLY A 228 -5.14 22.41 -9.77
CA GLY A 228 -4.61 21.06 -9.76
C GLY A 228 -5.55 20.03 -10.37
N CYS A 229 -6.41 20.47 -11.28
CA CYS A 229 -7.37 19.56 -11.90
C CYS A 229 -6.67 18.53 -12.76
N THR A 230 -6.69 17.27 -12.33
CA THR A 230 -6.11 16.21 -13.14
C THR A 230 -6.91 16.04 -14.42
N GLY A 231 -6.24 15.54 -15.46
CA GLY A 231 -6.89 15.40 -16.75
C GLY A 231 -8.11 14.50 -16.71
N ASP A 232 -8.00 13.38 -15.99
CA ASP A 232 -9.11 12.43 -15.90
C ASP A 232 -10.34 13.09 -15.27
N GLU A 233 -10.13 13.97 -14.30
CA GLU A 233 -11.24 14.73 -13.72
C GLU A 233 -11.81 15.70 -14.73
N ARG A 234 -10.95 16.50 -15.37
CA ARG A 234 -11.39 17.46 -16.36
C ARG A 234 -12.16 16.79 -17.49
N GLU A 235 -11.75 15.57 -17.85
CA GLU A 235 -12.40 14.86 -18.96
C GLU A 235 -13.85 14.53 -18.63
N MET A 236 -14.09 13.89 -17.49
CA MET A 236 -15.45 13.49 -17.14
C MET A 236 -16.36 14.70 -17.00
N ALA A 237 -15.82 15.84 -16.57
CA ALA A 237 -16.60 17.07 -16.54
C ALA A 237 -17.10 17.42 -17.94
N LYS A 238 -16.20 17.40 -18.93
CA LYS A 238 -16.60 17.69 -20.29
C LYS A 238 -17.56 16.64 -20.83
N LYS A 239 -17.31 15.37 -20.53
CA LYS A 239 -18.23 14.30 -20.93
C LYS A 239 -19.59 14.51 -20.30
N ILE A 240 -19.62 14.90 -19.02
CA ILE A 240 -20.89 15.19 -18.36
C ILE A 240 -21.51 16.46 -18.92
N ALA A 241 -20.70 17.51 -19.09
CA ALA A 241 -21.23 18.77 -19.60
C ALA A 241 -21.64 18.68 -21.06
N SER A 242 -21.05 17.73 -21.81
CA SER A 242 -21.40 17.59 -23.22
C SER A 242 -22.85 17.16 -23.41
N LYS A 243 -23.46 16.55 -22.39
CA LYS A 243 -24.87 16.16 -22.50
C LYS A 243 -25.79 17.35 -22.72
N SER A 244 -25.35 18.55 -22.34
CA SER A 244 -26.16 19.73 -22.54
C SER A 244 -26.36 19.98 -24.03
N PRO A 245 -27.60 20.10 -24.51
CA PRO A 245 -27.81 20.52 -25.91
C PRO A 245 -27.25 21.91 -26.20
N LYS A 246 -26.90 22.67 -25.17
CA LYS A 246 -26.38 24.02 -25.33
C LYS A 246 -24.86 24.07 -25.34
N GLY A 247 -24.18 23.09 -24.77
CA GLY A 247 -22.73 23.08 -24.73
C GLY A 247 -22.19 23.55 -23.39
N TYR A 248 -20.87 23.68 -23.34
CA TYR A 248 -20.17 24.11 -22.14
C TYR A 248 -19.22 25.25 -22.46
N ILE A 249 -18.82 25.96 -21.40
CA ILE A 249 -17.90 27.09 -21.49
C ILE A 249 -16.87 26.95 -20.37
N MET A 250 -15.71 26.38 -20.69
CA MET A 250 -14.71 26.12 -19.66
C MET A 250 -14.17 27.40 -19.05
N ILE A 251 -14.06 27.41 -17.73
CA ILE A 251 -13.56 28.55 -16.97
C ILE A 251 -12.38 28.08 -16.13
N VAL A 252 -11.33 28.92 -16.06
CA VAL A 252 -10.14 28.61 -15.30
C VAL A 252 -10.13 29.45 -14.02
N GLU A 253 -9.51 28.91 -12.98
CA GLU A 253 -9.44 29.60 -11.70
C GLU A 253 -8.71 30.93 -11.84
N GLY A 254 -9.41 32.01 -11.47
CA GLY A 254 -8.88 33.34 -11.68
C GLY A 254 -9.59 34.07 -12.80
N GLN A 255 -9.74 33.38 -13.94
CA GLN A 255 -10.48 33.89 -15.09
C GLN A 255 -11.97 33.65 -14.94
N GLU A 256 -12.55 33.89 -13.77
CA GLU A 256 -13.95 33.64 -13.52
C GLU A 256 -14.75 34.91 -13.84
N LYS A 257 -15.56 34.85 -14.88
CA LYS A 257 -16.38 36.00 -15.26
C LYS A 257 -17.47 36.24 -14.22
N GLU A 258 -18.12 37.40 -14.32
CA GLU A 258 -19.09 37.80 -13.31
C GLU A 258 -20.44 37.13 -13.51
N GLU A 259 -20.78 36.74 -14.74
CA GLU A 259 -22.00 35.98 -14.97
C GLU A 259 -21.98 34.65 -14.23
N PHE A 260 -20.80 34.19 -13.84
CA PHE A 260 -20.64 32.93 -13.13
C PHE A 260 -21.18 33.01 -11.70
N TRP A 261 -20.61 33.92 -10.90
CA TRP A 261 -20.97 33.96 -9.48
C TRP A 261 -22.41 34.40 -9.27
N ASP A 262 -23.00 35.12 -10.22
CA ASP A 262 -24.41 35.49 -10.11
C ASP A 262 -25.31 34.27 -10.15
N LEU A 263 -24.81 33.13 -10.64
CA LEU A 263 -25.56 31.88 -10.60
C LEU A 263 -25.22 31.04 -9.39
N LEU A 264 -23.99 31.18 -8.86
CA LEU A 264 -23.61 30.56 -7.60
C LEU A 264 -24.01 31.41 -6.39
N GLY A 265 -24.79 32.47 -6.60
CA GLY A 265 -25.22 33.35 -5.54
C GLY A 265 -24.27 34.49 -5.24
N GLY A 266 -22.99 34.31 -5.52
CA GLY A 266 -22.00 35.34 -5.26
C GLY A 266 -20.69 34.73 -4.80
N LYS A 267 -19.64 35.53 -4.75
CA LYS A 267 -18.32 35.03 -4.39
C LYS A 267 -18.17 34.91 -2.88
N THR A 268 -17.42 33.89 -2.48
CA THR A 268 -17.05 33.68 -1.08
C THR A 268 -15.86 32.74 -1.06
N GLU A 269 -15.09 32.81 0.03
CA GLU A 269 -13.85 32.03 0.11
C GLU A 269 -14.16 30.54 0.03
N TYR A 270 -13.53 29.87 -0.93
CA TYR A 270 -13.66 28.44 -1.09
C TYR A 270 -12.36 27.75 -0.68
N ALA A 271 -12.17 26.51 -1.11
CA ALA A 271 -11.00 25.71 -0.72
C ALA A 271 -9.78 26.16 -1.53
N SER A 272 -9.26 27.32 -1.16
CA SER A 272 -8.12 27.93 -1.83
C SER A 272 -6.90 27.85 -0.91
N ASP A 273 -6.38 26.63 -0.76
CA ASP A 273 -5.17 26.40 0.01
C ASP A 273 -4.00 26.16 -0.94
N PHE A 274 -2.79 26.46 -0.46
CA PHE A 274 -1.60 26.28 -1.27
C PHE A 274 -1.43 24.82 -1.68
N SER A 275 -1.62 23.90 -0.72
CA SER A 275 -1.45 22.48 -1.01
C SER A 275 -2.45 22.01 -2.07
N LEU A 276 -3.69 22.49 -1.99
CA LEU A 276 -4.72 22.02 -2.89
C LEU A 276 -4.58 22.62 -4.29
N LYS A 277 -4.09 23.85 -4.39
CA LYS A 277 -3.88 24.45 -5.71
C LYS A 277 -2.85 23.67 -6.51
N GLN A 278 -1.72 23.32 -5.87
CA GLN A 278 -0.68 22.57 -6.54
C GLN A 278 -1.15 21.15 -6.86
N ALA A 279 -0.30 20.40 -7.53
CA ALA A 279 -0.52 18.97 -7.76
C ALA A 279 0.36 18.18 -6.82
N GLU A 280 -0.14 17.02 -6.38
CA GLU A 280 0.58 16.20 -5.39
C GLU A 280 1.95 15.77 -5.87
N ASN A 281 2.29 16.02 -7.15
CA ASN A 281 3.63 15.75 -7.63
C ASN A 281 4.67 16.56 -6.88
N GLU A 282 4.28 17.70 -6.32
CA GLU A 282 5.20 18.62 -5.67
C GLU A 282 4.86 18.93 -4.22
N HIS A 283 3.58 19.00 -3.86
CA HIS A 283 3.22 19.33 -2.48
C HIS A 283 3.10 18.06 -1.65
N ARG A 284 3.43 18.17 -0.37
CA ARG A 284 3.47 17.02 0.52
C ARG A 284 2.09 16.36 0.56
N PRO A 285 2.01 15.04 0.43
CA PRO A 285 0.70 14.38 0.39
C PRO A 285 -0.08 14.62 1.67
N SER A 286 -1.30 15.14 1.51
CA SER A 286 -2.18 15.37 2.66
C SER A 286 -2.47 14.05 3.35
N ARG A 287 -2.26 14.02 4.67
CA ARG A 287 -2.43 12.80 5.44
C ARG A 287 -3.32 13.06 6.65
N LEU A 288 -4.03 12.01 7.07
CA LEU A 288 -4.94 12.07 8.20
C LEU A 288 -4.69 10.89 9.13
N PHE A 289 -4.69 11.15 10.43
CA PHE A 289 -4.45 10.13 11.43
C PHE A 289 -5.59 10.10 12.43
N GLN A 290 -5.90 8.91 12.93
CA GLN A 290 -6.99 8.70 13.87
C GLN A 290 -6.42 8.37 15.23
N CYS A 291 -6.73 9.20 16.22
CA CYS A 291 -6.24 9.04 17.58
C CYS A 291 -7.38 8.54 18.47
N SER A 292 -7.15 7.45 19.16
CA SER A 292 -8.19 6.83 19.97
C SER A 292 -7.57 6.00 21.08
N ASN A 293 -8.24 5.99 22.23
CA ASN A 293 -7.91 5.10 23.34
C ASN A 293 -8.84 3.89 23.39
N ALA A 294 -9.64 3.68 22.33
CA ALA A 294 -10.64 2.61 22.36
C ALA A 294 -9.99 1.23 22.44
N SER A 295 -8.85 1.03 21.80
CA SER A 295 -8.07 -0.20 21.97
C SER A 295 -7.45 -0.37 23.36
N GLY A 296 -7.69 0.56 24.28
CA GLY A 296 -7.04 0.53 25.56
C GLY A 296 -5.77 1.36 25.64
N VAL A 297 -5.09 1.58 24.51
CA VAL A 297 -3.87 2.38 24.44
C VAL A 297 -4.10 3.51 23.45
N PHE A 298 -3.67 4.71 23.81
CA PHE A 298 -3.74 5.82 22.86
C PHE A 298 -2.85 5.54 21.66
N LYS A 299 -3.44 5.52 20.48
CA LYS A 299 -2.72 5.21 19.25
C LYS A 299 -3.16 6.15 18.14
N ALA A 300 -2.25 6.39 17.21
CA ALA A 300 -2.55 7.12 15.98
C ALA A 300 -2.38 6.17 14.80
N GLU A 301 -3.42 6.05 13.98
CA GLU A 301 -3.41 5.17 12.82
C GLU A 301 -3.78 5.96 11.58
N GLU A 302 -3.03 5.72 10.51
CA GLU A 302 -3.24 6.45 9.27
C GLU A 302 -4.51 5.99 8.56
N ILE A 303 -5.26 6.95 8.02
CA ILE A 303 -6.40 6.69 7.15
C ILE A 303 -6.04 7.21 5.78
N VAL A 304 -5.86 6.31 4.82
CA VAL A 304 -5.50 6.64 3.45
C VAL A 304 -6.76 6.73 2.61
N ASP A 305 -6.70 7.52 1.54
CA ASP A 305 -7.88 7.86 0.73
C ASP A 305 -9.00 8.40 1.62
N PHE A 306 -8.64 9.36 2.47
CA PHE A 306 -9.54 9.78 3.52
C PHE A 306 -10.67 10.66 2.97
N VAL A 307 -11.85 10.49 3.54
CA VAL A 307 -13.04 11.24 3.18
C VAL A 307 -13.77 11.61 4.47
N GLN A 308 -14.89 12.33 4.33
CA GLN A 308 -15.60 12.81 5.50
C GLN A 308 -16.13 11.66 6.35
N GLU A 309 -16.59 10.59 5.71
CA GLU A 309 -17.17 9.47 6.45
C GLU A 309 -16.15 8.82 7.37
N ASP A 310 -14.87 8.84 7.01
CA ASP A 310 -13.83 8.26 7.85
C ASP A 310 -13.71 8.95 9.19
N LEU A 311 -14.12 10.21 9.32
CA LEU A 311 -14.14 10.86 10.61
C LEU A 311 -15.20 10.22 11.50
N VAL A 312 -14.79 9.78 12.68
CA VAL A 312 -15.71 9.26 13.70
C VAL A 312 -15.90 10.35 14.74
N PRO A 313 -17.14 10.74 15.07
CA PRO A 313 -17.35 11.79 16.07
C PRO A 313 -16.90 11.41 17.47
N GLU A 314 -16.49 10.15 17.69
CA GLU A 314 -16.10 9.67 19.01
C GLU A 314 -14.60 9.73 19.24
N ASP A 315 -13.80 10.06 18.23
CA ASP A 315 -12.35 10.09 18.37
C ASP A 315 -11.80 11.35 17.71
N VAL A 316 -10.50 11.56 17.89
CA VAL A 316 -9.83 12.78 17.46
C VAL A 316 -8.95 12.48 16.24
N PHE A 317 -8.86 13.45 15.33
CA PHE A 317 -8.13 13.28 14.08
C PHE A 317 -7.17 14.45 13.87
N ILE A 318 -6.09 14.18 13.15
CA ILE A 318 -5.06 15.17 12.86
C ILE A 318 -4.76 15.11 11.36
N LEU A 319 -4.82 16.27 10.71
CA LEU A 319 -4.59 16.40 9.27
C LEU A 319 -3.34 17.20 9.02
N ASP A 320 -2.41 16.63 8.26
CA ASP A 320 -1.15 17.29 7.91
C ASP A 320 -1.28 17.89 6.52
N ALA A 321 -1.05 19.21 6.41
CA ALA A 321 -1.13 19.91 5.14
C ALA A 321 0.12 20.73 4.85
N ASP A 322 1.26 20.39 5.47
CA ASP A 322 2.51 21.12 5.35
C ASP A 322 2.39 22.55 5.88
N HIS A 323 1.47 23.34 5.33
CA HIS A 323 1.29 24.70 5.81
C HIS A 323 0.55 24.73 7.14
N THR A 324 -0.32 23.76 7.38
CA THR A 324 -1.09 23.69 8.61
C THR A 324 -1.28 22.25 9.04
N ILE A 325 -1.44 22.07 10.35
CA ILE A 325 -1.79 20.80 10.95
C ILE A 325 -3.02 21.01 11.82
N TYR A 326 -4.12 20.35 11.47
CA TYR A 326 -5.40 20.56 12.14
C TYR A 326 -5.68 19.46 13.14
N VAL A 327 -6.42 19.83 14.19
CA VAL A 327 -6.88 18.91 15.22
C VAL A 327 -8.40 18.93 15.20
N TRP A 328 -8.99 17.86 14.69
CA TRP A 328 -10.45 17.74 14.62
C TRP A 328 -10.95 17.09 15.91
N LEU A 329 -11.70 17.85 16.69
CA LEU A 329 -12.22 17.39 17.98
C LEU A 329 -13.62 16.84 17.80
N GLY A 330 -13.78 15.54 18.06
CA GLY A 330 -15.11 14.96 18.06
C GLY A 330 -15.96 15.52 19.18
N ASN A 331 -17.22 15.84 18.85
CA ASN A 331 -18.16 16.31 19.86
C ASN A 331 -18.37 15.28 20.95
N GLU A 332 -18.39 13.99 20.60
CA GLU A 332 -18.53 12.92 21.57
C GLU A 332 -17.19 12.31 21.98
N ALA A 333 -16.08 13.03 21.77
CA ALA A 333 -14.75 12.52 22.08
C ALA A 333 -14.42 12.66 23.55
N ARG A 334 -13.42 11.89 23.98
CA ARG A 334 -12.95 11.86 25.35
C ARG A 334 -11.92 12.96 25.60
N ASN A 335 -11.94 13.51 26.82
CA ASN A 335 -10.95 14.52 27.19
C ASN A 335 -9.56 13.91 27.32
N ASP A 336 -9.49 12.62 27.65
CA ASP A 336 -8.19 11.93 27.59
C ASP A 336 -7.66 11.91 26.16
N GLU A 337 -8.51 11.56 25.20
CA GLU A 337 -8.09 11.54 23.80
C GLU A 337 -7.71 12.93 23.31
N LYS A 338 -8.55 13.93 23.59
CA LYS A 338 -8.32 15.28 23.08
C LYS A 338 -6.93 15.78 23.45
N GLN A 339 -6.59 15.74 24.74
CA GLN A 339 -5.33 16.29 25.20
C GLN A 339 -4.13 15.56 24.60
N MET A 340 -4.17 14.22 24.62
CA MET A 340 -3.06 13.45 24.07
C MET A 340 -2.88 13.71 22.58
N ALA A 341 -3.98 13.94 21.86
CA ALA A 341 -3.89 14.30 20.46
C ALA A 341 -3.27 15.68 20.29
N MET A 342 -3.67 16.64 21.13
CA MET A 342 -3.09 17.97 21.06
C MET A 342 -1.59 17.93 21.29
N ASP A 343 -1.13 17.06 22.19
CA ASP A 343 0.30 16.95 22.47
C ASP A 343 1.02 16.14 21.39
N THR A 344 0.50 14.95 21.06
CA THR A 344 1.13 14.12 20.05
C THR A 344 1.27 14.85 18.72
N ALA A 345 0.40 15.82 18.46
CA ALA A 345 0.55 16.66 17.27
C ALA A 345 1.84 17.46 17.32
N ILE A 346 2.24 17.90 18.52
CA ILE A 346 3.47 18.67 18.66
C ILE A 346 4.68 17.77 18.44
N GLU A 347 4.60 16.53 18.90
CA GLU A 347 5.65 15.55 18.63
C GLU A 347 5.76 15.19 17.15
N TYR A 348 4.77 15.58 16.34
CA TYR A 348 4.82 15.36 14.90
C TYR A 348 5.63 16.43 14.21
N LEU A 349 5.48 17.69 14.66
CA LEU A 349 6.31 18.78 14.13
C LEU A 349 7.79 18.55 14.43
N GLU A 350 8.10 18.10 15.64
CA GLU A 350 9.50 17.93 16.04
C GLU A 350 10.16 16.81 15.25
N SER A 351 9.59 15.62 15.27
CA SER A 351 10.16 14.47 14.58
C SER A 351 9.89 14.49 13.08
N ASP A 352 9.51 15.65 12.53
CA ASP A 352 9.36 15.78 11.08
C ASP A 352 10.71 15.52 10.42
N PRO A 353 10.80 14.53 9.53
CA PRO A 353 12.11 14.20 8.94
C PRO A 353 12.54 15.19 7.88
N SER A 354 12.05 16.42 7.98
CA SER A 354 12.34 17.47 7.00
C SER A 354 12.45 18.79 7.77
N GLY A 355 12.31 19.89 7.04
CA GLY A 355 12.29 21.20 7.67
C GLY A 355 11.11 21.36 8.60
N ARG A 356 11.40 21.60 9.88
CA ARG A 356 10.34 21.68 10.88
C ARG A 356 9.39 22.83 10.61
N ASP A 357 9.93 24.01 10.27
CA ASP A 357 9.17 25.26 10.24
C ASP A 357 8.44 25.38 11.58
N PRO A 358 9.17 25.64 12.66
CA PRO A 358 8.61 25.39 14.01
C PRO A 358 7.40 26.24 14.37
N ASP A 359 7.12 27.32 13.64
CA ASP A 359 5.90 28.09 13.87
C ASP A 359 4.75 27.62 12.99
N THR A 360 4.78 26.37 12.54
CA THR A 360 3.68 25.78 11.80
C THR A 360 2.41 25.79 12.63
N PRO A 361 1.34 26.45 12.18
CA PRO A 361 0.13 26.54 12.99
C PRO A 361 -0.54 25.19 13.22
N ILE A 362 -0.52 24.71 14.46
CA ILE A 362 -1.22 23.50 14.86
C ILE A 362 -2.54 23.97 15.46
N MET A 363 -3.57 24.03 14.62
CA MET A 363 -4.86 24.59 15.03
C MET A 363 -5.86 23.48 15.36
N THR A 364 -6.79 23.81 16.24
CA THR A 364 -7.86 22.90 16.65
C THR A 364 -9.17 23.32 16.00
N VAL A 365 -9.93 22.32 15.53
CA VAL A 365 -11.22 22.57 14.93
C VAL A 365 -12.24 21.66 15.60
N LYS A 366 -13.50 22.11 15.60
CA LYS A 366 -14.58 21.41 16.27
C LYS A 366 -15.57 20.88 15.25
N GLN A 367 -16.21 19.76 15.60
CA GLN A 367 -17.20 19.14 14.72
C GLN A 367 -18.34 20.10 14.46
N GLY A 368 -18.50 20.50 13.19
CA GLY A 368 -19.52 21.43 12.78
C GLY A 368 -19.00 22.81 12.43
N TYR A 369 -17.81 23.17 12.90
CA TYR A 369 -17.21 24.48 12.66
C TYR A 369 -15.97 24.35 11.77
N GLU A 370 -16.06 23.54 10.73
CA GLU A 370 -14.90 23.26 9.90
C GLU A 370 -14.74 24.34 8.84
N PRO A 371 -13.54 24.89 8.67
CA PRO A 371 -13.34 25.92 7.63
C PRO A 371 -13.20 25.28 6.26
N PRO A 372 -13.46 26.05 5.19
CA PRO A 372 -13.37 25.47 3.84
C PRO A 372 -11.96 25.01 3.45
N ASP A 373 -10.93 25.35 4.22
CA ASP A 373 -9.59 24.85 3.94
C ASP A 373 -9.31 23.52 4.61
N PHE A 374 -9.99 23.22 5.72
CA PHE A 374 -9.87 21.90 6.32
C PHE A 374 -10.61 20.85 5.50
N VAL A 375 -11.75 21.23 4.92
CA VAL A 375 -12.57 20.29 4.16
C VAL A 375 -11.95 19.98 2.80
N GLY A 376 -11.07 20.84 2.29
CA GLY A 376 -10.54 20.65 0.95
C GLY A 376 -9.64 19.44 0.82
N HIS A 377 -8.91 19.10 1.88
CA HIS A 377 -8.09 17.89 1.85
C HIS A 377 -8.95 16.64 1.88
N PHE A 378 -10.18 16.74 2.40
CA PHE A 378 -11.18 15.72 2.18
C PHE A 378 -11.88 15.99 0.83
N GLY A 379 -12.67 15.02 0.39
CA GLY A 379 -13.37 15.18 -0.87
C GLY A 379 -14.55 16.14 -0.77
N VAL A 380 -15.75 15.61 -0.91
CA VAL A 380 -16.96 16.39 -0.77
C VAL A 380 -17.35 16.44 0.70
N TRP A 381 -17.68 17.62 1.19
CA TRP A 381 -18.06 17.83 2.58
C TRP A 381 -19.56 18.09 2.67
N ASP A 382 -20.26 17.30 3.47
CA ASP A 382 -21.69 17.45 3.67
C ASP A 382 -21.93 18.23 4.96
N ARG A 383 -22.61 19.37 4.83
CA ARG A 383 -22.95 20.18 6.00
C ARG A 383 -24.24 19.74 6.67
N GLN A 384 -25.07 18.94 6.00
CA GLN A 384 -26.30 18.44 6.60
C GLN A 384 -26.04 17.42 7.70
N LEU A 385 -24.80 16.97 7.89
CA LEU A 385 -24.47 15.98 8.91
C LEU A 385 -24.24 16.60 10.28
N TRP A 386 -23.31 17.53 10.38
CA TRP A 386 -22.95 18.14 11.66
C TRP A 386 -23.08 19.65 11.70
N SER A 387 -23.25 20.32 10.56
CA SER A 387 -23.32 21.78 10.50
C SER A 387 -24.70 22.28 10.09
N HIS A 388 -25.72 21.41 10.14
CA HIS A 388 -27.11 21.77 9.89
C HIS A 388 -27.33 22.36 8.50
N GLY A 389 -26.49 21.97 7.55
CA GLY A 389 -26.63 22.42 6.17
C GLY A 389 -26.25 23.87 5.93
N MET A 390 -25.58 24.52 6.87
CA MET A 390 -25.16 25.91 6.71
C MET A 390 -23.71 25.96 6.25
N SER A 391 -23.43 26.81 5.28
CA SER A 391 -22.06 27.03 4.85
C SER A 391 -21.25 27.67 5.99
N TYR A 392 -19.93 27.66 5.83
CA TYR A 392 -19.07 28.21 6.87
C TYR A 392 -19.37 29.69 7.11
N ALA A 393 -19.70 30.42 6.04
CA ALA A 393 -20.06 31.83 6.19
C ALA A 393 -21.38 32.00 6.94
N GLU A 394 -22.39 31.22 6.56
CA GLU A 394 -23.66 31.25 7.29
C GLU A 394 -23.48 30.88 8.75
N LEU A 395 -22.52 30.00 9.04
CA LEU A 395 -22.22 29.66 10.42
C LEU A 395 -21.60 30.84 11.15
N LYS A 396 -20.72 31.60 10.48
CA LYS A 396 -20.06 32.73 11.11
C LYS A 396 -21.06 33.79 11.54
N LYS A 397 -22.09 34.03 10.73
CA LYS A 397 -23.10 35.03 11.07
C LYS A 397 -23.87 34.64 12.33
N GLU A 398 -24.40 33.42 12.36
CA GLU A 398 -25.24 33.03 13.48
C GLU A 398 -24.42 32.75 14.73
N LEU A 399 -23.31 32.02 14.60
CA LEU A 399 -22.54 31.62 15.76
C LEU A 399 -21.58 32.69 16.26
N GLY A 400 -21.44 33.79 15.54
CA GLY A 400 -20.74 34.96 16.07
C GLY A 400 -19.29 35.11 15.69
N GLU A 401 -18.80 34.30 14.75
CA GLU A 401 -17.45 34.44 14.20
C GLU A 401 -16.38 34.23 15.26
N LYS A 402 -16.47 34.94 16.39
CA LYS A 402 -15.52 34.72 17.47
C LYS A 402 -15.68 33.35 18.10
N ASN A 403 -16.92 32.92 18.32
CA ASN A 403 -17.15 31.60 18.90
C ASN A 403 -16.72 30.49 17.95
N MET A 404 -16.71 30.77 16.64
CA MET A 404 -16.22 29.84 15.63
C MET A 404 -14.72 29.94 15.43
N SER A 405 -14.05 30.87 16.11
CA SER A 405 -12.61 31.03 15.92
C SER A 405 -11.87 29.77 16.34
N MET A 406 -11.01 29.29 15.44
CA MET A 406 -10.17 28.14 15.76
C MET A 406 -9.12 28.52 16.79
N GLU A 407 -9.16 27.88 17.94
CA GLU A 407 -8.06 27.98 18.89
C GLU A 407 -6.85 27.26 18.34
N GLN A 408 -5.66 27.80 18.61
CA GLN A 408 -4.40 27.20 18.20
C GLN A 408 -3.66 26.67 19.42
N VAL A 409 -3.09 25.48 19.29
CA VAL A 409 -2.26 24.94 20.36
C VAL A 409 -1.03 25.82 20.54
N ARG A 410 -0.66 26.04 21.79
CA ARG A 410 0.48 26.90 22.10
C ARG A 410 1.49 26.15 22.97
N GLU A 418 1.30 17.34 38.13
CA GLU A 418 2.18 17.68 39.25
C GLU A 418 2.93 18.98 38.98
N MET A 419 2.73 19.95 39.87
CA MET A 419 3.37 21.25 39.78
C MET A 419 3.52 21.82 41.18
N SER A 420 4.26 22.91 41.27
CA SER A 420 4.32 23.70 42.50
C SER A 420 3.10 24.62 42.56
N PHE A 421 2.93 25.27 43.71
CA PHE A 421 1.80 26.17 43.88
C PHE A 421 1.82 27.29 42.85
N SER A 422 3.01 27.82 42.56
CA SER A 422 3.12 28.92 41.61
C SER A 422 2.67 28.50 40.22
N ASP A 423 3.07 27.32 39.76
CA ASP A 423 2.75 26.86 38.42
C ASP A 423 1.27 26.54 38.24
N VAL A 424 0.50 26.46 39.32
CA VAL A 424 -0.93 26.20 39.24
C VAL A 424 -1.67 27.51 39.01
N SER A 425 -2.55 27.53 38.02
CA SER A 425 -3.35 28.72 37.75
C SER A 425 -4.29 28.98 38.92
N LYS A 426 -4.20 30.18 39.49
CA LYS A 426 -4.95 30.56 40.68
C LYS A 426 -6.30 31.13 40.27
N TYR A 427 -7.37 30.38 40.53
CA TYR A 427 -8.74 30.81 40.32
C TYR A 427 -9.39 31.11 41.67
N PRO A 428 -10.37 32.01 41.71
CA PRO A 428 -10.99 32.37 42.99
C PRO A 428 -11.67 31.18 43.65
N TYR A 429 -11.94 31.33 44.95
CA TYR A 429 -12.57 30.24 45.71
C TYR A 429 -13.97 29.95 45.16
N SER A 430 -14.72 31.00 44.80
CA SER A 430 -16.06 30.79 44.25
C SER A 430 -16.01 30.00 42.95
N VAL A 431 -14.88 30.05 42.24
CA VAL A 431 -14.75 29.29 41.00
C VAL A 431 -14.58 27.81 41.30
N LEU A 432 -13.69 27.48 42.23
CA LEU A 432 -13.37 26.08 42.52
C LEU A 432 -14.43 25.39 43.37
N VAL A 433 -15.26 26.15 44.07
CA VAL A 433 -16.24 25.53 44.96
C VAL A 433 -17.41 24.93 44.18
N GLN A 434 -17.63 25.38 42.95
CA GLN A 434 -18.74 24.87 42.16
C GLN A 434 -18.34 23.59 41.43
N LYS A 435 -19.36 22.90 40.90
CA LYS A 435 -19.17 21.69 40.12
C LYS A 435 -19.71 21.83 38.71
N GLU A 436 -20.11 23.03 38.31
CA GLU A 436 -20.94 23.26 37.12
C GLU A 436 -20.17 24.07 36.09
N GLY A 437 -19.56 23.39 35.13
CA GLY A 437 -18.87 24.06 34.04
C GLY A 437 -17.82 25.05 34.49
N LEU A 438 -17.08 24.73 35.54
CA LEU A 438 -16.01 25.61 36.00
C LEU A 438 -14.96 25.77 34.91
N PRO A 439 -14.14 26.84 34.99
CA PRO A 439 -13.04 27.01 34.02
C PRO A 439 -12.22 25.74 33.83
N ASP A 440 -12.11 25.28 32.58
CA ASP A 440 -11.41 24.04 32.31
C ASP A 440 -9.91 24.19 32.61
N GLY A 441 -9.19 23.08 32.44
CA GLY A 441 -7.79 23.05 32.81
C GLY A 441 -7.56 22.95 34.30
N ILE A 442 -8.52 22.41 35.04
CA ILE A 442 -8.45 22.29 36.49
C ILE A 442 -8.32 20.82 36.86
N ASP A 443 -7.30 20.50 37.65
CA ASP A 443 -7.18 19.15 38.22
C ASP A 443 -8.28 18.95 39.26
N LEU A 444 -9.41 18.38 38.83
CA LEU A 444 -10.55 18.22 39.73
C LEU A 444 -10.23 17.31 40.91
N GLN A 445 -9.19 16.47 40.79
CA GLN A 445 -8.75 15.68 41.93
C GLN A 445 -8.13 16.58 43.00
N ASN A 446 -7.21 17.46 42.59
CA ASN A 446 -6.51 18.34 43.52
C ASN A 446 -6.90 19.79 43.21
N LYS A 447 -8.16 20.14 43.47
CA LYS A 447 -8.62 21.51 43.26
C LYS A 447 -8.10 22.47 44.32
N GLU A 448 -7.47 21.97 45.38
CA GLU A 448 -6.94 22.85 46.41
C GLU A 448 -5.72 23.64 45.93
N LYS A 449 -4.99 23.10 44.95
CA LYS A 449 -3.80 23.77 44.46
C LYS A 449 -4.16 25.02 43.67
N HIS A 450 -5.31 25.03 42.99
CA HIS A 450 -5.72 26.17 42.20
C HIS A 450 -6.15 27.35 43.08
N LEU A 451 -6.05 27.21 44.40
CA LEU A 451 -6.29 28.33 45.30
C LEU A 451 -4.98 29.04 45.61
N THR A 452 -5.10 30.28 46.07
CA THR A 452 -3.93 31.08 46.40
C THR A 452 -3.40 30.72 47.77
N GLU A 453 -2.10 30.97 47.97
CA GLU A 453 -1.50 30.74 49.28
C GLU A 453 -2.15 31.61 50.35
N GLU A 454 -2.53 32.83 49.99
CA GLU A 454 -3.17 33.74 50.93
C GLU A 454 -4.56 33.23 51.30
N GLU A 455 -5.44 33.11 50.31
CA GLU A 455 -6.80 32.66 50.56
C GLU A 455 -6.86 31.24 51.09
N PHE A 456 -5.81 30.45 50.89
CA PHE A 456 -5.77 29.10 51.43
C PHE A 456 -5.85 29.12 52.96
N GLU A 457 -5.12 30.04 53.59
CA GLU A 457 -5.05 30.10 55.05
C GLU A 457 -6.32 30.65 55.67
N LYS A 458 -7.18 31.32 54.90
CA LYS A 458 -8.47 31.75 55.41
C LYS A 458 -9.49 30.63 55.36
N ILE A 459 -9.40 29.74 54.37
CA ILE A 459 -10.38 28.68 54.21
C ILE A 459 -10.02 27.48 55.09
N PHE A 460 -8.78 27.01 55.00
CA PHE A 460 -8.35 25.82 55.70
C PHE A 460 -7.70 26.11 57.04
N GLY A 461 -7.21 27.32 57.26
CA GLY A 461 -6.54 27.64 58.50
C GLY A 461 -5.09 27.21 58.57
N MET A 462 -4.46 26.96 57.43
CA MET A 462 -3.09 26.48 57.40
C MET A 462 -2.55 26.68 55.99
N THR A 463 -1.23 26.59 55.87
CA THR A 463 -0.59 26.73 54.57
C THR A 463 -0.63 25.41 53.82
N TYR A 464 -0.51 25.51 52.49
CA TYR A 464 -0.47 24.30 51.66
C TYR A 464 0.75 23.45 52.00
N ALA A 465 1.80 24.06 52.53
CA ALA A 465 2.97 23.30 52.97
C ALA A 465 2.61 22.37 54.13
N THR A 466 1.75 22.83 55.03
CA THR A 466 1.31 21.99 56.14
C THR A 466 0.13 21.11 55.74
N PHE A 467 -0.68 21.57 54.79
CA PHE A 467 -1.85 20.79 54.37
C PHE A 467 -1.43 19.45 53.77
N ILE A 468 -0.31 19.43 53.05
CA ILE A 468 0.15 18.19 52.43
C ILE A 468 0.86 17.29 53.43
N THR A 469 1.43 17.84 54.50
CA THR A 469 2.02 17.02 55.54
C THR A 469 0.99 16.45 56.50
N LYS A 470 -0.25 16.91 56.42
CA LYS A 470 -1.35 16.30 57.16
C LYS A 470 -1.66 14.93 56.56
N PRO A 471 -2.30 14.04 57.32
CA PRO A 471 -2.63 12.71 56.79
C PRO A 471 -3.58 12.79 55.60
N ALA A 472 -3.59 11.70 54.83
CA ALA A 472 -4.40 11.66 53.62
C ALA A 472 -5.89 11.62 53.94
N TRP A 473 -6.28 10.91 55.00
CA TRP A 473 -7.68 10.91 55.41
C TRP A 473 -8.10 12.29 55.87
N LYS A 474 -7.16 13.08 56.38
CA LYS A 474 -7.47 14.46 56.78
C LYS A 474 -7.58 15.38 55.57
N GLN A 475 -6.69 15.19 54.58
CA GLN A 475 -6.75 15.99 53.37
C GLN A 475 -8.07 15.79 52.64
N THR A 476 -8.50 14.52 52.50
CA THR A 476 -9.78 14.25 51.86
C THR A 476 -10.95 14.72 52.72
N GLN A 477 -10.79 14.74 54.05
CA GLN A 477 -11.86 15.18 54.93
C GLN A 477 -11.97 16.70 54.94
N LEU A 478 -10.84 17.39 55.09
CA LEU A 478 -10.87 18.86 55.11
C LEU A 478 -11.33 19.43 53.79
N LYS A 479 -10.95 18.78 52.67
CA LYS A 479 -11.36 19.26 51.36
C LYS A 479 -12.88 19.18 51.21
N LYS A 480 -13.46 18.04 51.56
CA LYS A 480 -14.91 17.87 51.45
C LYS A 480 -15.63 18.86 52.35
N ASP A 481 -15.06 19.18 53.51
CA ASP A 481 -15.66 20.17 54.41
C ASP A 481 -15.73 21.54 53.73
N LYS A 482 -14.64 21.95 53.09
CA LYS A 482 -14.58 23.23 52.40
C LYS A 482 -15.13 23.15 50.97
N GLY A 483 -15.84 22.08 50.63
CA GLY A 483 -16.47 21.96 49.33
C GLY A 483 -15.49 21.93 48.18
N LEU A 484 -14.34 21.29 48.36
CA LEU A 484 -13.28 21.26 47.36
C LEU A 484 -12.80 19.84 47.12
N PHE A 485 -13.72 18.87 47.10
CA PHE A 485 -13.33 17.49 46.87
C PHE A 485 -13.24 17.20 45.37
N ASP B 3 -60.12 0.77 2.96
CA ASP B 3 -59.73 0.29 4.29
C ASP B 3 -58.29 -0.22 4.31
N GLU B 4 -58.13 -1.53 4.49
CA GLU B 4 -56.82 -2.17 4.47
C GLU B 4 -56.85 -3.33 3.47
N ASP B 5 -57.10 -3.01 2.20
CA ASP B 5 -56.91 -4.01 1.15
C ASP B 5 -55.42 -4.29 0.94
N GLU B 6 -54.58 -3.28 1.14
CA GLU B 6 -53.15 -3.51 1.30
C GLU B 6 -52.86 -4.35 2.54
N THR B 7 -53.83 -4.44 3.46
CA THR B 7 -53.75 -5.15 4.72
C THR B 7 -52.64 -4.56 5.58
N THR B 8 -53.02 -3.71 6.54
CA THR B 8 -52.06 -3.12 7.43
C THR B 8 -51.47 -4.22 8.32
N ALA B 9 -50.15 -4.33 8.32
CA ALA B 9 -49.52 -5.41 9.06
C ALA B 9 -49.22 -4.99 10.49
N LEU B 10 -48.70 -5.93 11.27
CA LEU B 10 -48.40 -5.69 12.68
C LEU B 10 -47.12 -6.44 13.02
N VAL B 11 -46.42 -5.93 14.02
CA VAL B 11 -45.15 -6.52 14.47
C VAL B 11 -45.10 -6.45 15.98
N CYS B 12 -44.70 -7.56 16.60
CA CYS B 12 -44.58 -7.65 18.05
C CYS B 12 -43.25 -8.29 18.41
N ASP B 13 -42.47 -7.61 19.24
CA ASP B 13 -41.24 -8.15 19.79
C ASP B 13 -41.55 -8.74 21.16
N ASN B 14 -41.50 -10.06 21.28
CA ASN B 14 -41.79 -10.75 22.53
C ASN B 14 -40.56 -10.61 23.41
N GLY B 15 -40.56 -9.57 24.25
CA GLY B 15 -39.41 -9.19 25.03
C GLY B 15 -39.47 -9.74 26.43
N SER B 16 -38.29 -10.10 26.97
CA SER B 16 -38.20 -10.69 28.30
C SER B 16 -38.84 -9.79 29.36
N GLY B 17 -38.68 -8.48 29.22
CA GLY B 17 -39.19 -7.56 30.22
C GLY B 17 -40.08 -6.47 29.67
N LEU B 18 -39.97 -6.20 28.37
CA LEU B 18 -40.75 -5.15 27.74
C LEU B 18 -41.31 -5.64 26.42
N VAL B 19 -42.59 -5.37 26.18
CA VAL B 19 -43.26 -5.74 24.94
C VAL B 19 -43.23 -4.54 24.00
N LYS B 20 -42.62 -4.71 22.84
CA LYS B 20 -42.48 -3.66 21.84
C LYS B 20 -43.28 -4.08 20.62
N ALA B 21 -44.34 -3.33 20.32
CA ALA B 21 -45.25 -3.70 19.24
C ALA B 21 -45.82 -2.45 18.60
N GLY B 22 -46.16 -2.57 17.32
CA GLY B 22 -46.71 -1.45 16.56
C GLY B 22 -47.07 -1.92 15.17
N PHE B 23 -47.48 -0.94 14.36
CA PHE B 23 -47.85 -1.22 12.98
C PHE B 23 -46.62 -1.16 12.09
N ALA B 24 -46.60 -1.99 11.05
CA ALA B 24 -45.46 -2.03 10.15
C ALA B 24 -45.44 -0.80 9.24
N GLY B 25 -44.24 -0.36 8.90
CA GLY B 25 -44.06 0.84 8.12
C GLY B 25 -43.94 2.12 8.93
N ASP B 26 -43.59 2.02 10.22
CA ASP B 26 -43.45 3.16 11.10
C ASP B 26 -42.00 3.26 11.56
N ASP B 27 -41.60 4.48 11.95
CA ASP B 27 -40.24 4.70 12.40
C ASP B 27 -39.92 3.92 13.67
N ALA B 28 -40.92 3.69 14.50
CA ALA B 28 -40.71 3.11 15.82
C ALA B 28 -42.02 2.52 16.32
N PRO B 29 -41.98 1.61 17.29
CA PRO B 29 -43.23 1.03 17.80
C PRO B 29 -44.10 2.07 18.50
N ARG B 30 -45.42 1.87 18.40
CA ARG B 30 -46.36 2.80 19.02
C ARG B 30 -46.62 2.46 20.47
N ALA B 31 -46.48 1.19 20.86
CA ALA B 31 -46.80 0.75 22.21
C ALA B 31 -45.65 -0.07 22.78
N VAL B 32 -45.15 0.35 23.94
CA VAL B 32 -44.11 -0.36 24.67
C VAL B 32 -44.59 -0.51 26.11
N PHE B 33 -44.90 -1.74 26.51
CA PHE B 33 -45.44 -1.99 27.85
C PHE B 33 -44.75 -3.20 28.45
N PRO B 34 -44.59 -3.22 29.79
CA PRO B 34 -43.83 -4.31 30.43
C PRO B 34 -44.52 -5.66 30.31
N SER B 35 -43.70 -6.71 30.19
CA SER B 35 -44.18 -8.09 30.01
C SER B 35 -44.37 -8.76 31.38
N ILE B 36 -45.45 -8.37 32.06
CA ILE B 36 -45.75 -8.87 33.40
C ILE B 36 -47.24 -9.16 33.51
N VAL B 37 -47.57 -10.24 34.21
CA VAL B 37 -48.93 -10.64 34.52
C VAL B 37 -49.05 -10.69 36.04
N GLY B 38 -50.11 -10.07 36.56
CA GLY B 38 -50.24 -9.89 37.99
C GLY B 38 -51.57 -10.43 38.50
N ARG B 39 -51.53 -10.92 39.73
CA ARG B 39 -52.67 -11.56 40.37
C ARG B 39 -52.84 -10.97 41.76
N PRO B 40 -54.05 -11.02 42.32
CA PRO B 40 -54.28 -10.45 43.67
C PRO B 40 -53.63 -11.28 44.77
N SER B 54 -57.96 -9.56 36.41
CA SER B 54 -56.55 -9.72 36.10
C SER B 54 -55.84 -8.36 36.10
N TYR B 55 -54.52 -8.39 36.18
CA TYR B 55 -53.73 -7.15 36.24
C TYR B 55 -52.50 -7.27 35.36
N VAL B 56 -52.39 -6.38 34.38
CA VAL B 56 -51.36 -6.47 33.35
C VAL B 56 -50.77 -5.09 33.10
N GLY B 57 -49.47 -5.05 32.81
CA GLY B 57 -48.79 -3.82 32.44
C GLY B 57 -48.27 -3.04 33.63
N ASP B 58 -47.90 -1.79 33.37
CA ASP B 58 -47.45 -0.90 34.43
C ASP B 58 -48.56 -0.62 35.44
N GLU B 59 -49.81 -0.91 35.07
CA GLU B 59 -50.95 -0.83 35.97
C GLU B 59 -50.79 -1.75 37.17
N ALA B 60 -49.88 -2.71 37.11
CA ALA B 60 -49.74 -3.69 38.18
C ALA B 60 -49.14 -3.08 39.44
N GLN B 61 -47.91 -2.59 39.35
CA GLN B 61 -47.28 -1.98 40.52
C GLN B 61 -47.91 -0.65 40.99
N ILE B 66 -51.04 -5.74 47.53
CA ILE B 66 -50.39 -7.05 47.50
C ILE B 66 -50.66 -7.76 46.18
N LEU B 67 -49.59 -8.11 45.48
CA LEU B 67 -49.67 -8.74 44.16
C LEU B 67 -48.75 -9.95 44.13
N THR B 68 -48.98 -10.83 43.15
CA THR B 68 -48.12 -11.99 42.90
C THR B 68 -47.74 -11.91 41.42
N LEU B 69 -46.64 -11.22 41.15
CA LEU B 69 -46.22 -11.00 39.78
C LEU B 69 -45.57 -12.25 39.21
N LYS B 70 -45.60 -12.36 37.89
CA LYS B 70 -44.94 -13.45 37.19
C LYS B 70 -44.42 -12.93 35.86
N TYR B 71 -43.35 -13.54 35.37
CA TYR B 71 -42.76 -13.16 34.09
C TYR B 71 -42.90 -14.32 33.13
N PRO B 72 -43.73 -14.19 32.08
CA PRO B 72 -43.86 -15.31 31.14
C PRO B 72 -42.58 -15.58 30.38
N ILE B 73 -41.91 -14.54 29.91
CA ILE B 73 -40.69 -14.68 29.11
C ILE B 73 -39.48 -14.28 29.95
N GLU B 74 -39.44 -14.73 31.20
CA GLU B 74 -38.39 -14.33 32.15
C GLU B 74 -36.97 -14.54 31.64
N GLY B 76 -36.33 -15.07 28.15
CA GLY B 76 -36.36 -14.85 26.71
C GLY B 76 -37.11 -15.94 25.96
N ILE B 77 -37.45 -17.03 26.66
CA ILE B 77 -38.27 -18.10 26.13
C ILE B 77 -39.56 -18.14 26.93
N ILE B 78 -40.65 -18.48 26.27
CA ILE B 78 -41.95 -18.48 26.94
C ILE B 78 -42.12 -19.80 27.66
N THR B 79 -42.60 -19.73 28.91
CA THR B 79 -42.84 -20.89 29.74
C THR B 79 -44.31 -21.00 30.11
N ASN B 80 -44.91 -19.90 30.55
CA ASN B 80 -46.34 -19.83 30.80
C ASN B 80 -47.01 -19.62 29.44
N TRP B 81 -47.15 -20.73 28.70
CA TRP B 81 -47.53 -20.62 27.30
C TRP B 81 -48.89 -19.97 27.09
N ASP B 82 -49.93 -20.50 27.74
CA ASP B 82 -51.25 -19.91 27.60
C ASP B 82 -51.36 -18.59 28.34
N ASP B 83 -50.56 -18.42 29.39
CA ASP B 83 -50.53 -17.13 30.09
C ASP B 83 -50.07 -16.01 29.16
N MET B 84 -49.16 -16.33 28.23
CA MET B 84 -48.69 -15.32 27.28
C MET B 84 -49.83 -14.77 26.44
N GLU B 85 -50.88 -15.58 26.24
CA GLU B 85 -52.03 -15.14 25.44
C GLU B 85 -52.62 -13.86 26.02
N LYS B 86 -52.64 -13.74 27.35
CA LYS B 86 -53.18 -12.52 27.96
C LYS B 86 -52.33 -11.31 27.61
N ILE B 87 -51.00 -11.47 27.61
CA ILE B 87 -50.12 -10.37 27.21
C ILE B 87 -50.37 -9.99 25.77
N TRP B 88 -50.44 -10.99 24.88
CA TRP B 88 -50.71 -10.71 23.47
C TRP B 88 -52.07 -10.04 23.32
N HIS B 89 -53.04 -10.46 24.14
CA HIS B 89 -54.35 -9.82 24.12
C HIS B 89 -54.26 -8.36 24.54
N HIS B 90 -53.51 -8.08 25.61
CA HIS B 90 -53.36 -6.70 26.06
C HIS B 90 -52.74 -5.84 24.97
N THR B 91 -51.77 -6.39 24.24
CA THR B 91 -51.14 -5.66 23.14
C THR B 91 -52.15 -5.39 22.03
N PHE B 92 -52.81 -6.44 21.56
CA PHE B 92 -53.68 -6.33 20.39
C PHE B 92 -54.88 -5.42 20.65
N TYR B 93 -55.55 -5.61 21.78
CA TYR B 93 -56.85 -4.97 21.98
C TYR B 93 -56.78 -3.64 22.74
N ASN B 94 -55.90 -3.50 23.73
CA ASN B 94 -55.86 -2.28 24.53
C ASN B 94 -54.74 -1.33 24.16
N GLU B 95 -53.51 -1.81 24.01
CA GLU B 95 -52.40 -0.91 23.69
C GLU B 95 -52.46 -0.46 22.23
N LEU B 96 -52.58 -1.40 21.29
CA LEU B 96 -52.59 -1.04 19.89
C LEU B 96 -53.96 -0.61 19.38
N ARG B 97 -55.02 -0.95 20.12
CA ARG B 97 -56.40 -0.60 19.76
C ARG B 97 -56.73 -1.09 18.35
N VAL B 98 -56.53 -2.39 18.15
CA VAL B 98 -56.66 -3.00 16.84
C VAL B 98 -57.52 -4.26 16.98
N ALA B 99 -57.93 -4.80 15.84
CA ALA B 99 -58.68 -6.04 15.79
C ALA B 99 -57.78 -7.10 15.16
N PRO B 100 -57.28 -8.08 15.93
CA PRO B 100 -56.32 -9.03 15.37
C PRO B 100 -56.84 -9.83 14.19
N GLU B 101 -58.15 -9.86 13.97
CA GLU B 101 -58.70 -10.63 12.85
C GLU B 101 -58.43 -9.97 11.50
N GLU B 102 -58.20 -8.66 11.48
CA GLU B 102 -58.09 -7.93 10.22
C GLU B 102 -56.65 -7.69 9.76
N HIS B 103 -55.67 -7.89 10.64
CA HIS B 103 -54.29 -7.51 10.33
C HIS B 103 -53.35 -8.69 10.46
N PRO B 104 -52.50 -8.95 9.46
CA PRO B 104 -51.44 -9.96 9.63
C PRO B 104 -50.49 -9.55 10.74
N THR B 105 -49.68 -10.51 11.17
CA THR B 105 -48.85 -10.30 12.35
C THR B 105 -47.43 -10.83 12.11
N LEU B 106 -46.45 -10.12 12.67
CA LEU B 106 -45.05 -10.53 12.65
C LEU B 106 -44.62 -10.72 14.10
N LEU B 107 -44.22 -11.94 14.45
CA LEU B 107 -43.81 -12.27 15.80
C LEU B 107 -42.33 -12.60 15.84
N THR B 108 -41.65 -12.14 16.89
CA THR B 108 -40.24 -12.39 17.09
C THR B 108 -40.04 -13.61 17.98
N GLU B 109 -38.92 -14.29 17.76
CA GLU B 109 -38.55 -15.44 18.57
C GLU B 109 -37.10 -15.29 19.02
N ALA B 110 -36.78 -15.95 20.14
CA ALA B 110 -35.44 -15.93 20.67
C ALA B 110 -34.46 -16.58 19.70
N PRO B 111 -33.15 -16.35 19.88
CA PRO B 111 -32.16 -16.90 18.94
C PRO B 111 -32.21 -18.42 18.82
N LEU B 112 -32.54 -19.12 19.90
CA LEU B 112 -32.60 -20.57 19.90
C LEU B 112 -33.93 -21.02 20.51
N ASN B 113 -35.02 -20.60 19.88
CA ASN B 113 -36.34 -20.95 20.36
C ASN B 113 -36.58 -22.45 20.14
N PRO B 114 -37.30 -23.10 21.05
CA PRO B 114 -37.70 -24.49 20.80
C PRO B 114 -38.49 -24.62 19.51
N LYS B 115 -38.21 -25.70 18.77
CA LYS B 115 -38.95 -25.95 17.53
C LYS B 115 -40.45 -26.02 17.77
N ALA B 116 -40.86 -26.36 18.99
CA ALA B 116 -42.28 -26.41 19.35
C ALA B 116 -42.76 -25.11 19.97
N ASN B 117 -41.83 -24.26 20.43
CA ASN B 117 -42.19 -22.93 20.90
C ASN B 117 -42.85 -22.13 19.80
N ARG B 118 -42.24 -22.12 18.61
CA ARG B 118 -42.84 -21.48 17.44
C ARG B 118 -44.20 -22.09 17.09
N GLU B 119 -44.32 -23.41 17.19
CA GLU B 119 -45.54 -24.08 16.76
C GLU B 119 -46.73 -23.69 17.63
N LYS B 120 -46.54 -23.59 18.95
CA LYS B 120 -47.66 -23.18 19.79
C LYS B 120 -47.98 -21.69 19.59
N MET B 121 -46.99 -20.88 19.24
CA MET B 121 -47.26 -19.51 18.84
C MET B 121 -48.10 -19.49 17.57
N THR B 122 -47.70 -20.26 16.56
CA THR B 122 -48.47 -20.38 15.34
C THR B 122 -49.93 -20.72 15.62
N GLN B 123 -50.16 -21.67 16.51
CA GLN B 123 -51.53 -22.10 16.81
C GLN B 123 -52.29 -21.03 17.59
N ILE B 124 -51.65 -20.46 18.63
CA ILE B 124 -52.31 -19.45 19.46
C ILE B 124 -52.79 -18.27 18.63
N MET B 125 -51.97 -17.84 17.66
CA MET B 125 -52.38 -16.70 16.83
C MET B 125 -53.57 -17.07 15.97
N PHE B 126 -53.49 -18.22 15.28
CA PHE B 126 -54.55 -18.66 14.37
C PHE B 126 -55.85 -19.03 15.06
N GLU B 127 -55.86 -19.20 16.39
CA GLU B 127 -57.04 -19.72 17.08
C GLU B 127 -57.73 -18.67 17.94
N THR B 128 -57.17 -18.29 19.08
CA THR B 128 -57.85 -17.34 19.95
C THR B 128 -57.96 -15.94 19.36
N PHE B 129 -57.30 -15.68 18.24
CA PHE B 129 -57.36 -14.36 17.61
C PHE B 129 -57.76 -14.38 16.14
N ASN B 130 -57.64 -15.51 15.45
CA ASN B 130 -58.10 -15.65 14.06
C ASN B 130 -57.30 -14.72 13.14
N VAL B 131 -55.99 -14.72 13.33
CA VAL B 131 -55.12 -13.87 12.50
C VAL B 131 -55.13 -14.40 11.07
N PRO B 132 -55.10 -13.51 10.06
CA PRO B 132 -55.03 -14.01 8.68
C PRO B 132 -53.75 -14.77 8.38
N ALA B 133 -52.60 -14.22 8.76
CA ALA B 133 -51.32 -14.85 8.48
C ALA B 133 -50.35 -14.53 9.62
N MET B 134 -49.16 -15.12 9.53
CA MET B 134 -48.15 -14.93 10.57
C MET B 134 -46.80 -15.39 10.06
N TYR B 135 -45.75 -14.89 10.70
CA TYR B 135 -44.37 -15.28 10.43
C TYR B 135 -43.58 -15.14 11.71
N VAL B 136 -42.57 -15.99 11.87
CA VAL B 136 -41.69 -15.98 13.03
C VAL B 136 -40.28 -15.69 12.57
N ALA B 137 -39.64 -14.70 13.20
CA ALA B 137 -38.30 -14.27 12.84
C ALA B 137 -37.43 -14.18 14.08
N ILE B 138 -36.14 -14.46 13.90
CA ILE B 138 -35.19 -14.42 15.00
C ILE B 138 -34.92 -12.97 15.38
N GLN B 139 -35.01 -12.68 16.69
CA GLN B 139 -34.84 -11.31 17.18
C GLN B 139 -33.53 -10.70 16.71
N ALA B 140 -32.45 -11.48 16.68
CA ALA B 140 -31.14 -10.92 16.36
C ALA B 140 -30.92 -10.76 14.87
N VAL B 141 -31.58 -11.57 14.04
CA VAL B 141 -31.47 -11.40 12.60
C VAL B 141 -32.23 -10.16 12.16
N LEU B 142 -33.28 -9.78 12.90
CA LEU B 142 -33.96 -8.53 12.64
C LEU B 142 -33.06 -7.34 12.95
N SER B 143 -32.20 -7.47 13.96
CA SER B 143 -31.38 -6.35 14.38
C SER B 143 -30.31 -6.00 13.34
N LEU B 144 -29.76 -7.02 12.69
CA LEU B 144 -28.79 -6.77 11.62
C LEU B 144 -29.42 -6.04 10.45
N TYR B 145 -30.74 -6.15 10.28
CA TYR B 145 -31.39 -5.49 9.15
C TYR B 145 -31.48 -3.98 9.37
N ALA B 146 -31.78 -3.56 10.60
CA ALA B 146 -31.77 -2.13 10.90
C ALA B 146 -30.37 -1.54 10.74
N SER B 147 -29.35 -2.31 11.12
CA SER B 147 -27.96 -1.87 10.93
C SER B 147 -27.61 -1.72 9.45
N GLY B 148 -28.34 -2.38 8.57
CA GLY B 148 -28.00 -2.35 7.15
C GLY B 148 -26.91 -3.32 6.75
N ARG B 149 -26.84 -4.47 7.42
CA ARG B 149 -25.79 -5.44 7.18
C ARG B 149 -26.40 -6.83 7.08
N THR B 150 -25.68 -7.73 6.41
CA THR B 150 -26.02 -9.14 6.38
C THR B 150 -25.08 -10.00 7.19
N THR B 151 -23.88 -9.52 7.48
CA THR B 151 -22.85 -10.27 8.18
C THR B 151 -22.47 -9.55 9.45
N GLY B 152 -22.46 -10.26 10.56
CA GLY B 152 -22.08 -9.67 11.82
C GLY B 152 -22.51 -10.52 12.99
N ILE B 153 -21.97 -10.16 14.16
CA ILE B 153 -22.35 -10.78 15.43
C ILE B 153 -23.10 -9.73 16.24
N VAL B 154 -24.26 -10.10 16.75
CA VAL B 154 -25.13 -9.17 17.45
C VAL B 154 -25.05 -9.47 18.94
N LEU B 155 -25.18 -8.43 19.75
CA LEU B 155 -25.31 -8.57 21.19
C LEU B 155 -26.63 -7.91 21.56
N ASP B 156 -27.61 -8.73 21.93
CA ASP B 156 -28.94 -8.25 22.25
C ASP B 156 -29.08 -8.36 23.76
N SER B 157 -28.74 -7.28 24.45
CA SER B 157 -28.75 -7.26 25.91
C SER B 157 -30.08 -6.66 26.33
N GLY B 158 -31.00 -7.52 26.76
CA GLY B 158 -32.35 -7.14 27.10
C GLY B 158 -32.55 -6.98 28.59
N ASP B 159 -33.79 -7.20 29.01
CA ASP B 159 -34.10 -7.03 30.43
C ASP B 159 -33.66 -8.23 31.25
N GLY B 160 -33.91 -9.44 30.75
CA GLY B 160 -33.62 -10.63 31.53
C GLY B 160 -32.61 -11.60 30.93
N VAL B 161 -32.26 -11.42 29.66
CA VAL B 161 -31.38 -12.37 28.98
C VAL B 161 -30.56 -11.63 27.94
N THR B 162 -29.38 -12.17 27.65
CA THR B 162 -28.50 -11.64 26.62
C THR B 162 -28.02 -12.77 25.72
N HIS B 163 -27.88 -12.49 24.42
CA HIS B 163 -27.49 -13.49 23.45
C HIS B 163 -26.45 -12.91 22.51
N ASN B 164 -25.47 -13.74 22.14
CA ASN B 164 -24.49 -13.41 21.13
C ASN B 164 -24.77 -14.33 19.94
N VAL B 165 -25.19 -13.76 18.82
CA VAL B 165 -25.69 -14.50 17.68
C VAL B 165 -24.87 -14.09 16.46
N PRO B 166 -23.93 -14.93 16.03
CA PRO B 166 -23.26 -14.65 14.76
C PRO B 166 -24.21 -14.90 13.61
N ILE B 167 -24.19 -14.00 12.64
CA ILE B 167 -25.06 -14.09 11.48
C ILE B 167 -24.20 -13.89 10.25
N TYR B 168 -24.32 -14.80 9.29
CA TYR B 168 -23.56 -14.69 8.05
C TYR B 168 -24.53 -14.82 6.89
N GLU B 169 -24.43 -13.87 5.95
CA GLU B 169 -25.25 -13.85 4.73
C GLU B 169 -26.73 -14.11 5.03
N GLY B 170 -27.24 -13.49 6.09
CA GLY B 170 -28.66 -13.43 6.35
C GLY B 170 -29.19 -14.46 7.34
N TYR B 171 -28.43 -15.50 7.65
CA TYR B 171 -28.93 -16.57 8.52
C TYR B 171 -27.95 -16.84 9.65
N ALA B 172 -28.50 -17.22 10.80
CA ALA B 172 -27.69 -17.38 12.00
C ALA B 172 -26.80 -18.61 11.92
N LEU B 173 -25.70 -18.56 12.66
CA LEU B 173 -24.80 -19.69 12.82
C LEU B 173 -25.06 -20.29 14.19
N PRO B 174 -25.83 -21.38 14.29
CA PRO B 174 -26.21 -21.89 15.63
C PRO B 174 -25.10 -22.57 16.40
N HIS B 175 -23.98 -22.92 15.75
CA HIS B 175 -22.88 -23.52 16.49
C HIS B 175 -22.18 -22.53 17.41
N ALA B 176 -22.50 -21.24 17.30
CA ALA B 176 -21.88 -20.21 18.13
C ALA B 176 -22.89 -19.35 18.87
N ILE B 177 -24.19 -19.58 18.71
CA ILE B 177 -25.16 -18.82 19.48
C ILE B 177 -24.93 -19.12 20.94
N MET B 178 -24.73 -18.07 21.73
CA MET B 178 -24.42 -18.23 23.14
C MET B 178 -25.41 -17.39 23.92
N ARG B 179 -25.48 -17.66 25.22
CA ARG B 179 -26.50 -17.04 26.03
C ARG B 179 -25.95 -16.75 27.42
N LEU B 180 -26.35 -15.61 27.96
CA LEU B 180 -26.05 -15.22 29.33
C LEU B 180 -27.32 -14.63 29.91
N ASP B 181 -27.58 -14.95 31.17
CA ASP B 181 -28.81 -14.55 31.83
C ASP B 181 -28.63 -13.29 32.64
N LEU B 182 -27.47 -12.64 32.53
CA LEU B 182 -27.21 -11.37 33.18
C LEU B 182 -27.68 -10.26 32.23
N ALA B 183 -28.58 -9.40 32.71
CA ALA B 183 -29.19 -8.41 31.84
C ALA B 183 -29.78 -7.28 32.68
N GLY B 184 -30.76 -6.56 32.10
CA GLY B 184 -31.20 -5.30 32.68
C GLY B 184 -31.73 -5.43 34.10
N ARG B 185 -32.64 -6.39 34.32
CA ARG B 185 -33.27 -6.50 35.64
C ARG B 185 -32.25 -6.83 36.72
N ASP B 186 -31.27 -7.67 36.39
CA ASP B 186 -30.22 -7.97 37.36
C ASP B 186 -29.43 -6.72 37.72
N LEU B 187 -29.15 -5.87 36.72
CA LEU B 187 -28.39 -4.65 36.98
C LEU B 187 -29.14 -3.70 37.90
N THR B 188 -30.44 -3.53 37.65
CA THR B 188 -31.24 -2.64 38.49
C THR B 188 -31.21 -3.09 39.95
N ASP B 189 -31.25 -4.41 40.18
CA ASP B 189 -31.23 -4.91 41.55
C ASP B 189 -29.88 -4.64 42.20
N TYR B 190 -28.79 -4.88 41.45
CA TYR B 190 -27.47 -4.59 41.98
C TYR B 190 -27.32 -3.11 42.31
N LEU B 191 -27.99 -2.24 41.54
CA LEU B 191 -27.99 -0.82 41.87
C LEU B 191 -28.75 -0.55 43.17
N MET B 192 -29.86 -1.26 43.38
CA MET B 192 -30.58 -1.13 44.64
C MET B 192 -29.69 -1.51 45.81
N LYS B 193 -28.87 -2.55 45.65
CA LYS B 193 -27.99 -2.99 46.71
C LYS B 193 -26.93 -1.93 47.01
N ILE B 194 -26.14 -1.56 45.99
CA ILE B 194 -25.06 -0.60 46.20
C ILE B 194 -25.61 0.76 46.63
N LEU B 195 -26.84 1.09 46.23
CA LEU B 195 -27.43 2.34 46.69
C LEU B 195 -27.89 2.23 48.14
N THR B 196 -28.39 1.06 48.55
CA THR B 196 -28.63 0.83 49.97
C THR B 196 -27.32 0.82 50.74
N GLU B 197 -26.25 0.31 50.12
CA GLU B 197 -24.93 0.41 50.74
C GLU B 197 -24.50 1.86 50.88
N ARG B 198 -24.91 2.73 49.94
CA ARG B 198 -24.64 4.15 50.05
C ARG B 198 -25.47 4.83 51.13
N GLY B 199 -26.37 4.12 51.79
CA GLY B 199 -27.14 4.70 52.86
C GLY B 199 -28.54 5.14 52.48
N TYR B 200 -29.13 4.57 51.45
CA TYR B 200 -30.50 4.89 51.07
C TYR B 200 -31.37 3.65 51.26
N SER B 201 -32.69 3.80 51.10
CA SER B 201 -33.59 2.66 51.32
C SER B 201 -34.87 2.86 50.51
N PHE B 202 -34.91 2.28 49.31
CA PHE B 202 -36.09 2.31 48.45
C PHE B 202 -36.44 0.89 48.00
N VAL B 203 -37.41 0.26 48.66
CA VAL B 203 -37.88 -1.06 48.23
C VAL B 203 -39.40 -1.12 48.30
N THR B 204 -40.07 -0.05 47.89
CA THR B 204 -41.53 0.01 47.92
C THR B 204 -42.16 -0.55 46.65
N THR B 205 -41.43 -1.40 45.91
CA THR B 205 -41.89 -2.04 44.68
C THR B 205 -42.21 -1.02 43.59
N ALA B 206 -42.91 0.07 43.94
CA ALA B 206 -43.03 1.20 43.02
C ALA B 206 -41.70 1.92 42.87
N GLU B 207 -40.90 1.98 43.94
CA GLU B 207 -39.61 2.65 43.93
C GLU B 207 -38.56 1.93 43.10
N ARG B 208 -38.84 0.71 42.63
CA ARG B 208 -37.90 0.02 41.75
C ARG B 208 -37.73 0.81 40.45
N GLU B 209 -38.79 1.48 40.00
CA GLU B 209 -38.72 2.27 38.78
C GLU B 209 -37.87 3.51 38.95
N ILE B 210 -37.93 4.13 40.13
CA ILE B 210 -37.06 5.27 40.43
C ILE B 210 -35.60 4.86 40.26
N VAL B 211 -35.25 3.66 40.71
CA VAL B 211 -33.87 3.19 40.54
C VAL B 211 -33.54 2.98 39.07
N ARG B 212 -34.46 2.41 38.27
CA ARG B 212 -34.18 2.28 36.84
C ARG B 212 -33.99 3.65 36.19
N ASP B 213 -34.75 4.67 36.64
CA ASP B 213 -34.55 6.00 36.10
C ASP B 213 -33.16 6.51 36.45
N ILE B 214 -32.69 6.21 37.66
CA ILE B 214 -31.31 6.54 38.03
C ILE B 214 -30.33 5.82 37.12
N LYS B 215 -30.52 4.51 36.96
CA LYS B 215 -29.63 3.70 36.12
C LYS B 215 -29.60 4.22 34.69
N GLU B 216 -30.77 4.42 34.09
CA GLU B 216 -30.84 4.74 32.67
C GLU B 216 -30.31 6.12 32.34
N LYS B 217 -30.21 7.02 33.32
CA LYS B 217 -29.83 8.40 33.05
C LYS B 217 -28.47 8.79 33.59
N LEU B 218 -28.04 8.25 34.74
CA LEU B 218 -26.81 8.69 35.37
C LEU B 218 -25.68 7.68 35.32
N CYS B 219 -25.93 6.43 34.91
CA CYS B 219 -24.90 5.41 34.88
C CYS B 219 -24.12 5.44 33.56
N TYR B 220 -22.95 4.82 33.58
CA TYR B 220 -22.10 4.74 32.39
C TYR B 220 -21.07 3.63 32.58
N VAL B 221 -20.48 3.21 31.45
CA VAL B 221 -19.47 2.15 31.43
C VAL B 221 -18.09 2.80 31.43
N ALA B 222 -17.16 2.21 32.17
CA ALA B 222 -15.81 2.73 32.30
C ALA B 222 -14.83 1.91 31.47
N LEU B 223 -13.91 2.60 30.79
CA LEU B 223 -12.90 1.91 30.01
C LEU B 223 -11.91 1.16 30.91
N ASP B 224 -11.59 1.73 32.07
CA ASP B 224 -10.72 1.06 33.05
C ASP B 224 -11.42 1.17 34.39
N PHE B 225 -12.04 0.07 34.83
CA PHE B 225 -12.81 0.07 36.08
C PHE B 225 -11.95 0.49 37.26
N GLU B 226 -10.75 -0.07 37.38
CA GLU B 226 -9.89 0.23 38.53
C GLU B 226 -9.54 1.72 38.58
N ASN B 227 -9.05 2.27 37.46
CA ASN B 227 -8.70 3.68 37.42
C ASN B 227 -9.91 4.57 37.71
N GLU B 228 -11.05 4.25 37.10
CA GLU B 228 -12.25 5.04 37.33
C GLU B 228 -12.79 4.89 38.75
N MET B 229 -12.50 3.77 39.42
CA MET B 229 -12.86 3.62 40.81
C MET B 229 -11.95 4.42 41.74
N ALA B 230 -10.67 4.57 41.37
CA ALA B 230 -9.74 5.31 42.19
C ALA B 230 -10.08 6.80 42.21
N THR B 231 -10.39 7.37 41.03
CA THR B 231 -10.77 8.78 40.96
C THR B 231 -12.02 9.08 41.77
N ALA B 232 -12.83 8.07 42.09
CA ALA B 232 -14.06 8.29 42.85
C ALA B 232 -13.79 8.57 44.32
N ALA B 233 -12.66 8.12 44.85
CA ALA B 233 -12.30 8.40 46.24
C ALA B 233 -11.35 9.57 46.39
N SER B 234 -10.70 10.02 45.31
CA SER B 234 -9.83 11.18 45.35
C SER B 234 -10.50 12.44 44.79
N SER B 235 -11.81 12.42 44.54
CA SER B 235 -12.48 13.56 43.93
C SER B 235 -13.98 13.34 44.00
N SER B 236 -14.72 14.32 43.47
CA SER B 236 -16.16 14.23 43.29
C SER B 236 -16.56 14.47 41.83
N SER B 237 -15.61 14.30 40.90
CA SER B 237 -15.87 14.61 39.50
C SER B 237 -16.98 13.74 38.93
N LEU B 238 -16.87 12.42 39.11
CA LEU B 238 -17.85 11.49 38.58
C LEU B 238 -19.19 11.55 39.30
N GLU B 239 -19.26 12.27 40.42
CA GLU B 239 -20.49 12.32 41.22
C GLU B 239 -21.58 13.12 40.51
N LYS B 240 -22.80 12.57 40.49
CA LYS B 240 -23.98 13.24 39.97
C LYS B 240 -25.08 13.18 41.01
N SER B 241 -26.19 13.86 40.71
CA SER B 241 -27.28 14.04 41.66
C SER B 241 -28.60 13.67 41.01
N TYR B 242 -29.51 13.11 41.80
CA TYR B 242 -30.80 12.68 41.31
C TYR B 242 -31.90 13.15 42.27
N GLU B 243 -32.96 13.74 41.72
CA GLU B 243 -34.09 14.21 42.51
C GLU B 243 -35.15 13.13 42.55
N LEU B 244 -35.41 12.58 43.72
CA LEU B 244 -36.49 11.62 43.89
C LEU B 244 -37.81 12.38 43.79
N PRO B 245 -38.93 11.69 43.64
CA PRO B 245 -40.24 12.39 43.62
C PRO B 245 -40.62 13.02 44.95
N ASP B 246 -40.01 12.60 46.07
CA ASP B 246 -40.21 13.26 47.35
C ASP B 246 -39.44 14.57 47.46
N GLY B 247 -38.80 15.03 46.38
CA GLY B 247 -38.01 16.23 46.40
C GLY B 247 -36.59 16.07 46.91
N GLN B 248 -36.25 14.91 47.48
CA GLN B 248 -34.92 14.71 48.03
C GLN B 248 -33.90 14.51 46.92
N VAL B 249 -32.73 15.10 47.09
CA VAL B 249 -31.63 14.98 46.13
C VAL B 249 -30.60 14.01 46.70
N ILE B 250 -30.51 12.82 46.11
CA ILE B 250 -29.50 11.85 46.50
C ILE B 250 -28.32 11.99 45.54
N THR B 251 -27.19 11.42 45.94
CA THR B 251 -25.94 11.53 45.17
C THR B 251 -25.41 10.13 44.88
N ILE B 252 -25.17 9.84 43.60
CA ILE B 252 -24.64 8.56 43.16
C ILE B 252 -23.22 8.78 42.67
N GLY B 253 -22.29 7.98 43.18
CA GLY B 253 -20.89 8.17 42.86
C GLY B 253 -20.28 7.01 42.09
N ASN B 254 -19.52 6.14 42.78
CA ASN B 254 -18.92 5.01 42.09
C ASN B 254 -19.96 4.03 41.56
N GLU B 255 -21.19 4.10 42.10
CA GLU B 255 -22.25 3.21 41.65
C GLU B 255 -22.57 3.43 40.17
N ARG B 256 -22.28 4.61 39.64
CA ARG B 256 -22.62 4.91 38.26
C ARG B 256 -21.98 3.92 37.29
N PHE B 257 -20.70 3.58 37.50
CA PHE B 257 -20.02 2.62 36.63
C PHE B 257 -20.01 1.21 37.19
N ARG B 258 -20.34 1.02 38.47
CA ARG B 258 -20.35 -0.32 39.04
C ARG B 258 -21.52 -1.13 38.49
N CYS B 259 -22.71 -0.54 38.44
CA CYS B 259 -23.88 -1.23 37.90
C CYS B 259 -23.66 -1.75 36.49
N PRO B 260 -23.20 -0.97 35.51
CA PRO B 260 -22.94 -1.55 34.18
C PRO B 260 -21.74 -2.48 34.14
N GLU B 261 -20.80 -2.35 35.09
CA GLU B 261 -19.61 -3.19 35.07
C GLU B 261 -19.94 -4.65 35.37
N THR B 262 -21.10 -4.92 35.98
CA THR B 262 -21.52 -6.29 36.21
C THR B 262 -21.56 -7.09 34.92
N LEU B 263 -21.96 -6.45 33.82
CA LEU B 263 -22.00 -7.13 32.52
C LEU B 263 -20.64 -7.67 32.12
N PHE B 264 -19.56 -6.99 32.51
CA PHE B 264 -18.22 -7.42 32.18
C PHE B 264 -17.59 -8.28 33.27
N GLN B 265 -18.08 -8.17 34.50
CA GLN B 265 -17.60 -8.98 35.62
C GLN B 265 -18.83 -9.57 36.31
N PRO B 266 -19.33 -10.70 35.81
CA PRO B 266 -20.58 -11.26 36.37
C PRO B 266 -20.46 -11.67 37.82
N SER B 267 -19.26 -11.65 38.41
CA SER B 267 -19.11 -12.00 39.82
C SER B 267 -19.74 -10.98 40.75
N PHE B 268 -20.00 -9.77 40.26
CA PHE B 268 -20.54 -8.72 41.12
C PHE B 268 -21.87 -9.14 41.73
N ILE B 269 -22.73 -9.78 40.94
CA ILE B 269 -24.02 -10.25 41.43
C ILE B 269 -23.96 -11.70 41.88
N GLY B 270 -22.82 -12.37 41.71
CA GLY B 270 -22.62 -13.72 42.19
C GLY B 270 -22.47 -14.77 41.11
N MET B 271 -22.74 -14.45 39.85
CA MET B 271 -22.64 -15.45 38.80
C MET B 271 -21.18 -15.83 38.56
N GLU B 272 -21.00 -16.99 37.94
CA GLU B 272 -19.69 -17.51 37.58
C GLU B 272 -19.45 -17.49 36.09
N SER B 273 -20.40 -16.99 35.30
CA SER B 273 -20.24 -16.91 33.86
C SER B 273 -19.18 -15.90 33.48
N ALA B 274 -18.84 -15.90 32.20
CA ALA B 274 -17.96 -14.89 31.64
C ALA B 274 -18.75 -13.63 31.31
N GLY B 275 -18.04 -12.55 31.03
CA GLY B 275 -18.70 -11.30 30.73
C GLY B 275 -19.06 -11.21 29.26
N ILE B 276 -19.80 -10.15 28.93
CA ILE B 276 -20.23 -9.96 27.54
C ILE B 276 -19.04 -9.80 26.60
N HIS B 277 -17.86 -9.46 27.14
CA HIS B 277 -16.68 -9.36 26.30
C HIS B 277 -16.13 -10.73 25.93
N GLU B 278 -16.09 -11.66 26.90
CA GLU B 278 -15.54 -12.99 26.62
C GLU B 278 -16.51 -13.81 25.78
N THR B 279 -17.80 -13.78 26.11
CA THR B 279 -18.79 -14.53 25.35
C THR B 279 -18.74 -14.19 23.87
N THR B 280 -18.56 -12.90 23.55
CA THR B 280 -18.44 -12.50 22.15
C THR B 280 -17.20 -13.11 21.50
N TYR B 281 -16.08 -13.15 22.23
CA TYR B 281 -14.88 -13.77 21.69
C TYR B 281 -15.10 -15.25 21.45
N ASN B 282 -15.62 -15.96 22.45
CA ASN B 282 -15.89 -17.39 22.31
C ASN B 282 -16.79 -17.66 21.11
N SER B 283 -17.87 -16.88 20.99
CA SER B 283 -18.82 -17.09 19.89
C SER B 283 -18.17 -16.88 18.53
N ILE B 284 -17.38 -15.81 18.39
CA ILE B 284 -16.73 -15.53 17.11
C ILE B 284 -15.73 -16.64 16.77
N MET B 285 -15.05 -17.19 17.77
CA MET B 285 -14.02 -18.18 17.51
C MET B 285 -14.59 -19.55 17.15
N LYS B 286 -15.80 -19.86 17.59
CA LYS B 286 -16.46 -21.10 17.21
C LYS B 286 -16.85 -21.13 15.73
N CYS B 287 -16.55 -20.06 14.98
CA CYS B 287 -16.88 -19.90 13.56
C CYS B 287 -15.64 -20.12 12.69
N ASP B 288 -15.88 -20.07 11.37
CA ASP B 288 -14.81 -20.23 10.38
C ASP B 288 -13.84 -19.04 10.43
N ILE B 289 -12.55 -19.34 10.22
CA ILE B 289 -11.51 -18.32 10.32
C ILE B 289 -11.76 -17.16 9.38
N ASP B 290 -12.25 -17.46 8.17
CA ASP B 290 -12.40 -16.43 7.14
C ASP B 290 -13.59 -15.51 7.42
N ILE B 291 -14.66 -16.03 8.00
CA ILE B 291 -15.81 -15.18 8.31
C ILE B 291 -15.59 -14.34 9.55
N ARG B 292 -14.48 -14.54 10.26
CA ARG B 292 -14.29 -13.89 11.55
C ARG B 292 -13.96 -12.41 11.39
N LYS B 293 -13.17 -12.05 10.38
CA LYS B 293 -12.81 -10.65 10.18
C LYS B 293 -14.06 -9.79 10.02
N ASP B 294 -14.98 -10.23 9.14
CA ASP B 294 -16.24 -9.51 9.00
C ASP B 294 -17.03 -9.56 10.29
N LEU B 295 -16.99 -10.69 11.01
CA LEU B 295 -17.64 -10.75 12.31
C LEU B 295 -16.96 -9.84 13.32
N TYR B 296 -15.65 -9.62 13.16
CA TYR B 296 -14.94 -8.69 14.04
C TYR B 296 -15.22 -7.23 13.66
N ALA B 297 -15.41 -6.96 12.37
CA ALA B 297 -15.65 -5.61 11.87
C ALA B 297 -17.13 -5.27 11.79
N ASN B 298 -18.02 -6.15 12.25
CA ASN B 298 -19.45 -5.89 12.24
C ASN B 298 -20.06 -6.44 13.53
N ASN B 299 -19.62 -5.87 14.66
CA ASN B 299 -20.13 -6.25 15.97
C ASN B 299 -21.28 -5.33 16.33
N VAL B 300 -22.47 -5.66 15.81
CA VAL B 300 -23.65 -4.84 16.01
C VAL B 300 -24.18 -5.04 17.43
N MET B 301 -24.71 -3.99 18.01
CA MET B 301 -25.24 -4.02 19.37
C MET B 301 -26.75 -3.79 19.33
N SER B 302 -27.47 -4.48 20.22
CA SER B 302 -28.92 -4.37 20.29
C SER B 302 -29.36 -4.49 21.74
N GLY B 303 -30.51 -3.91 22.04
CA GLY B 303 -31.09 -4.06 23.35
C GLY B 303 -30.92 -2.82 24.20
N GLY B 304 -31.83 -2.66 25.17
CA GLY B 304 -31.79 -1.48 26.02
C GLY B 304 -30.59 -1.43 26.94
N THR B 305 -29.99 -2.57 27.26
CA THR B 305 -28.83 -2.64 28.14
C THR B 305 -27.53 -2.46 27.37
N THR B 306 -27.60 -2.24 26.06
CA THR B 306 -26.46 -1.78 25.27
C THR B 306 -26.50 -0.27 25.04
N MET B 307 -27.31 0.45 25.82
CA MET B 307 -27.46 1.89 25.70
C MET B 307 -26.74 2.63 26.83
N TYR B 308 -25.75 1.99 27.45
CA TYR B 308 -24.97 2.66 28.48
C TYR B 308 -23.85 3.46 27.82
N PRO B 309 -23.61 4.69 28.28
CA PRO B 309 -22.50 5.47 27.73
C PRO B 309 -21.17 4.75 27.91
N GLY B 310 -20.46 4.56 26.79
CA GLY B 310 -19.12 4.00 26.83
C GLY B 310 -19.03 2.50 26.66
N ILE B 311 -20.17 1.80 26.53
CA ILE B 311 -20.13 0.35 26.36
C ILE B 311 -19.44 -0.03 25.07
N ALA B 312 -19.55 0.80 24.03
CA ALA B 312 -18.89 0.52 22.76
C ALA B 312 -17.38 0.61 22.89
N ASP B 313 -16.89 1.59 23.64
CA ASP B 313 -15.44 1.77 23.78
C ASP B 313 -14.80 0.61 24.52
N ARG B 314 -15.35 0.25 25.68
CA ARG B 314 -14.79 -0.87 26.44
C ARG B 314 -14.86 -2.17 25.65
N MET B 315 -15.97 -2.41 24.96
CA MET B 315 -16.08 -3.63 24.17
C MET B 315 -15.03 -3.69 23.07
N GLN B 316 -14.66 -2.54 22.50
CA GLN B 316 -13.53 -2.54 21.59
C GLN B 316 -12.24 -2.86 22.33
N LYS B 317 -12.06 -2.30 23.52
CA LYS B 317 -10.86 -2.53 24.32
C LYS B 317 -10.70 -4.00 24.66
N GLU B 318 -11.68 -4.55 25.40
CA GLU B 318 -11.60 -5.93 25.85
C GLU B 318 -11.40 -6.90 24.70
N ILE B 319 -12.12 -6.72 23.59
CA ILE B 319 -12.02 -7.65 22.48
C ILE B 319 -10.66 -7.51 21.79
N THR B 320 -10.14 -6.29 21.69
CA THR B 320 -8.82 -6.08 21.09
C THR B 320 -7.74 -6.85 21.84
N ALA B 321 -7.94 -7.10 23.13
CA ALA B 321 -6.93 -7.81 23.92
C ALA B 321 -6.96 -9.30 23.61
N LEU B 322 -8.12 -9.93 23.75
CA LEU B 322 -8.26 -11.37 23.52
C LEU B 322 -8.11 -11.75 22.05
N ALA B 323 -7.90 -10.80 21.14
CA ALA B 323 -7.91 -11.08 19.71
C ALA B 323 -6.53 -10.79 19.11
N PRO B 324 -6.26 -11.25 17.87
CA PRO B 324 -4.95 -10.95 17.25
C PRO B 324 -4.61 -9.47 17.20
N SER B 325 -3.32 -9.18 17.06
CA SER B 325 -2.84 -7.81 16.94
C SER B 325 -3.13 -7.18 15.59
N THR B 326 -3.61 -7.96 14.62
CA THR B 326 -3.87 -7.48 13.27
C THR B 326 -5.33 -7.68 12.87
N MET B 327 -6.23 -7.64 13.83
CA MET B 327 -7.67 -7.75 13.60
C MET B 327 -8.33 -6.40 13.90
N LYS B 328 -8.99 -5.83 12.90
CA LYS B 328 -9.70 -4.57 13.09
C LYS B 328 -11.02 -4.85 13.78
N ILE B 329 -11.17 -4.34 15.01
CA ILE B 329 -12.40 -4.51 15.78
C ILE B 329 -13.22 -3.24 15.67
N LYS B 330 -14.46 -3.38 15.23
CA LYS B 330 -15.38 -2.25 15.08
C LYS B 330 -16.68 -2.58 15.78
N ILE B 331 -16.97 -1.88 16.87
CA ILE B 331 -18.21 -2.05 17.63
C ILE B 331 -19.25 -1.12 17.05
N ILE B 332 -20.35 -1.67 16.57
CA ILE B 332 -21.41 -0.92 15.93
C ILE B 332 -22.52 -0.69 16.94
N ALA B 333 -22.94 0.56 17.08
CA ALA B 333 -23.93 0.97 18.08
C ALA B 333 -24.95 1.87 17.40
N PRO B 334 -25.96 1.28 16.76
CA PRO B 334 -27.01 2.08 16.13
C PRO B 334 -27.69 2.97 17.15
N PRO B 335 -27.92 4.23 16.81
CA PRO B 335 -28.53 5.16 17.79
C PRO B 335 -29.86 4.64 18.34
N GLU B 336 -30.72 4.14 17.46
CA GLU B 336 -32.00 3.56 17.88
C GLU B 336 -31.86 2.04 17.92
N ARG B 337 -31.16 1.56 18.97
CA ARG B 337 -31.01 0.13 19.17
C ARG B 337 -31.93 -0.45 20.23
N LYS B 338 -32.52 0.41 21.09
CA LYS B 338 -33.52 -0.08 22.03
C LYS B 338 -34.72 -0.71 21.32
N TYR B 339 -34.92 -0.40 20.03
CA TYR B 339 -36.03 -0.94 19.26
C TYR B 339 -35.56 -1.52 17.94
N SER B 340 -34.29 -1.89 17.82
CA SER B 340 -33.76 -2.40 16.57
C SER B 340 -34.49 -3.65 16.11
N VAL B 341 -34.94 -4.49 17.04
CA VAL B 341 -35.70 -5.69 16.67
C VAL B 341 -37.02 -5.30 16.04
N TRP B 342 -37.76 -4.39 16.68
CA TRP B 342 -39.02 -3.93 16.11
C TRP B 342 -38.80 -3.26 14.77
N ILE B 343 -37.84 -2.33 14.70
CA ILE B 343 -37.52 -1.65 13.45
C ILE B 343 -37.19 -2.67 12.36
N GLY B 344 -36.60 -3.80 12.74
CA GLY B 344 -36.29 -4.84 11.77
C GLY B 344 -37.56 -5.48 11.22
N GLY B 345 -38.49 -5.83 12.11
CA GLY B 345 -39.71 -6.48 11.66
C GLY B 345 -40.59 -5.55 10.84
N SER B 346 -40.71 -4.29 11.27
CA SER B 346 -41.43 -3.29 10.48
C SER B 346 -40.88 -3.21 9.07
N ILE B 347 -39.55 -3.32 8.92
CA ILE B 347 -38.95 -3.40 7.59
C ILE B 347 -39.33 -4.70 6.92
N LEU B 348 -39.16 -5.82 7.63
CA LEU B 348 -39.41 -7.13 7.02
C LEU B 348 -40.87 -7.30 6.63
N ALA B 349 -41.78 -6.97 7.55
CA ALA B 349 -43.20 -7.13 7.26
C ALA B 349 -43.65 -6.23 6.12
N SER B 350 -43.20 -4.97 6.12
CA SER B 350 -43.59 -4.03 5.07
C SER B 350 -43.05 -4.41 3.70
N LEU B 351 -42.22 -5.46 3.61
CA LEU B 351 -41.79 -5.94 2.30
C LEU B 351 -43.01 -6.46 1.56
N SER B 352 -43.25 -5.91 0.36
CA SER B 352 -44.35 -6.41 -0.45
C SER B 352 -44.06 -7.79 -1.03
N THR B 353 -42.89 -8.34 -0.76
CA THR B 353 -42.53 -9.70 -1.14
C THR B 353 -42.60 -10.65 0.04
N PHE B 354 -43.26 -10.24 1.11
CA PHE B 354 -43.37 -11.07 2.31
C PHE B 354 -44.60 -11.97 2.28
N GLN B 355 -45.49 -11.79 1.30
CA GLN B 355 -46.64 -12.67 1.16
C GLN B 355 -46.23 -14.09 0.82
N GLN B 356 -45.05 -14.26 0.22
CA GLN B 356 -44.59 -15.60 -0.11
C GLN B 356 -44.19 -16.37 1.15
N MET B 357 -43.79 -15.65 2.20
CA MET B 357 -43.38 -16.26 3.45
C MET B 357 -44.46 -16.20 4.52
N TRP B 358 -45.55 -15.47 4.29
CA TRP B 358 -46.68 -15.53 5.20
C TRP B 358 -47.23 -16.95 5.25
N ILE B 359 -47.75 -17.33 6.42
CA ILE B 359 -48.41 -18.61 6.61
C ILE B 359 -49.90 -18.35 6.68
N THR B 360 -50.64 -18.86 5.70
CA THR B 360 -52.06 -18.57 5.61
C THR B 360 -52.86 -19.49 6.51
N LYS B 361 -54.05 -19.01 6.91
CA LYS B 361 -54.92 -19.80 7.77
C LYS B 361 -55.26 -21.15 7.14
N GLN B 362 -55.44 -21.17 5.81
CA GLN B 362 -55.65 -22.43 5.11
C GLN B 362 -54.49 -23.38 5.31
N GLU B 363 -53.26 -22.88 5.23
CA GLU B 363 -52.08 -23.73 5.45
C GLU B 363 -52.05 -24.29 6.86
N TYR B 364 -52.60 -23.55 7.83
CA TYR B 364 -52.70 -24.07 9.19
C TYR B 364 -53.68 -25.24 9.25
N ASP B 365 -54.91 -25.02 8.76
CA ASP B 365 -55.91 -26.08 8.78
C ASP B 365 -55.43 -27.33 8.06
N GLU B 366 -54.69 -27.17 6.96
CA GLU B 366 -54.23 -28.33 6.19
C GLU B 366 -53.07 -29.04 6.86
N ALA B 367 -52.04 -28.29 7.27
CA ALA B 367 -50.79 -28.88 7.75
C ALA B 367 -50.64 -28.83 9.26
N GLY B 368 -51.66 -28.38 9.99
CA GLY B 368 -51.50 -28.18 11.41
C GLY B 368 -50.69 -26.92 11.64
N PRO B 369 -50.12 -26.76 12.84
CA PRO B 369 -49.24 -25.60 13.05
C PRO B 369 -47.96 -25.70 12.22
N SER B 370 -47.43 -26.91 12.05
CA SER B 370 -46.19 -27.23 11.33
C SER B 370 -45.35 -26.04 10.87
N ILE C 31 -12.04 -6.97 33.26
CA ILE C 31 -10.69 -6.67 33.74
C ILE C 31 -9.67 -6.95 32.64
N ALA C 32 -9.04 -5.90 32.14
CA ALA C 32 -8.01 -6.01 31.12
C ALA C 32 -6.87 -5.06 31.47
N GLN C 33 -5.69 -5.37 30.93
CA GLN C 33 -4.46 -4.64 31.26
C GLN C 33 -3.93 -3.96 29.99
N THR C 34 -4.09 -2.65 29.92
CA THR C 34 -3.52 -1.83 28.86
C THR C 34 -2.56 -0.83 29.48
N VAL C 35 -1.32 -0.83 29.00
CA VAL C 35 -0.24 -0.10 29.67
C VAL C 35 -0.45 1.41 29.60
N GLN C 36 -1.04 1.90 28.50
CA GLN C 36 -1.27 3.33 28.28
C GLN C 36 0.04 4.12 28.35
N THR C 37 0.95 3.77 27.44
CA THR C 37 2.18 4.53 27.29
C THR C 37 1.97 5.63 26.25
N LYS C 38 2.98 6.49 26.10
CA LYS C 38 2.89 7.58 25.15
C LYS C 38 3.09 7.07 23.73
N PHE C 39 2.77 7.92 22.76
CA PHE C 39 2.95 7.62 21.36
C PHE C 39 3.94 8.62 20.77
N ASP C 40 4.89 8.11 19.99
CA ASP C 40 5.87 8.94 19.31
C ASP C 40 5.47 9.08 17.85
N ALA C 41 5.28 10.31 17.41
CA ALA C 41 4.79 10.55 16.05
C ALA C 41 5.82 10.19 14.98
N MET C 42 7.08 9.99 15.38
CA MET C 42 8.10 9.54 14.43
C MET C 42 7.71 8.22 13.76
N THR C 43 6.97 7.36 14.47
CA THR C 43 6.40 6.18 13.84
C THR C 43 5.47 6.57 12.69
N LEU C 44 4.77 7.69 12.81
CA LEU C 44 3.92 8.16 11.73
C LEU C 44 4.74 8.86 10.64
N HIS C 45 5.83 9.52 11.02
CA HIS C 45 6.78 9.99 10.03
C HIS C 45 7.64 8.87 9.47
N ASN C 46 7.64 7.71 10.11
CA ASN C 46 8.20 6.48 9.56
C ASN C 46 7.17 5.71 8.73
N ASN C 47 5.91 6.16 8.71
CA ASN C 47 4.93 5.56 7.81
C ASN C 47 5.38 5.60 6.35
N PRO C 48 6.02 6.67 5.84
CA PRO C 48 6.59 6.59 4.49
C PRO C 48 7.79 5.66 4.41
N GLU C 49 7.55 4.35 4.38
CA GLU C 49 8.59 3.35 4.19
C GLU C 49 8.27 2.57 2.92
N VAL C 50 8.66 3.14 1.77
CA VAL C 50 8.60 2.50 0.47
C VAL C 50 7.18 2.10 0.13
N ALA C 51 6.34 3.09 -0.18
CA ALA C 51 4.98 2.86 -0.65
C ALA C 51 4.61 3.95 -1.64
N LYS C 52 4.43 3.58 -2.90
CA LYS C 52 4.09 4.52 -3.95
C LYS C 52 3.10 3.89 -4.92
N GLU C 53 2.45 4.74 -5.70
CA GLU C 53 1.36 4.33 -6.59
C GLU C 53 1.66 4.81 -8.00
N THR C 54 1.88 3.84 -8.90
CA THR C 54 2.08 4.10 -10.33
C THR C 54 1.55 2.91 -11.10
N GLY C 55 1.05 3.16 -12.30
CA GLY C 55 0.42 2.09 -13.04
C GLY C 55 0.31 2.41 -14.52
N MET C 56 -0.45 1.54 -15.21
CA MET C 56 -0.63 1.65 -16.65
C MET C 56 -1.33 2.96 -17.02
N VAL C 57 -0.90 3.55 -18.14
CA VAL C 57 -1.50 4.79 -18.62
C VAL C 57 -2.52 4.53 -19.72
N ASP C 58 -2.80 3.28 -20.04
CA ASP C 58 -3.64 3.00 -21.20
C ASP C 58 -4.21 1.58 -21.07
N ASP C 59 -5.24 1.33 -21.87
CA ASP C 59 -5.96 0.05 -21.79
C ASP C 59 -5.07 -1.14 -22.14
N GLY C 60 -4.06 -0.92 -22.98
CA GLY C 60 -3.29 -2.02 -23.53
C GLY C 60 -3.78 -2.53 -24.87
N SER C 61 -4.71 -1.81 -25.50
CA SER C 61 -5.24 -2.20 -26.80
C SER C 61 -4.64 -1.39 -27.94
N GLY C 62 -3.68 -0.52 -27.66
CA GLY C 62 -3.09 0.29 -28.70
C GLY C 62 -2.23 -0.54 -29.65
N LYS C 63 -2.16 -0.08 -30.89
CA LYS C 63 -1.35 -0.76 -31.89
C LYS C 63 0.13 -0.63 -31.55
N LYS C 64 0.91 -1.58 -32.04
CA LYS C 64 2.33 -1.64 -31.70
C LYS C 64 3.10 -2.24 -32.86
N LYS C 65 4.41 -2.03 -32.84
CA LYS C 65 5.32 -2.63 -33.81
C LYS C 65 6.55 -3.13 -33.07
N ILE C 66 6.75 -4.44 -33.09
CA ILE C 66 7.81 -5.10 -32.33
C ILE C 66 8.97 -5.39 -33.26
N TYR C 67 10.17 -5.01 -32.85
CA TYR C 67 11.39 -5.27 -33.59
C TYR C 67 12.35 -6.10 -32.74
N ARG C 68 13.10 -6.98 -33.39
CA ARG C 68 14.09 -7.81 -32.72
C ARG C 68 15.48 -7.51 -33.24
N ILE C 69 16.46 -7.48 -32.34
CA ILE C 69 17.85 -7.24 -32.71
C ILE C 69 18.42 -8.46 -33.41
N GLU C 70 18.42 -8.44 -34.74
CA GLU C 70 19.02 -9.48 -35.57
C GLU C 70 20.07 -8.86 -36.46
N ASN C 71 21.29 -9.39 -36.39
CA ASN C 71 22.40 -8.96 -37.26
C ASN C 71 22.63 -7.45 -37.15
N MET C 72 22.59 -6.94 -35.93
CA MET C 72 22.88 -5.53 -35.64
C MET C 72 21.92 -4.58 -36.36
N ASP C 73 20.65 -4.99 -36.49
CA ASP C 73 19.64 -4.14 -37.11
C ASP C 73 18.28 -4.58 -36.60
N LEU C 74 17.29 -3.69 -36.76
CA LEU C 74 15.93 -3.99 -36.33
C LEU C 74 15.22 -4.83 -37.36
N VAL C 75 14.66 -5.96 -36.92
CA VAL C 75 13.85 -6.84 -37.75
C VAL C 75 12.45 -6.87 -37.16
N GLU C 76 11.45 -6.52 -37.98
CA GLU C 76 10.08 -6.42 -37.49
C GLU C 76 9.51 -7.80 -37.26
N LEU C 77 9.11 -8.08 -36.02
CA LEU C 77 8.49 -9.36 -35.69
C LEU C 77 7.15 -9.49 -36.39
N GLU C 78 6.89 -10.65 -36.96
CA GLU C 78 5.61 -10.91 -37.60
C GLU C 78 4.50 -10.95 -36.55
N LYS C 79 3.32 -10.46 -36.94
CA LYS C 79 2.17 -10.45 -36.02
C LYS C 79 1.89 -11.82 -35.46
N ARG C 80 2.04 -12.87 -36.28
CA ARG C 80 1.80 -14.23 -35.84
C ARG C 80 2.70 -14.65 -34.69
N TYR C 81 3.77 -13.90 -34.43
CA TYR C 81 4.68 -14.18 -33.33
C TYR C 81 4.57 -13.18 -32.20
N TYR C 82 3.62 -12.25 -32.26
CA TYR C 82 3.44 -11.29 -31.17
C TYR C 82 3.06 -12.02 -29.89
N GLY C 83 3.82 -11.78 -28.83
CA GLY C 83 3.70 -12.52 -27.60
C GLY C 83 4.80 -13.54 -27.40
N GLU C 84 5.67 -13.74 -28.39
CA GLU C 84 6.79 -14.66 -28.30
C GLU C 84 8.09 -13.88 -28.25
N LEU C 85 8.91 -14.16 -27.25
CA LEU C 85 10.19 -13.50 -27.06
C LEU C 85 11.25 -14.54 -26.76
N TYR C 86 12.35 -14.51 -27.52
CA TYR C 86 13.49 -15.36 -27.25
C TYR C 86 14.39 -14.66 -26.24
N GLY C 87 14.57 -15.27 -25.07
CA GLY C 87 15.33 -14.67 -23.98
C GLY C 87 16.81 -14.52 -24.25
N GLY C 88 17.25 -14.87 -25.45
CA GLY C 88 18.63 -14.68 -25.83
C GLY C 88 18.80 -13.52 -26.80
N ASP C 89 17.68 -12.93 -27.20
CA ASP C 89 17.66 -11.75 -28.04
C ASP C 89 17.02 -10.59 -27.28
N SER C 90 17.25 -9.38 -27.78
CA SER C 90 16.61 -8.19 -27.27
C SER C 90 15.59 -7.69 -28.28
N TYR C 91 14.48 -7.16 -27.78
CA TYR C 91 13.40 -6.68 -28.63
C TYR C 91 13.15 -5.20 -28.37
N VAL C 92 12.67 -4.52 -29.41
CA VAL C 92 12.26 -3.11 -29.33
C VAL C 92 10.80 -3.04 -29.71
N ILE C 93 9.98 -2.49 -28.81
CA ILE C 93 8.54 -2.41 -29.00
C ILE C 93 8.14 -0.93 -28.99
N HIS C 94 7.31 -0.54 -29.94
CA HIS C 94 6.86 0.84 -30.11
C HIS C 94 5.35 0.88 -29.90
N TYR C 95 4.91 1.58 -28.86
CA TYR C 95 3.50 1.65 -28.49
C TYR C 95 2.92 2.99 -28.90
N THR C 96 1.77 2.96 -29.56
CA THR C 96 1.07 4.15 -30.01
C THR C 96 -0.34 4.13 -29.42
N TYR C 97 -0.59 5.00 -28.45
CA TYR C 97 -1.89 5.11 -27.80
C TYR C 97 -2.40 6.55 -27.91
N ALA C 98 -3.71 6.68 -28.04
CA ALA C 98 -4.38 7.96 -28.24
C ALA C 98 -5.08 8.37 -26.96
N VAL C 99 -4.56 9.40 -26.29
CA VAL C 99 -5.16 9.95 -25.08
C VAL C 99 -5.66 11.35 -25.43
N ASN C 100 -6.99 11.49 -25.52
CA ASN C 100 -7.62 12.78 -25.83
C ASN C 100 -7.12 13.36 -27.16
N GLY C 101 -6.95 12.48 -28.15
CA GLY C 101 -6.40 12.88 -29.43
C GLY C 101 -4.90 13.09 -29.44
N LYS C 102 -4.26 13.17 -28.28
CA LYS C 102 -2.81 13.32 -28.19
C LYS C 102 -2.15 11.96 -28.37
N GLU C 103 -1.38 11.81 -29.45
CA GLU C 103 -0.77 10.52 -29.77
C GLU C 103 0.59 10.41 -29.10
N GLU C 104 0.55 10.21 -27.78
CA GLU C 104 1.77 9.96 -27.02
C GLU C 104 2.32 8.58 -27.36
N HIS C 105 3.63 8.42 -27.18
CA HIS C 105 4.31 7.20 -27.56
C HIS C 105 5.17 6.69 -26.42
N ILE C 106 5.38 5.38 -26.39
CA ILE C 106 6.25 4.71 -25.42
C ILE C 106 7.09 3.69 -26.16
N ILE C 107 8.40 3.72 -25.94
CA ILE C 107 9.32 2.80 -26.59
C ILE C 107 9.88 1.86 -25.52
N TYR C 108 9.53 0.59 -25.61
CA TYR C 108 10.06 -0.43 -24.72
C TYR C 108 11.19 -1.17 -25.42
N TYR C 109 12.33 -1.29 -24.76
CA TYR C 109 13.39 -2.19 -25.20
C TYR C 109 13.52 -3.30 -24.15
N TRP C 110 12.99 -4.48 -24.49
CA TRP C 110 13.06 -5.64 -23.62
C TRP C 110 14.41 -6.31 -23.78
N LEU C 111 15.09 -6.54 -22.65
CA LEU C 111 16.44 -7.09 -22.65
C LEU C 111 16.40 -8.49 -22.07
N GLY C 112 16.66 -9.49 -22.91
CA GLY C 112 16.72 -10.86 -22.43
C GLY C 112 17.87 -11.08 -21.46
N ARG C 113 17.69 -12.07 -20.60
CA ARG C 113 18.70 -12.37 -19.59
C ARG C 113 19.99 -12.87 -20.22
N HIS C 114 19.90 -13.57 -21.36
CA HIS C 114 21.07 -14.08 -22.05
C HIS C 114 21.34 -13.35 -23.36
N SER C 115 20.70 -12.20 -23.58
CA SER C 115 21.01 -11.39 -24.75
C SER C 115 22.39 -10.79 -24.62
N THR C 116 23.14 -10.81 -25.72
CA THR C 116 24.52 -10.38 -25.68
C THR C 116 24.64 -8.86 -25.75
N SER C 117 25.83 -8.36 -25.40
CA SER C 117 26.06 -6.93 -25.27
C SER C 117 25.68 -6.18 -26.55
N ASP C 118 26.09 -6.72 -27.71
CA ASP C 118 25.79 -6.07 -28.97
C ASP C 118 24.28 -5.91 -29.17
N GLU C 119 23.51 -6.93 -28.76
CA GLU C 119 22.07 -6.86 -28.94
C GLU C 119 21.43 -5.86 -27.99
N ARG C 120 22.01 -5.67 -26.81
CA ARG C 120 21.47 -4.70 -25.86
C ARG C 120 21.75 -3.27 -26.30
N GLY C 121 22.95 -3.03 -26.83
CA GLY C 121 23.28 -1.69 -27.32
C GLY C 121 22.47 -1.29 -28.54
N VAL C 122 22.33 -2.20 -29.50
CA VAL C 122 21.51 -1.92 -30.68
C VAL C 122 20.06 -1.69 -30.28
N ALA C 123 19.59 -2.38 -29.23
CA ALA C 123 18.25 -2.11 -28.74
C ALA C 123 18.14 -0.74 -28.10
N ALA C 124 19.16 -0.33 -27.35
CA ALA C 124 19.14 1.00 -26.75
C ALA C 124 19.28 2.09 -27.80
N ALA C 125 20.12 1.86 -28.82
CA ALA C 125 20.37 2.89 -29.82
C ALA C 125 19.13 3.17 -30.66
N LYS C 126 18.50 2.12 -31.18
CA LYS C 126 17.36 2.31 -32.08
C LYS C 126 16.08 2.68 -31.34
N THR C 127 16.08 2.64 -30.01
CA THR C 127 15.01 3.29 -29.26
C THR C 127 15.21 4.80 -29.26
N ILE C 128 16.46 5.26 -29.20
CA ILE C 128 16.76 6.67 -29.36
C ILE C 128 16.39 7.12 -30.77
N GLU C 129 16.76 6.32 -31.78
CA GLU C 129 16.46 6.67 -33.16
C GLU C 129 14.97 6.85 -33.39
N ILE C 130 14.16 5.91 -32.87
CA ILE C 130 12.71 6.01 -33.03
C ILE C 130 12.11 7.08 -32.13
N ASP C 131 12.77 7.41 -31.02
CA ASP C 131 12.33 8.55 -30.21
C ASP C 131 12.49 9.84 -30.99
N ASP C 132 13.64 10.02 -31.66
CA ASP C 132 13.85 11.20 -32.47
C ASP C 132 12.98 11.18 -33.72
N SER C 133 12.63 9.99 -34.22
CA SER C 133 11.68 9.90 -35.33
C SER C 133 10.36 10.56 -34.98
N LEU C 134 10.02 10.60 -33.69
CA LEU C 134 8.89 11.36 -33.19
C LEU C 134 9.30 12.69 -32.58
N GLY C 135 10.61 12.92 -32.43
CA GLY C 135 11.11 14.18 -31.89
C GLY C 135 11.56 14.08 -30.45
N GLY C 136 10.83 13.32 -29.65
CA GLY C 136 11.09 13.22 -28.23
C GLY C 136 9.81 13.02 -27.46
N THR C 137 8.70 12.94 -28.19
CA THR C 137 7.38 12.74 -27.59
C THR C 137 7.19 11.34 -27.04
N ALA C 138 8.22 10.50 -27.06
CA ALA C 138 8.12 9.10 -26.67
C ALA C 138 8.86 8.85 -25.37
N LYS C 139 8.36 7.89 -24.60
CA LYS C 139 8.96 7.50 -23.33
C LYS C 139 9.82 6.26 -23.53
N GLN C 140 11.11 6.37 -23.27
CA GLN C 140 12.03 5.26 -23.40
C GLN C 140 12.15 4.54 -22.05
N VAL C 141 11.80 3.26 -22.02
CA VAL C 141 11.79 2.48 -20.79
C VAL C 141 12.60 1.21 -21.01
N ARG C 142 13.44 0.87 -20.03
CA ARG C 142 14.23 -0.35 -20.08
C ARG C 142 13.46 -1.47 -19.40
N VAL C 143 13.22 -2.55 -20.14
CA VAL C 143 12.54 -3.74 -19.63
C VAL C 143 13.52 -4.89 -19.63
N VAL C 144 13.69 -5.51 -18.47
CA VAL C 144 14.58 -6.67 -18.31
C VAL C 144 13.71 -7.88 -18.02
N GLN C 145 14.04 -9.00 -18.65
CA GLN C 145 13.26 -10.23 -18.51
C GLN C 145 13.04 -10.57 -17.04
N SER C 146 11.88 -11.15 -16.75
CA SER C 146 11.40 -11.56 -15.43
C SER C 146 10.92 -10.39 -14.57
N LYS C 147 11.30 -9.17 -14.93
CA LYS C 147 10.88 -7.98 -14.19
C LYS C 147 10.19 -6.98 -15.12
N GLU C 148 9.34 -7.50 -16.02
CA GLU C 148 8.62 -6.64 -16.93
C GLU C 148 7.61 -5.79 -16.18
N PRO C 149 7.40 -4.55 -16.59
CA PRO C 149 6.42 -3.68 -15.92
C PRO C 149 5.00 -4.10 -16.28
N ASN C 150 4.04 -3.52 -15.54
CA ASN C 150 2.64 -3.91 -15.68
C ASN C 150 2.10 -3.57 -17.07
N HIS C 151 2.38 -2.35 -17.54
CA HIS C 151 1.91 -1.93 -18.86
C HIS C 151 2.42 -2.82 -19.98
N PHE C 152 3.54 -3.51 -19.76
CA PHE C 152 4.11 -4.38 -20.78
C PHE C 152 3.20 -5.57 -21.06
N MET C 153 2.84 -6.32 -20.02
CA MET C 153 2.00 -7.50 -20.20
C MET C 153 0.62 -7.14 -20.75
N ALA C 154 0.14 -5.93 -20.45
CA ALA C 154 -1.17 -5.51 -20.91
C ALA C 154 -1.25 -5.42 -22.43
N MET C 155 -0.10 -5.33 -23.10
CA MET C 155 -0.08 -5.24 -24.56
C MET C 155 -0.39 -6.58 -25.23
N PHE C 156 -0.03 -7.69 -24.60
CA PHE C 156 -0.19 -9.02 -25.18
C PHE C 156 -1.28 -9.82 -24.47
N ASP C 157 -2.36 -9.14 -24.05
CA ASP C 157 -3.51 -9.79 -23.44
C ASP C 157 -3.13 -10.62 -22.21
N GLY C 158 -2.03 -10.25 -21.56
CA GLY C 158 -1.52 -11.04 -20.45
C GLY C 158 -0.94 -12.39 -20.84
N LYS C 159 -0.82 -12.66 -22.13
CA LYS C 159 -0.29 -13.93 -22.63
C LYS C 159 1.08 -13.65 -23.26
N LEU C 160 2.13 -14.12 -22.60
CA LEU C 160 3.50 -13.91 -23.08
C LEU C 160 4.28 -15.20 -22.93
N ILE C 161 4.94 -15.61 -24.01
CA ILE C 161 5.74 -16.82 -24.04
C ILE C 161 7.20 -16.40 -24.24
N ILE C 162 8.07 -16.82 -23.32
CA ILE C 162 9.48 -16.46 -23.37
C ILE C 162 10.32 -17.69 -23.65
N PHE C 163 10.53 -18.00 -24.93
CA PHE C 163 11.38 -19.12 -25.30
C PHE C 163 12.81 -18.90 -24.83
N GLN C 164 13.41 -19.94 -24.28
CA GLN C 164 14.86 -19.95 -24.11
C GLN C 164 15.51 -20.23 -25.46
N GLY C 165 16.64 -19.58 -25.71
CA GLY C 165 17.30 -19.68 -27.00
C GLY C 165 17.95 -18.36 -27.36
N GLY C 166 17.75 -17.91 -28.59
CA GLY C 166 18.31 -16.66 -29.04
C GLY C 166 18.84 -16.80 -30.45
N LYS C 167 19.52 -15.74 -30.91
CA LYS C 167 19.99 -15.68 -32.28
C LYS C 167 21.35 -14.97 -32.31
N ALA C 168 22.31 -15.58 -33.00
CA ALA C 168 23.60 -14.96 -33.36
C ALA C 168 24.33 -14.58 -32.08
N GLY C 169 24.84 -13.35 -31.95
CA GLY C 169 25.68 -12.97 -30.84
C GLY C 169 27.10 -12.70 -31.30
N TRP C 170 27.35 -11.46 -31.76
CA TRP C 170 28.63 -11.07 -32.34
C TRP C 170 28.97 -11.94 -33.55
N GLY C 171 28.11 -11.87 -34.56
CA GLY C 171 28.25 -12.71 -35.73
C GLY C 171 28.33 -14.18 -35.38
N GLY C 172 27.21 -14.73 -34.90
CA GLY C 172 27.20 -16.06 -34.32
C GLY C 172 26.70 -17.14 -35.26
N HIS C 173 27.21 -18.35 -35.05
CA HIS C 173 26.75 -19.53 -35.76
C HIS C 173 25.50 -20.13 -35.13
N ASN C 174 25.24 -19.84 -33.85
CA ASN C 174 24.09 -20.41 -33.17
C ASN C 174 22.79 -20.00 -33.84
N SER C 175 21.86 -20.93 -33.91
CA SER C 175 20.58 -20.64 -34.56
C SER C 175 19.47 -20.49 -33.52
N THR C 176 19.15 -21.58 -32.83
CA THR C 176 18.02 -21.67 -31.90
C THR C 176 16.81 -20.96 -32.47
N ASP C 177 16.59 -21.11 -33.78
CA ASP C 177 15.48 -20.49 -34.50
C ASP C 177 14.14 -21.17 -34.21
N GLY C 178 14.13 -22.07 -33.25
CA GLY C 178 12.92 -22.75 -32.84
C GLY C 178 13.11 -23.39 -31.49
N PRO C 179 12.00 -23.68 -30.80
CA PRO C 179 12.13 -24.38 -29.51
C PRO C 179 12.61 -25.81 -29.67
N GLY C 180 12.28 -26.44 -30.80
CA GLY C 180 12.56 -27.84 -31.03
C GLY C 180 11.27 -28.62 -31.19
N ASP C 181 11.43 -29.91 -31.45
CA ASP C 181 10.29 -30.82 -31.48
C ASP C 181 9.93 -31.35 -30.11
N THR C 182 10.74 -31.07 -29.09
CA THR C 182 10.49 -31.49 -27.72
C THR C 182 10.93 -30.38 -26.79
N TYR C 183 9.99 -29.80 -26.05
CA TYR C 183 10.32 -28.72 -25.12
C TYR C 183 9.30 -28.68 -23.99
N LEU C 184 9.66 -27.97 -22.93
CA LEU C 184 8.83 -27.83 -21.74
C LEU C 184 8.62 -26.35 -21.44
N LEU C 185 7.39 -25.98 -21.11
CA LEU C 185 7.02 -24.60 -20.83
C LEU C 185 6.47 -24.49 -19.42
N HIS C 186 6.85 -23.41 -18.73
CA HIS C 186 6.47 -23.18 -17.34
C HIS C 186 5.53 -21.97 -17.30
N VAL C 187 4.27 -22.21 -16.93
CA VAL C 187 3.22 -21.20 -16.91
C VAL C 187 3.01 -20.74 -15.47
N ARG C 188 3.14 -19.44 -15.23
CA ARG C 188 3.00 -18.89 -13.89
C ARG C 188 2.54 -17.45 -13.97
N GLY C 189 1.61 -17.08 -13.09
CA GLY C 189 1.11 -15.72 -13.03
C GLY C 189 0.92 -15.24 -11.60
N THR C 190 1.33 -13.99 -11.33
CA THR C 190 1.14 -13.37 -10.03
C THR C 190 -0.06 -12.43 -10.00
N SER C 191 -0.88 -12.43 -11.05
CA SER C 191 -2.11 -11.66 -11.08
C SER C 191 -2.98 -12.24 -12.20
N GLN C 192 -3.92 -11.44 -12.70
CA GLN C 192 -4.77 -11.86 -13.82
C GLN C 192 -4.20 -11.48 -15.17
N TYR C 193 -3.01 -10.88 -15.20
CA TYR C 193 -2.40 -10.47 -16.47
C TYR C 193 -0.92 -10.80 -16.53
N ASN C 194 -0.38 -11.58 -15.59
CA ASN C 194 1.05 -11.85 -15.52
C ASN C 194 1.39 -13.29 -15.84
N THR C 195 0.51 -14.00 -16.55
CA THR C 195 0.83 -15.36 -16.98
C THR C 195 2.06 -15.35 -17.85
N LYS C 196 3.12 -16.02 -17.38
CA LYS C 196 4.45 -15.91 -17.98
C LYS C 196 4.95 -17.31 -18.33
N ALA C 197 4.63 -17.76 -19.54
CA ALA C 197 5.13 -19.04 -20.03
C ALA C 197 6.59 -18.88 -20.42
N GLU C 198 7.48 -19.56 -19.68
CA GLU C 198 8.92 -19.50 -19.94
C GLU C 198 9.44 -20.92 -20.15
N GLN C 199 10.14 -21.11 -21.27
CA GLN C 199 10.75 -22.41 -21.55
C GLN C 199 11.87 -22.68 -20.56
N VAL C 200 11.93 -23.92 -20.08
CA VAL C 200 12.91 -24.34 -19.07
C VAL C 200 13.56 -25.63 -19.54
N PRO C 201 14.60 -26.12 -18.87
CA PRO C 201 15.14 -27.45 -19.21
C PRO C 201 14.05 -28.50 -19.11
N CYS C 202 13.94 -29.32 -20.16
CA CYS C 202 12.93 -30.39 -20.23
C CYS C 202 13.38 -31.58 -19.37
N ARG C 203 13.58 -31.30 -18.09
CA ARG C 203 13.95 -32.31 -17.11
C ARG C 203 12.91 -32.32 -16.00
N ALA C 204 12.83 -33.44 -15.29
CA ALA C 204 11.78 -33.62 -14.28
C ALA C 204 11.98 -32.70 -13.08
N GLU C 205 13.23 -32.34 -12.77
CA GLU C 205 13.49 -31.47 -11.63
C GLU C 205 12.89 -30.08 -11.83
N SER C 206 12.64 -29.68 -13.07
CA SER C 206 12.12 -28.35 -13.39
C SER C 206 10.61 -28.28 -13.32
N LEU C 207 9.99 -28.93 -12.33
CA LEU C 207 8.55 -28.96 -12.19
C LEU C 207 8.17 -28.34 -10.84
N ASN C 208 7.14 -27.48 -10.87
CA ASN C 208 6.66 -26.77 -9.69
C ASN C 208 5.16 -26.96 -9.57
N SER C 209 4.65 -26.82 -8.34
CA SER C 209 3.25 -27.08 -8.03
C SER C 209 2.39 -25.82 -8.02
N ASN C 210 2.95 -24.68 -7.61
CA ASN C 210 2.26 -23.41 -7.75
C ASN C 210 1.94 -23.05 -9.19
N ASP C 211 2.31 -23.90 -10.13
CA ASP C 211 2.22 -23.57 -11.55
C ASP C 211 1.83 -24.81 -12.33
N VAL C 212 1.49 -24.61 -13.61
CA VAL C 212 1.25 -25.72 -14.51
C VAL C 212 2.38 -25.78 -15.54
N PHE C 213 2.36 -26.82 -16.36
CA PHE C 213 3.39 -27.01 -17.36
C PHE C 213 2.78 -27.58 -18.64
N VAL C 214 3.53 -27.48 -19.73
CA VAL C 214 3.16 -28.02 -21.02
C VAL C 214 4.39 -28.72 -21.60
N LEU C 215 4.19 -29.94 -22.11
CA LEU C 215 5.25 -30.71 -22.73
C LEU C 215 4.85 -31.03 -24.17
N PHE C 216 5.70 -30.67 -25.11
CA PHE C 216 5.54 -31.02 -26.52
C PHE C 216 6.43 -32.22 -26.85
N SER C 217 5.84 -33.24 -27.47
CA SER C 217 6.59 -34.40 -27.91
C SER C 217 6.02 -34.88 -29.24
N LYS C 218 6.86 -35.58 -30.02
CA LYS C 218 6.45 -36.04 -31.34
C LYS C 218 5.30 -37.03 -31.26
N GLY C 219 5.34 -37.94 -30.28
CA GLY C 219 4.26 -38.90 -30.14
C GLY C 219 2.96 -38.25 -29.71
N GLY C 220 3.03 -37.31 -28.77
CA GLY C 220 1.85 -36.61 -28.30
C GLY C 220 2.23 -35.40 -27.50
N THR C 221 1.28 -34.48 -27.38
CA THR C 221 1.44 -33.28 -26.57
C THR C 221 0.65 -33.46 -25.28
N TYR C 222 1.30 -33.19 -24.15
CA TYR C 222 0.69 -33.43 -22.85
C TYR C 222 0.77 -32.16 -22.00
N VAL C 223 -0.19 -32.02 -21.09
CA VAL C 223 -0.25 -30.90 -20.16
C VAL C 223 -0.21 -31.46 -18.74
N TRP C 224 0.34 -30.67 -17.83
CA TRP C 224 0.52 -31.05 -16.44
C TRP C 224 -0.15 -30.01 -15.55
N ALA C 225 -0.65 -30.45 -14.39
CA ALA C 225 -1.35 -29.58 -13.46
C ALA C 225 -0.79 -29.76 -12.07
N GLY C 226 -0.40 -28.65 -11.44
CA GLY C 226 0.07 -28.67 -10.08
C GLY C 226 -1.10 -28.64 -9.10
N LYS C 227 -0.77 -28.31 -7.84
CA LYS C 227 -1.78 -28.22 -6.80
C LYS C 227 -2.14 -26.76 -6.51
N GLY C 228 -1.14 -25.93 -6.22
CA GLY C 228 -1.36 -24.51 -6.07
C GLY C 228 -1.52 -23.82 -7.41
N CYS C 229 -1.78 -24.61 -8.44
CA CYS C 229 -2.11 -24.11 -9.78
C CYS C 229 -3.25 -23.11 -9.71
N THR C 230 -2.95 -21.85 -10.01
CA THR C 230 -4.01 -20.86 -10.11
C THR C 230 -4.77 -21.05 -11.42
N GLY C 231 -5.95 -20.43 -11.50
CA GLY C 231 -6.78 -20.61 -12.68
C GLY C 231 -6.14 -20.05 -13.93
N ASP C 232 -5.49 -18.88 -13.82
CA ASP C 232 -4.87 -18.23 -14.98
C ASP C 232 -3.74 -19.08 -15.54
N GLU C 233 -2.93 -19.68 -14.68
CA GLU C 233 -1.91 -20.62 -15.16
C GLU C 233 -2.54 -21.79 -15.89
N ARG C 234 -3.63 -22.32 -15.35
CA ARG C 234 -4.34 -23.40 -16.03
C ARG C 234 -4.95 -22.91 -17.33
N GLU C 235 -5.32 -21.62 -17.39
CA GLU C 235 -6.13 -21.12 -18.50
C GLU C 235 -5.32 -21.06 -19.79
N MET C 236 -4.13 -20.47 -19.74
CA MET C 236 -3.33 -20.32 -20.95
C MET C 236 -2.72 -21.64 -21.42
N ALA C 237 -2.40 -22.54 -20.50
CA ALA C 237 -1.67 -23.76 -20.86
C ALA C 237 -2.38 -24.55 -21.95
N LYS C 238 -3.71 -24.64 -21.86
CA LYS C 238 -4.47 -25.36 -22.88
C LYS C 238 -4.40 -24.64 -24.23
N LYS C 239 -4.43 -23.31 -24.24
CA LYS C 239 -4.46 -22.58 -25.49
C LYS C 239 -3.13 -22.68 -26.23
N ILE C 240 -2.01 -22.68 -25.50
CA ILE C 240 -0.71 -22.89 -26.14
C ILE C 240 -0.64 -24.28 -26.77
N ALA C 241 -1.11 -25.28 -26.03
CA ALA C 241 -1.10 -26.66 -26.51
C ALA C 241 -2.08 -26.92 -27.65
N SER C 242 -2.94 -25.96 -27.98
CA SER C 242 -4.00 -26.21 -28.95
C SER C 242 -3.45 -26.51 -30.34
N LYS C 243 -2.33 -25.87 -30.70
CA LYS C 243 -1.86 -25.89 -32.08
C LYS C 243 -1.32 -27.25 -32.51
N SER C 244 -0.97 -28.13 -31.57
CA SER C 244 -0.43 -29.44 -31.93
C SER C 244 -1.42 -30.16 -32.83
N PRO C 245 -0.97 -31.19 -33.54
CA PRO C 245 -1.90 -32.01 -34.32
C PRO C 245 -2.33 -33.29 -33.61
N LYS C 246 -2.15 -33.37 -32.28
CA LYS C 246 -2.48 -34.56 -31.51
C LYS C 246 -3.44 -34.30 -30.36
N GLY C 247 -3.21 -33.25 -29.58
CA GLY C 247 -4.21 -32.96 -28.56
C GLY C 247 -3.57 -32.90 -27.19
N TYR C 248 -3.95 -31.91 -26.41
CA TYR C 248 -3.51 -31.86 -25.03
C TYR C 248 -3.99 -33.11 -24.31
N ILE C 249 -3.22 -33.55 -23.33
CA ILE C 249 -3.59 -34.69 -22.50
C ILE C 249 -3.20 -34.40 -21.05
N MET C 250 -4.09 -33.74 -20.31
CA MET C 250 -3.74 -33.21 -19.00
C MET C 250 -3.48 -34.31 -17.98
N ILE C 251 -2.59 -34.01 -17.03
CA ILE C 251 -2.22 -34.89 -15.93
C ILE C 251 -2.26 -34.08 -14.63
N VAL C 252 -2.35 -34.79 -13.51
CA VAL C 252 -2.44 -34.16 -12.19
C VAL C 252 -1.26 -34.65 -11.35
N GLU C 253 -0.89 -33.84 -10.36
CA GLU C 253 0.25 -34.12 -9.50
C GLU C 253 -0.14 -35.24 -8.54
N GLY C 254 0.45 -36.41 -8.74
CA GLY C 254 0.01 -37.65 -8.10
C GLY C 254 -0.58 -38.66 -9.06
N GLN C 255 -1.02 -38.24 -10.24
CA GLN C 255 -1.48 -39.15 -11.28
C GLN C 255 -0.49 -39.27 -12.42
N GLU C 256 0.75 -38.86 -12.20
CA GLU C 256 1.76 -38.83 -13.25
C GLU C 256 1.97 -40.22 -13.84
N LYS C 257 1.59 -40.39 -15.11
CA LYS C 257 1.69 -41.66 -15.80
C LYS C 257 3.16 -41.91 -16.17
N GLU C 258 3.42 -42.97 -16.93
CA GLU C 258 4.78 -43.34 -17.31
C GLU C 258 5.20 -42.82 -18.68
N GLU C 259 4.26 -42.68 -19.60
CA GLU C 259 4.54 -42.01 -20.87
C GLU C 259 5.14 -40.64 -20.64
N PHE C 260 4.97 -40.06 -19.45
CA PHE C 260 5.43 -38.72 -19.19
C PHE C 260 6.91 -38.70 -18.79
N TRP C 261 7.23 -39.22 -17.60
CA TRP C 261 8.58 -39.12 -17.02
C TRP C 261 9.67 -39.56 -17.98
N ASP C 262 9.38 -40.54 -18.83
CA ASP C 262 10.36 -40.95 -19.84
C ASP C 262 10.70 -39.78 -20.77
N LEU C 263 9.74 -38.92 -21.06
CA LEU C 263 10.02 -37.72 -21.84
C LEU C 263 10.65 -36.63 -21.00
N LEU C 264 10.57 -36.73 -19.68
CA LEU C 264 11.24 -35.80 -18.78
C LEU C 264 12.56 -36.37 -18.25
N GLY C 265 13.10 -37.39 -18.93
CA GLY C 265 14.35 -38.00 -18.55
C GLY C 265 14.29 -38.69 -17.20
N GLY C 266 13.23 -39.45 -16.96
CA GLY C 266 13.04 -40.10 -15.68
C GLY C 266 12.33 -39.22 -14.68
N LYS C 267 12.31 -39.70 -13.44
CA LYS C 267 11.65 -39.02 -12.34
C LYS C 267 12.67 -38.66 -11.27
N THR C 268 12.72 -37.37 -10.93
CA THR C 268 13.54 -36.87 -9.83
C THR C 268 12.69 -35.92 -9.00
N GLU C 269 13.15 -35.69 -7.76
CA GLU C 269 12.42 -34.81 -6.86
C GLU C 269 12.38 -33.40 -7.42
N TYR C 270 11.18 -32.90 -7.68
CA TYR C 270 10.98 -31.56 -8.19
C TYR C 270 10.65 -30.63 -7.02
N ALA C 271 9.64 -29.77 -7.10
CA ALA C 271 9.31 -28.84 -6.02
C ALA C 271 8.18 -29.45 -5.19
N SER C 272 8.54 -30.12 -4.10
CA SER C 272 7.60 -30.89 -3.30
C SER C 272 7.26 -30.25 -1.96
N ASP C 273 7.84 -29.10 -1.62
CA ASP C 273 7.38 -28.38 -0.45
C ASP C 273 5.95 -27.90 -0.68
N PHE C 274 5.07 -28.15 0.29
CA PHE C 274 3.64 -27.97 0.12
C PHE C 274 3.22 -26.54 -0.19
N SER C 275 4.10 -25.55 0.04
CA SER C 275 3.73 -24.16 -0.21
C SER C 275 3.21 -23.96 -1.63
N LEU C 276 3.88 -24.60 -2.59
CA LEU C 276 3.41 -24.62 -3.97
C LEU C 276 2.18 -25.49 -4.15
N LYS C 277 1.88 -26.38 -3.19
CA LYS C 277 0.68 -27.20 -3.31
C LYS C 277 -0.55 -26.46 -2.81
N GLN C 278 -0.42 -25.77 -1.68
CA GLN C 278 -1.54 -25.07 -1.08
C GLN C 278 -1.84 -23.78 -1.84
N ALA C 279 -3.12 -23.52 -2.07
CA ALA C 279 -3.53 -22.20 -2.53
C ALA C 279 -3.35 -21.20 -1.39
N GLU C 280 -2.97 -19.97 -1.75
CA GLU C 280 -2.59 -18.97 -0.75
C GLU C 280 -3.69 -18.70 0.28
N ASN C 281 -4.94 -19.07 -0.04
CA ASN C 281 -6.03 -18.87 0.91
C ASN C 281 -5.70 -19.46 2.28
N GLU C 282 -5.04 -20.62 2.27
CA GLU C 282 -4.76 -21.33 3.51
C GLU C 282 -3.28 -21.43 3.86
N HIS C 283 -2.37 -20.90 3.05
CA HIS C 283 -0.95 -20.99 3.36
C HIS C 283 -0.36 -19.61 3.66
N ARG C 284 0.81 -19.63 4.28
CA ARG C 284 1.54 -18.41 4.57
C ARG C 284 2.23 -17.91 3.30
N PRO C 285 2.17 -16.60 3.01
CA PRO C 285 2.86 -16.11 1.81
C PRO C 285 4.37 -16.20 1.94
N SER C 286 5.03 -16.31 0.80
CA SER C 286 6.49 -16.40 0.74
C SER C 286 7.10 -15.01 0.61
N ARG C 287 8.10 -14.73 1.44
CA ARG C 287 8.68 -13.40 1.56
C ARG C 287 10.19 -13.49 1.41
N LEU C 288 10.77 -12.52 0.68
CA LEU C 288 12.20 -12.47 0.42
C LEU C 288 12.75 -11.13 0.91
N PHE C 289 13.93 -11.18 1.55
CA PHE C 289 14.51 -10.00 2.18
C PHE C 289 16.00 -9.92 1.85
N GLN C 290 16.41 -8.84 1.20
CA GLN C 290 17.82 -8.61 0.89
C GLN C 290 18.50 -7.88 2.04
N CYS C 291 19.76 -8.25 2.30
CA CYS C 291 20.52 -7.70 3.41
C CYS C 291 21.89 -7.27 2.93
N SER C 292 22.28 -6.03 3.25
CA SER C 292 23.56 -5.50 2.83
C SER C 292 24.01 -4.41 3.78
N ASN C 293 25.34 -4.24 3.87
CA ASN C 293 25.96 -3.14 4.59
C ASN C 293 26.48 -2.06 3.65
N ALA C 294 26.21 -2.16 2.35
CA ALA C 294 26.79 -1.28 1.34
C ALA C 294 26.20 0.12 1.36
N SER C 295 25.07 0.31 2.03
CA SER C 295 24.53 1.66 2.26
C SER C 295 25.28 2.40 3.37
N GLY C 296 26.45 1.92 3.78
CA GLY C 296 27.11 2.41 4.97
C GLY C 296 26.56 1.84 6.25
N VAL C 297 25.36 1.25 6.21
CA VAL C 297 24.68 0.74 7.39
C VAL C 297 23.97 -0.53 6.96
N PHE C 298 24.05 -1.57 7.79
CA PHE C 298 23.36 -2.81 7.50
C PHE C 298 21.86 -2.56 7.44
N LYS C 299 21.23 -3.04 6.37
CA LYS C 299 19.82 -2.80 6.12
C LYS C 299 19.17 -4.09 5.64
N ALA C 300 17.84 -4.05 5.52
CA ALA C 300 17.09 -5.20 5.03
C ALA C 300 15.81 -4.68 4.38
N GLU C 301 15.65 -4.95 3.09
CA GLU C 301 14.47 -4.58 2.33
C GLU C 301 13.62 -5.82 2.08
N GLU C 302 12.55 -5.66 1.30
CA GLU C 302 11.69 -6.77 0.92
C GLU C 302 11.35 -6.65 -0.56
N ILE C 303 11.22 -7.81 -1.21
CA ILE C 303 10.91 -7.89 -2.64
C ILE C 303 9.52 -8.45 -2.80
N VAL C 304 8.68 -7.77 -3.58
CA VAL C 304 7.34 -8.24 -3.92
C VAL C 304 7.37 -8.68 -5.38
N ASP C 305 6.60 -9.73 -5.68
CA ASP C 305 6.68 -10.41 -6.98
C ASP C 305 8.11 -10.84 -7.26
N PHE C 306 8.75 -11.38 -6.22
CA PHE C 306 10.17 -11.72 -6.27
C PHE C 306 10.46 -12.79 -7.31
N VAL C 307 11.62 -12.66 -7.95
CA VAL C 307 12.08 -13.58 -8.98
C VAL C 307 13.59 -13.79 -8.82
N GLN C 308 14.18 -14.53 -9.76
CA GLN C 308 15.59 -14.88 -9.66
C GLN C 308 16.49 -13.66 -9.90
N GLU C 309 16.11 -12.78 -10.83
CA GLU C 309 16.95 -11.64 -11.16
C GLU C 309 17.17 -10.72 -9.97
N ASP C 310 16.22 -10.66 -9.04
CA ASP C 310 16.32 -9.78 -7.88
C ASP C 310 17.39 -10.21 -6.89
N LEU C 311 18.16 -11.25 -7.18
CA LEU C 311 19.29 -11.64 -6.34
C LEU C 311 20.54 -10.92 -6.80
N VAL C 312 21.42 -10.64 -5.84
CA VAL C 312 22.71 -10.02 -6.11
C VAL C 312 23.79 -10.93 -5.51
N PRO C 313 24.78 -11.36 -6.30
CA PRO C 313 25.81 -12.26 -5.77
C PRO C 313 26.73 -11.58 -4.77
N GLU C 314 26.54 -10.28 -4.56
CA GLU C 314 27.37 -9.51 -3.64
C GLU C 314 26.73 -9.31 -2.27
N ASP C 315 25.49 -9.74 -2.07
CA ASP C 315 24.81 -9.56 -0.80
C ASP C 315 24.03 -10.81 -0.43
N VAL C 316 23.66 -10.90 0.84
CA VAL C 316 22.98 -12.07 1.38
C VAL C 316 21.47 -11.86 1.31
N PHE C 317 20.72 -12.96 1.37
CA PHE C 317 19.27 -12.93 1.26
C PHE C 317 18.65 -13.85 2.30
N ILE C 318 17.35 -13.65 2.52
CA ILE C 318 16.58 -14.41 3.51
C ILE C 318 15.18 -14.65 2.96
N LEU C 319 14.66 -15.86 3.16
CA LEU C 319 13.37 -16.27 2.60
C LEU C 319 12.44 -16.75 3.71
N ASP C 320 11.15 -16.82 3.38
CA ASP C 320 10.12 -17.28 4.29
C ASP C 320 9.26 -18.31 3.57
N ALA C 321 9.19 -19.52 4.13
CA ALA C 321 8.34 -20.58 3.60
C ALA C 321 7.45 -21.17 4.69
N ASP C 322 7.27 -20.47 5.81
CA ASP C 322 6.55 -20.96 6.98
C ASP C 322 7.21 -22.22 7.53
N HIS C 323 7.26 -23.27 6.72
CA HIS C 323 7.96 -24.49 7.14
C HIS C 323 9.45 -24.27 7.26
N THR C 324 10.04 -23.50 6.35
CA THR C 324 11.49 -23.36 6.29
C THR C 324 11.88 -21.90 6.09
N ILE C 325 13.01 -21.53 6.67
CA ILE C 325 13.60 -20.21 6.53
C ILE C 325 15.01 -20.38 5.97
N TYR C 326 15.25 -19.83 4.78
CA TYR C 326 16.53 -19.97 4.11
C TYR C 326 17.33 -18.69 4.21
N VAL C 327 18.65 -18.83 4.06
CA VAL C 327 19.58 -17.71 3.95
C VAL C 327 20.49 -17.99 2.75
N TRP C 328 20.37 -17.16 1.71
CA TRP C 328 21.10 -17.34 0.47
C TRP C 328 22.34 -16.45 0.48
N LEU C 329 23.51 -17.07 0.35
CA LEU C 329 24.80 -16.37 0.44
C LEU C 329 25.42 -16.32 -0.94
N GLY C 330 25.47 -15.11 -1.51
CA GLY C 330 26.23 -14.92 -2.74
C GLY C 330 27.71 -15.00 -2.49
N ASN C 331 28.44 -15.45 -3.52
CA ASN C 331 29.89 -15.65 -3.38
C ASN C 331 30.60 -14.34 -3.05
N GLU C 332 30.22 -13.25 -3.71
CA GLU C 332 30.88 -11.97 -3.52
C GLU C 332 30.45 -11.24 -2.25
N ALA C 333 29.59 -11.85 -1.44
CA ALA C 333 29.13 -11.18 -0.22
C ALA C 333 30.27 -11.04 0.78
N ARG C 334 30.24 -9.94 1.52
CA ARG C 334 31.26 -9.68 2.52
C ARG C 334 31.17 -10.67 3.67
N ASN C 335 32.31 -10.88 4.35
CA ASN C 335 32.30 -11.67 5.58
C ASN C 335 31.43 -11.00 6.64
N ASP C 336 31.62 -9.70 6.84
CA ASP C 336 30.80 -8.97 7.82
C ASP C 336 29.34 -8.91 7.38
N GLU C 337 29.10 -8.82 6.07
CA GLU C 337 27.72 -8.88 5.57
C GLU C 337 27.12 -10.26 5.80
N LYS C 338 27.92 -11.32 5.67
CA LYS C 338 27.41 -12.68 5.84
C LYS C 338 26.87 -12.91 7.24
N GLN C 339 27.65 -12.54 8.26
CA GLN C 339 27.32 -12.88 9.63
C GLN C 339 26.02 -12.20 10.09
N MET C 340 25.94 -10.88 9.92
CA MET C 340 24.81 -10.13 10.46
C MET C 340 23.49 -10.62 9.89
N ALA C 341 23.49 -11.19 8.69
CA ALA C 341 22.26 -11.74 8.12
C ALA C 341 21.78 -12.94 8.95
N MET C 342 22.70 -13.86 9.26
CA MET C 342 22.34 -14.99 10.11
C MET C 342 21.91 -14.51 11.49
N ASP C 343 22.70 -13.61 12.10
CA ASP C 343 22.33 -13.05 13.39
C ASP C 343 20.97 -12.35 13.30
N THR C 344 20.68 -11.71 12.16
CA THR C 344 19.35 -11.16 11.95
C THR C 344 18.32 -12.28 11.76
N ALA C 345 18.69 -13.33 11.02
CA ALA C 345 17.78 -14.45 10.81
C ALA C 345 17.41 -15.12 12.13
N ILE C 346 18.31 -15.11 13.10
CA ILE C 346 17.98 -15.61 14.43
C ILE C 346 16.91 -14.74 15.06
N GLU C 347 17.09 -13.41 14.97
CA GLU C 347 16.17 -12.46 15.58
C GLU C 347 14.89 -12.26 14.78
N TYR C 348 14.74 -12.94 13.64
CA TYR C 348 13.56 -12.73 12.81
C TYR C 348 12.35 -13.49 13.34
N LEU C 349 12.48 -14.81 13.48
CA LEU C 349 11.31 -15.65 13.71
C LEU C 349 10.76 -15.48 15.13
N GLU C 350 11.62 -15.18 16.10
CA GLU C 350 11.15 -15.00 17.47
C GLU C 350 10.11 -13.88 17.55
N SER C 351 10.30 -12.83 16.76
CA SER C 351 9.38 -11.70 16.77
C SER C 351 8.05 -12.01 16.11
N ASP C 352 7.92 -13.16 15.46
CA ASP C 352 6.69 -13.49 14.74
C ASP C 352 5.55 -13.75 15.71
N PRO C 353 4.46 -13.00 15.65
CA PRO C 353 3.29 -13.28 16.49
C PRO C 353 2.23 -14.13 15.80
N SER C 354 2.47 -14.54 14.55
CA SER C 354 1.43 -15.23 13.79
C SER C 354 1.10 -16.59 14.41
N GLY C 355 2.12 -17.38 14.72
CA GLY C 355 1.90 -18.68 15.33
C GLY C 355 2.51 -19.83 14.56
N ARG C 356 3.83 -19.95 14.60
CA ARG C 356 4.53 -21.07 14.01
C ARG C 356 5.55 -21.59 15.00
N ASP C 357 6.01 -22.82 14.77
CA ASP C 357 6.99 -23.47 15.64
C ASP C 357 8.23 -22.58 15.79
N PRO C 358 8.56 -22.16 17.01
CA PRO C 358 9.68 -21.21 17.18
C PRO C 358 11.02 -21.76 16.73
N ASP C 359 11.26 -23.05 16.89
CA ASP C 359 12.55 -23.65 16.52
C ASP C 359 12.48 -24.28 15.13
N THR C 360 12.14 -23.43 14.13
CA THR C 360 12.06 -23.81 12.73
C THR C 360 13.43 -23.62 12.06
N PRO C 361 13.74 -24.38 11.00
CA PRO C 361 15.12 -24.43 10.52
C PRO C 361 15.58 -23.18 9.78
N ILE C 362 16.89 -22.96 9.82
CA ILE C 362 17.54 -21.85 9.14
C ILE C 362 18.76 -22.42 8.42
N MET C 363 18.62 -22.67 7.12
CA MET C 363 19.64 -23.35 6.33
C MET C 363 20.31 -22.36 5.38
N THR C 364 21.64 -22.37 5.36
CA THR C 364 22.43 -21.42 4.57
C THR C 364 22.68 -22.02 3.19
N VAL C 365 21.81 -21.69 2.23
CA VAL C 365 22.04 -22.08 0.85
C VAL C 365 23.08 -21.16 0.22
N LYS C 366 23.98 -21.74 -0.56
CA LYS C 366 25.03 -20.97 -1.22
C LYS C 366 24.69 -20.78 -2.70
N GLN C 367 25.41 -19.86 -3.33
CA GLN C 367 25.14 -19.50 -4.72
C GLN C 367 25.54 -20.64 -5.65
N GLY C 368 24.63 -21.02 -6.53
CA GLY C 368 24.83 -22.14 -7.43
C GLY C 368 24.31 -23.46 -6.92
N TYR C 369 24.67 -23.81 -5.68
CA TYR C 369 24.23 -25.06 -5.07
C TYR C 369 22.88 -24.81 -4.39
N GLU C 370 21.84 -24.70 -5.22
CA GLU C 370 20.51 -24.36 -4.72
C GLU C 370 19.59 -25.56 -4.74
N PRO C 371 18.88 -25.84 -3.64
CA PRO C 371 17.98 -26.99 -3.61
C PRO C 371 16.78 -26.76 -4.51
N PRO C 372 16.12 -27.84 -4.96
CA PRO C 372 14.98 -27.69 -5.88
C PRO C 372 13.74 -27.07 -5.26
N ASP C 373 13.71 -26.82 -3.94
CA ASP C 373 12.58 -26.16 -3.31
C ASP C 373 12.78 -24.66 -3.15
N PHE C 374 14.00 -24.23 -2.79
CA PHE C 374 14.31 -22.82 -2.77
C PHE C 374 13.98 -22.17 -4.10
N VAL C 375 14.34 -22.84 -5.21
CA VAL C 375 14.06 -22.34 -6.54
C VAL C 375 12.57 -22.41 -6.87
N GLY C 376 11.80 -23.22 -6.14
CA GLY C 376 10.39 -23.34 -6.43
C GLY C 376 9.58 -22.14 -5.99
N HIS C 377 10.00 -21.47 -4.91
CA HIS C 377 9.30 -20.29 -4.46
C HIS C 377 9.51 -19.13 -5.42
N PHE C 378 10.73 -18.95 -5.91
CA PHE C 378 10.97 -18.09 -7.06
C PHE C 378 10.31 -18.70 -8.29
N GLY C 379 10.26 -17.94 -9.38
CA GLY C 379 9.62 -18.41 -10.59
C GLY C 379 10.41 -19.50 -11.29
N VAL C 380 10.61 -19.35 -12.60
CA VAL C 380 11.50 -20.27 -13.29
C VAL C 380 12.94 -19.97 -12.89
N TRP C 381 13.76 -21.01 -12.85
CA TRP C 381 15.14 -20.88 -12.40
C TRP C 381 16.06 -21.30 -13.55
N ASP C 382 16.91 -20.38 -13.98
CA ASP C 382 17.93 -20.66 -14.99
C ASP C 382 19.22 -21.08 -14.27
N ARG C 383 19.65 -22.31 -14.52
CA ARG C 383 20.89 -22.83 -13.94
C ARG C 383 22.12 -22.49 -14.77
N GLN C 384 21.95 -21.91 -15.95
CA GLN C 384 23.08 -21.54 -16.79
C GLN C 384 23.84 -20.34 -16.26
N LEU C 385 23.38 -19.73 -15.17
CA LEU C 385 24.07 -18.55 -14.58
C LEU C 385 25.20 -19.00 -13.67
N TRP C 386 24.86 -19.51 -12.48
CA TRP C 386 25.84 -19.88 -11.47
C TRP C 386 25.97 -21.38 -11.28
N SER C 387 25.15 -22.19 -11.95
CA SER C 387 25.20 -23.64 -11.84
C SER C 387 25.69 -24.31 -13.11
N HIS C 388 26.19 -23.54 -14.08
CA HIS C 388 26.77 -24.08 -15.31
C HIS C 388 25.83 -25.03 -16.04
N GLY C 389 24.53 -24.80 -15.92
CA GLY C 389 23.53 -25.56 -16.66
C GLY C 389 23.06 -26.81 -15.94
N MET C 390 23.92 -27.36 -15.09
CA MET C 390 23.63 -28.60 -14.40
C MET C 390 22.45 -28.45 -13.45
N SER C 391 21.66 -29.51 -13.33
CA SER C 391 20.57 -29.55 -12.37
C SER C 391 21.12 -29.83 -10.98
N TYR C 392 20.24 -29.84 -9.98
CA TYR C 392 20.67 -30.12 -8.62
C TYR C 392 21.16 -31.56 -8.49
N ALA C 393 20.51 -32.49 -9.19
CA ALA C 393 20.93 -33.88 -9.15
C ALA C 393 22.31 -34.05 -9.79
N GLU C 394 22.48 -33.51 -11.00
CA GLU C 394 23.78 -33.56 -11.66
C GLU C 394 24.85 -32.86 -10.85
N LEU C 395 24.48 -31.80 -10.12
CA LEU C 395 25.43 -31.16 -9.23
C LEU C 395 25.83 -32.09 -8.10
N LYS C 396 24.87 -32.84 -7.54
CA LYS C 396 25.18 -33.74 -6.44
C LYS C 396 26.13 -34.85 -6.87
N LYS C 397 26.02 -35.29 -8.13
CA LYS C 397 26.89 -36.36 -8.61
C LYS C 397 28.34 -35.88 -8.71
N GLU C 398 28.56 -34.78 -9.43
CA GLU C 398 29.92 -34.29 -9.68
C GLU C 398 30.50 -33.61 -8.46
N LEU C 399 29.81 -32.59 -7.93
CA LEU C 399 30.34 -31.85 -6.79
C LEU C 399 30.34 -32.67 -5.51
N GLY C 400 29.37 -33.58 -5.37
CA GLY C 400 29.28 -34.41 -4.18
C GLY C 400 27.95 -34.30 -3.44
N GLU C 401 27.38 -35.44 -3.06
CA GLU C 401 26.18 -35.45 -2.24
C GLU C 401 26.38 -34.74 -0.91
N LYS C 402 27.63 -34.63 -0.44
CA LYS C 402 27.96 -34.09 0.87
C LYS C 402 28.51 -32.67 0.80
N ASN C 403 29.40 -32.39 -0.15
CA ASN C 403 30.01 -31.05 -0.22
C ASN C 403 28.97 -29.97 -0.44
N MET C 404 27.84 -30.32 -1.07
CA MET C 404 26.73 -29.38 -1.24
C MET C 404 25.77 -29.60 -0.08
N SER C 405 26.03 -28.92 1.03
CA SER C 405 25.25 -29.08 2.25
C SER C 405 24.47 -27.80 2.53
N MET C 406 23.15 -27.93 2.69
CA MET C 406 22.32 -26.84 3.16
C MET C 406 22.43 -26.73 4.68
N GLU C 407 23.63 -26.38 5.13
CA GLU C 407 23.95 -26.42 6.55
C GLU C 407 23.07 -25.45 7.33
N GLN C 408 22.71 -25.87 8.54
CA GLN C 408 21.85 -25.09 9.43
C GLN C 408 22.68 -24.55 10.59
N VAL C 409 22.61 -23.23 10.81
CA VAL C 409 23.30 -22.60 11.93
C VAL C 409 22.37 -22.62 13.13
N ARG C 410 22.90 -22.30 14.32
CA ARG C 410 22.15 -22.45 15.56
C ARG C 410 22.48 -21.29 16.49
N GLN C 411 21.88 -21.31 17.68
CA GLN C 411 22.18 -20.36 18.74
C GLN C 411 23.66 -20.41 19.13
N ASP D 5 30.17 -4.42 -51.18
CA ASP D 5 28.95 -4.47 -50.35
C ASP D 5 29.29 -4.59 -48.87
N GLU D 6 30.54 -4.92 -48.57
CA GLU D 6 30.94 -5.21 -47.19
C GLU D 6 32.28 -4.54 -46.89
N THR D 7 32.24 -3.44 -46.15
CA THR D 7 33.43 -2.68 -45.76
C THR D 7 33.49 -2.69 -44.23
N THR D 8 34.39 -3.51 -43.68
CA THR D 8 34.54 -3.59 -42.23
C THR D 8 35.03 -2.27 -41.68
N ALA D 9 34.31 -1.75 -40.67
CA ALA D 9 34.59 -0.44 -40.11
C ALA D 9 35.66 -0.56 -39.02
N LEU D 10 36.01 0.56 -38.41
CA LEU D 10 37.07 0.60 -37.41
C LEU D 10 36.66 1.53 -36.28
N VAL D 11 37.21 1.26 -35.11
CA VAL D 11 36.94 2.04 -33.90
C VAL D 11 38.24 2.23 -33.14
N CYS D 12 38.48 3.44 -32.68
CA CYS D 12 39.67 3.78 -31.91
C CYS D 12 39.24 4.58 -30.69
N ASP D 13 39.61 4.12 -29.50
CA ASP D 13 39.37 4.84 -28.27
C ASP D 13 40.62 5.65 -27.95
N ASN D 14 40.50 6.97 -28.07
CA ASN D 14 41.62 7.87 -27.81
C ASN D 14 41.78 8.00 -26.30
N GLY D 15 42.64 7.17 -25.73
CA GLY D 15 42.77 7.05 -24.28
C GLY D 15 43.91 7.89 -23.74
N SER D 16 43.70 8.43 -22.54
CA SER D 16 44.70 9.29 -21.92
C SER D 16 46.04 8.60 -21.77
N GLY D 17 46.02 7.30 -21.46
CA GLY D 17 47.25 6.56 -21.24
C GLY D 17 47.36 5.30 -22.05
N LEU D 18 46.23 4.80 -22.55
CA LEU D 18 46.18 3.54 -23.29
C LEU D 18 45.32 3.72 -24.54
N VAL D 19 45.82 3.24 -25.67
CA VAL D 19 45.07 3.29 -26.92
C VAL D 19 44.35 1.97 -27.09
N LYS D 20 43.02 2.01 -27.16
CA LYS D 20 42.21 0.82 -27.33
C LYS D 20 41.55 0.91 -28.71
N ALA D 21 41.92 0.01 -29.61
CA ALA D 21 41.45 0.07 -30.98
C ALA D 21 41.28 -1.32 -31.55
N GLY D 22 40.36 -1.44 -32.48
CA GLY D 22 40.07 -2.72 -33.10
C GLY D 22 39.05 -2.54 -34.20
N PHE D 23 38.64 -3.67 -34.76
CA PHE D 23 37.65 -3.69 -35.83
C PHE D 23 36.24 -3.73 -35.26
N ALA D 24 35.31 -3.09 -35.96
CA ALA D 24 33.94 -3.04 -35.50
C ALA D 24 33.28 -4.40 -35.68
N GLY D 25 32.39 -4.75 -34.75
CA GLY D 25 31.78 -6.06 -34.76
C GLY D 25 32.52 -7.11 -33.97
N ASP D 26 33.39 -6.71 -33.04
CA ASP D 26 34.17 -7.64 -32.24
C ASP D 26 33.78 -7.55 -30.77
N ASP D 27 34.05 -8.65 -30.06
CA ASP D 27 33.72 -8.72 -28.64
C ASP D 27 34.54 -7.72 -27.83
N ALA D 28 35.75 -7.41 -28.26
CA ALA D 28 36.67 -6.57 -27.51
C ALA D 28 37.73 -6.03 -28.46
N PRO D 29 38.41 -4.94 -28.10
CA PRO D 29 39.45 -4.40 -28.98
C PRO D 29 40.63 -5.35 -29.11
N ARG D 30 41.25 -5.33 -30.29
CA ARG D 30 42.37 -6.21 -30.59
C ARG D 30 43.72 -5.65 -30.14
N ALA D 31 43.86 -4.33 -30.03
CA ALA D 31 45.15 -3.73 -29.69
C ALA D 31 44.99 -2.75 -28.55
N VAL D 32 45.78 -2.94 -27.48
CA VAL D 32 45.83 -2.02 -26.35
C VAL D 32 47.30 -1.71 -26.08
N PHE D 33 47.71 -0.49 -26.42
CA PHE D 33 49.10 -0.06 -26.26
C PHE D 33 49.14 1.36 -25.72
N PRO D 34 50.19 1.71 -24.97
CA PRO D 34 50.21 3.01 -24.29
C PRO D 34 50.28 4.20 -25.24
N SER D 35 49.65 5.31 -24.82
CA SER D 35 49.60 6.52 -25.63
C SER D 35 50.82 7.41 -25.33
N ILE D 36 51.99 6.90 -25.70
CA ILE D 36 53.25 7.60 -25.49
C ILE D 36 54.15 7.39 -26.71
N VAL D 37 54.75 8.49 -27.19
CA VAL D 37 55.72 8.46 -28.28
C VAL D 37 56.95 9.25 -27.86
N GLY D 38 58.13 8.67 -28.08
CA GLY D 38 59.37 9.29 -27.66
C GLY D 38 60.37 9.40 -28.80
N ARG D 39 61.15 10.47 -28.75
CA ARG D 39 62.16 10.80 -29.75
C ARG D 39 63.46 11.15 -29.05
N PRO D 40 64.61 11.02 -29.75
CA PRO D 40 65.90 11.35 -29.13
C PRO D 40 66.08 12.85 -28.92
N SER D 54 59.87 8.46 -35.31
CA SER D 54 59.48 8.40 -33.90
C SER D 54 59.47 6.97 -33.37
N TYR D 55 59.40 6.85 -32.05
CA TYR D 55 59.46 5.58 -31.35
C TYR D 55 58.33 5.57 -30.33
N VAL D 56 57.43 4.60 -30.46
CA VAL D 56 56.13 4.64 -29.81
C VAL D 56 55.81 3.31 -29.13
N GLY D 57 55.06 3.37 -28.04
CA GLY D 57 54.58 2.19 -27.36
C GLY D 57 55.50 1.71 -26.26
N ASP D 58 55.27 0.46 -25.86
CA ASP D 58 56.09 -0.17 -24.83
C ASP D 58 57.55 -0.26 -25.23
N GLU D 59 57.86 -0.07 -26.51
CA GLU D 59 59.22 -0.11 -26.99
C GLU D 59 59.95 1.21 -26.81
N ALA D 60 59.22 2.31 -26.64
CA ALA D 60 59.84 3.55 -26.21
C ALA D 60 60.23 3.50 -24.75
N GLN D 61 59.47 2.77 -23.94
CA GLN D 61 59.79 2.62 -22.52
C GLN D 61 61.09 1.86 -22.32
N SER D 62 61.34 0.83 -23.13
CA SER D 62 62.47 -0.05 -22.90
C SER D 62 63.78 0.68 -23.11
N LYS D 63 63.87 1.46 -24.17
CA LYS D 63 65.00 2.36 -24.38
C LYS D 63 64.63 3.80 -24.01
N ARG D 64 64.10 3.97 -22.80
CA ARG D 64 63.60 5.27 -22.34
C ARG D 64 64.74 6.24 -22.09
N GLY D 65 65.80 5.78 -21.41
CA GLY D 65 66.82 6.68 -20.93
C GLY D 65 67.48 7.50 -22.02
N ILE D 66 67.42 7.02 -23.27
CA ILE D 66 68.03 7.71 -24.39
C ILE D 66 66.94 8.44 -25.16
N LEU D 67 65.82 8.69 -24.49
CA LEU D 67 64.64 9.29 -25.12
C LEU D 67 63.98 10.25 -24.13
N THR D 68 63.13 11.13 -24.66
CA THR D 68 62.36 12.11 -23.88
C THR D 68 60.88 12.03 -24.26
N LEU D 69 60.11 11.28 -23.47
CA LEU D 69 58.71 10.98 -23.74
C LEU D 69 57.79 12.18 -23.47
N LYS D 70 56.63 12.16 -24.13
CA LYS D 70 55.57 13.16 -23.95
C LYS D 70 54.22 12.49 -24.17
N TYR D 71 53.17 13.07 -23.58
CA TYR D 71 51.81 12.54 -23.68
C TYR D 71 50.93 13.50 -24.48
N PRO D 72 50.45 13.11 -25.67
CA PRO D 72 49.56 14.03 -26.39
C PRO D 72 48.23 14.22 -25.68
N ILE D 73 47.64 13.14 -25.18
CA ILE D 73 46.35 13.17 -24.50
C ILE D 73 46.59 13.00 -23.01
N GLU D 74 47.59 13.73 -22.50
CA GLU D 74 48.04 13.60 -21.11
C GLU D 74 46.90 13.73 -20.12
N GLY D 76 43.69 13.84 -21.52
CA GLY D 76 42.57 13.37 -22.32
C GLY D 76 42.23 14.13 -23.59
N ILE D 77 42.87 15.28 -23.80
CA ILE D 77 42.66 16.06 -25.01
C ILE D 77 43.96 16.10 -25.79
N ILE D 78 43.86 16.14 -27.11
CA ILE D 78 45.00 15.99 -27.99
C ILE D 78 45.74 17.31 -28.12
N THR D 79 47.06 17.27 -27.96
CA THR D 79 47.87 18.48 -28.11
C THR D 79 49.00 18.30 -29.13
N ASN D 80 49.80 17.24 -28.96
CA ASN D 80 50.91 16.96 -29.87
C ASN D 80 50.39 16.21 -31.10
N TRP D 81 49.80 16.98 -32.01
CA TRP D 81 49.15 16.40 -33.19
C TRP D 81 50.15 15.63 -34.04
N ASP D 82 51.34 16.19 -34.25
CA ASP D 82 52.32 15.54 -35.12
C ASP D 82 52.78 14.23 -34.51
N ASP D 83 52.91 14.18 -33.18
CA ASP D 83 53.15 12.91 -32.51
C ASP D 83 51.91 12.02 -32.57
N MET D 84 50.72 12.62 -32.44
CA MET D 84 49.49 11.85 -32.47
C MET D 84 49.29 11.19 -33.83
N GLU D 85 49.72 11.85 -34.91
CA GLU D 85 49.60 11.24 -36.23
C GLU D 85 50.40 9.95 -36.28
N LYS D 86 51.56 9.94 -35.64
CA LYS D 86 52.39 8.75 -35.54
C LYS D 86 51.70 7.67 -34.70
N ILE D 87 50.98 8.08 -33.66
CA ILE D 87 50.22 7.12 -32.86
C ILE D 87 49.20 6.40 -33.74
N TRP D 88 48.47 7.19 -34.55
CA TRP D 88 47.48 6.61 -35.45
C TRP D 88 48.13 5.67 -36.45
N HIS D 89 49.33 6.00 -36.93
CA HIS D 89 50.03 5.13 -37.86
C HIS D 89 50.39 3.81 -37.19
N HIS D 90 50.94 3.88 -35.97
CA HIS D 90 51.28 2.65 -35.26
C HIS D 90 50.04 1.82 -35.02
N THR D 91 48.92 2.47 -34.69
CA THR D 91 47.64 1.76 -34.54
C THR D 91 47.19 1.19 -35.87
N PHE D 92 47.09 2.05 -36.89
CA PHE D 92 46.51 1.64 -38.17
C PHE D 92 47.39 0.60 -38.88
N TYR D 93 48.68 0.88 -38.99
CA TYR D 93 49.56 0.09 -39.84
C TYR D 93 50.36 -0.97 -39.09
N ASN D 94 50.77 -0.70 -37.86
CA ASN D 94 51.63 -1.65 -37.16
C ASN D 94 50.86 -2.55 -36.20
N GLU D 95 50.01 -1.97 -35.36
CA GLU D 95 49.24 -2.79 -34.42
C GLU D 95 48.06 -3.48 -35.10
N LEU D 96 47.22 -2.72 -35.82
CA LEU D 96 46.04 -3.29 -36.44
C LEU D 96 46.32 -3.90 -37.81
N ARG D 97 47.44 -3.55 -38.45
CA ARG D 97 47.81 -4.06 -39.77
C ARG D 97 46.70 -3.80 -40.79
N VAL D 98 46.32 -2.54 -40.92
CA VAL D 98 45.18 -2.16 -41.75
C VAL D 98 45.57 -0.99 -42.66
N ALA D 99 44.74 -0.73 -43.66
CA ALA D 99 44.89 0.40 -44.55
C ALA D 99 43.72 1.36 -44.33
N PRO D 100 43.95 2.53 -43.72
CA PRO D 100 42.84 3.43 -43.40
C PRO D 100 42.06 3.88 -44.62
N GLU D 101 42.62 3.74 -45.82
CA GLU D 101 41.91 4.09 -47.05
C GLU D 101 40.79 3.11 -47.36
N GLU D 102 40.85 1.89 -46.82
CA GLU D 102 39.88 0.85 -47.14
C GLU D 102 38.78 0.70 -46.09
N HIS D 103 38.96 1.25 -44.88
CA HIS D 103 38.02 1.03 -43.79
C HIS D 103 37.54 2.34 -43.19
N PRO D 104 36.23 2.55 -43.04
CA PRO D 104 35.76 3.70 -42.26
C PRO D 104 36.19 3.58 -40.80
N THR D 105 36.09 4.69 -40.08
CA THR D 105 36.63 4.77 -38.72
C THR D 105 35.66 5.49 -37.79
N LEU D 106 35.64 5.04 -36.53
CA LEU D 106 34.88 5.66 -35.46
C LEU D 106 35.87 6.13 -34.40
N LEU D 107 35.87 7.42 -34.10
CA LEU D 107 36.79 8.03 -33.16
C LEU D 107 36.06 8.46 -31.90
N THR D 108 36.70 8.27 -30.75
CA THR D 108 36.11 8.66 -29.48
C THR D 108 36.57 10.06 -29.09
N GLU D 109 35.70 10.77 -28.38
CA GLU D 109 35.99 12.12 -27.91
C GLU D 109 35.61 12.28 -26.45
N ALA D 110 36.25 13.26 -25.81
CA ALA D 110 35.94 13.59 -24.43
C ALA D 110 34.51 14.15 -24.34
N PRO D 111 33.93 14.20 -23.14
CA PRO D 111 32.54 14.67 -23.02
C PRO D 111 32.31 16.06 -23.56
N LEU D 112 33.29 16.95 -23.47
CA LEU D 112 33.18 18.33 -23.96
C LEU D 112 34.41 18.67 -24.80
N ASN D 113 34.58 17.94 -25.90
CA ASN D 113 35.74 18.15 -26.76
C ASN D 113 35.65 19.50 -27.45
N PRO D 114 36.78 20.16 -27.67
CA PRO D 114 36.78 21.38 -28.48
C PRO D 114 36.20 21.11 -29.87
N LYS D 115 35.40 22.06 -30.35
CA LYS D 115 34.81 21.95 -31.69
C LYS D 115 35.87 21.78 -32.76
N ALA D 116 37.09 22.29 -32.54
CA ALA D 116 38.14 22.19 -33.53
C ALA D 116 39.05 20.98 -33.34
N ASN D 117 39.07 20.36 -32.16
CA ASN D 117 39.81 19.12 -31.99
C ASN D 117 39.26 18.03 -32.90
N ARG D 118 37.94 17.80 -32.86
CA ARG D 118 37.32 16.85 -33.78
C ARG D 118 37.50 17.31 -35.22
N GLU D 119 37.38 18.61 -35.48
CA GLU D 119 37.52 19.12 -36.84
C GLU D 119 38.93 18.86 -37.37
N LYS D 120 39.94 19.02 -36.51
CA LYS D 120 41.31 18.70 -36.92
C LYS D 120 41.51 17.20 -37.05
N MET D 121 40.81 16.41 -36.25
CA MET D 121 40.80 14.97 -36.44
C MET D 121 40.15 14.60 -37.77
N THR D 122 38.98 15.18 -38.03
CA THR D 122 38.31 15.00 -39.33
C THR D 122 39.27 15.24 -40.49
N GLN D 123 40.06 16.32 -40.40
CA GLN D 123 40.97 16.64 -41.49
C GLN D 123 42.11 15.63 -41.56
N ILE D 124 42.70 15.30 -40.42
CA ILE D 124 43.82 14.35 -40.40
C ILE D 124 43.39 13.01 -40.97
N MET D 125 42.18 12.56 -40.65
CA MET D 125 41.70 11.27 -41.14
C MET D 125 41.47 11.32 -42.66
N PHE D 126 40.71 12.31 -43.12
CA PHE D 126 40.36 12.40 -44.53
C PHE D 126 41.55 12.73 -45.43
N GLU D 127 42.66 13.22 -44.87
CA GLU D 127 43.76 13.74 -45.67
C GLU D 127 45.02 12.86 -45.53
N THR D 128 45.71 12.92 -44.39
CA THR D 128 46.95 12.17 -44.23
C THR D 128 46.73 10.66 -44.17
N PHE D 129 45.48 10.19 -44.07
CA PHE D 129 45.18 8.77 -44.05
C PHE D 129 44.17 8.34 -45.09
N ASN D 130 43.37 9.26 -45.64
CA ASN D 130 42.46 9.00 -46.76
C ASN D 130 41.36 8.02 -46.38
N VAL D 131 40.76 8.21 -45.20
CA VAL D 131 39.64 7.35 -44.80
C VAL D 131 38.41 7.68 -45.64
N PRO D 132 37.59 6.70 -46.02
CA PRO D 132 36.36 7.04 -46.77
C PRO D 132 35.40 7.89 -45.95
N ALA D 133 35.13 7.50 -44.70
CA ALA D 133 34.19 8.23 -43.86
C ALA D 133 34.66 8.15 -42.42
N MET D 134 33.97 8.88 -41.54
CA MET D 134 34.33 8.91 -40.14
C MET D 134 33.20 9.53 -39.34
N TYR D 135 33.20 9.24 -38.04
CA TYR D 135 32.25 9.82 -37.10
C TYR D 135 32.95 9.88 -35.74
N VAL D 136 32.62 10.90 -34.94
CA VAL D 136 33.18 11.08 -33.62
C VAL D 136 32.06 11.02 -32.60
N ALA D 137 32.25 10.22 -31.55
CA ALA D 137 31.23 9.99 -30.54
C ALA D 137 31.81 10.21 -29.15
N ILE D 138 30.94 10.64 -28.23
CA ILE D 138 31.35 10.92 -26.86
C ILE D 138 31.70 9.62 -26.15
N GLN D 139 32.85 9.59 -25.49
CA GLN D 139 33.31 8.40 -24.80
C GLN D 139 32.26 7.86 -23.82
N ALA D 140 31.57 8.76 -23.12
CA ALA D 140 30.65 8.33 -22.07
C ALA D 140 29.29 7.90 -22.60
N VAL D 141 28.86 8.45 -23.75
CA VAL D 141 27.60 8.00 -24.33
C VAL D 141 27.75 6.61 -24.93
N LEU D 142 28.96 6.25 -25.37
CA LEU D 142 29.21 4.88 -25.81
C LEU D 142 29.10 3.90 -24.66
N SER D 143 29.50 4.31 -23.45
CA SER D 143 29.54 3.39 -22.32
C SER D 143 28.13 3.03 -21.85
N LEU D 144 27.19 3.98 -21.89
CA LEU D 144 25.81 3.66 -21.54
C LEU D 144 25.19 2.67 -22.50
N TYR D 145 25.68 2.60 -23.74
CA TYR D 145 25.11 1.69 -24.72
C TYR D 145 25.50 0.25 -24.42
N ALA D 146 26.74 0.02 -23.97
CA ALA D 146 27.13 -1.31 -23.54
C ALA D 146 26.31 -1.77 -22.34
N SER D 147 25.98 -0.84 -21.44
CA SER D 147 25.09 -1.16 -20.33
C SER D 147 23.70 -1.54 -20.80
N GLY D 148 23.31 -1.13 -22.01
CA GLY D 148 21.97 -1.40 -22.50
C GLY D 148 20.94 -0.42 -22.00
N ARG D 149 21.31 0.84 -21.80
CA ARG D 149 20.42 1.84 -21.23
C ARG D 149 20.47 3.12 -22.05
N THR D 150 19.40 3.90 -21.94
CA THR D 150 19.35 5.23 -22.50
C THR D 150 19.43 6.33 -21.46
N THR D 151 19.12 6.01 -20.20
CA THR D 151 19.10 6.99 -19.12
C THR D 151 20.08 6.56 -18.03
N GLY D 152 20.94 7.46 -17.60
CA GLY D 152 21.90 7.12 -16.56
C GLY D 152 23.01 8.13 -16.47
N ILE D 153 23.77 8.01 -15.38
CA ILE D 153 24.97 8.79 -15.11
C ILE D 153 26.17 7.87 -15.19
N VAL D 154 27.17 8.28 -15.97
CA VAL D 154 28.35 7.46 -16.24
C VAL D 154 29.54 8.08 -15.50
N LEU D 155 30.44 7.22 -15.05
CA LEU D 155 31.71 7.63 -14.46
C LEU D 155 32.82 6.96 -15.25
N ASP D 156 33.59 7.73 -16.01
CA ASP D 156 34.66 7.23 -16.87
C ASP D 156 35.98 7.61 -16.23
N SER D 157 36.51 6.71 -15.41
CA SER D 157 37.76 6.96 -14.67
C SER D 157 38.90 6.33 -15.46
N GLY D 158 39.67 7.15 -16.16
CA GLY D 158 40.74 6.70 -17.01
C GLY D 158 42.11 6.83 -16.38
N ASP D 159 43.12 6.97 -17.24
CA ASP D 159 44.50 7.09 -16.75
C ASP D 159 44.81 8.51 -16.31
N GLY D 160 44.37 9.51 -17.07
CA GLY D 160 44.73 10.88 -16.77
C GLY D 160 43.56 11.79 -16.43
N VAL D 161 42.33 11.34 -16.64
CA VAL D 161 41.17 12.18 -16.44
C VAL D 161 39.98 11.32 -16.01
N THR D 162 39.05 11.94 -15.28
CA THR D 162 37.80 11.33 -14.86
C THR D 162 36.67 12.30 -15.16
N HIS D 163 35.52 11.76 -15.57
CA HIS D 163 34.39 12.58 -16.01
C HIS D 163 33.10 12.02 -15.44
N ASN D 164 32.20 12.93 -15.05
CA ASN D 164 30.84 12.58 -14.64
C ASN D 164 29.88 13.15 -15.69
N VAL D 165 29.20 12.27 -16.41
CA VAL D 165 28.38 12.69 -17.55
C VAL D 165 26.96 12.16 -17.37
N PRO D 166 26.02 13.00 -16.94
CA PRO D 166 24.62 12.56 -16.90
C PRO D 166 24.05 12.48 -18.32
N ILE D 167 23.29 11.41 -18.57
CA ILE D 167 22.69 11.15 -19.87
C ILE D 167 21.23 10.78 -19.67
N TYR D 168 20.35 11.41 -20.44
CA TYR D 168 18.92 11.11 -20.41
C TYR D 168 18.42 10.81 -21.82
N GLU D 169 17.69 9.69 -21.95
CA GLU D 169 17.07 9.26 -23.19
C GLU D 169 17.97 9.41 -24.40
N GLY D 170 19.24 9.02 -24.27
CA GLY D 170 20.15 8.89 -25.39
C GLY D 170 21.09 10.06 -25.59
N TYR D 171 20.82 11.20 -24.99
CA TYR D 171 21.64 12.38 -25.21
C TYR D 171 22.07 12.98 -23.88
N ALA D 172 23.29 13.51 -23.85
CA ALA D 172 23.86 14.02 -22.62
C ALA D 172 23.25 15.37 -22.24
N LEU D 173 23.29 15.67 -20.95
CA LEU D 173 22.93 16.98 -20.44
C LEU D 173 24.19 17.73 -20.09
N PRO D 174 24.67 18.65 -20.93
CA PRO D 174 25.96 19.30 -20.66
C PRO D 174 25.90 20.29 -19.51
N HIS D 175 24.72 20.66 -19.03
CA HIS D 175 24.67 21.55 -17.87
C HIS D 175 25.14 20.87 -16.60
N ALA D 176 25.45 19.56 -16.65
CA ALA D 176 25.94 18.84 -15.47
C ALA D 176 27.24 18.07 -15.70
N ILE D 177 27.81 18.09 -16.91
CA ILE D 177 29.07 17.39 -17.17
C ILE D 177 30.18 18.01 -16.34
N MET D 178 30.93 17.17 -15.63
CA MET D 178 32.00 17.61 -14.75
C MET D 178 33.30 16.89 -15.09
N ARG D 179 34.40 17.39 -14.55
CA ARG D 179 35.73 16.89 -14.90
C ARG D 179 36.63 16.95 -13.68
N LEU D 180 37.48 15.93 -13.52
CA LEU D 180 38.52 15.88 -12.49
C LEU D 180 39.77 15.24 -13.09
N ASP D 181 40.95 15.73 -12.70
CA ASP D 181 42.20 15.26 -13.28
C ASP D 181 42.86 14.19 -12.44
N LEU D 182 42.15 13.68 -11.44
CA LEU D 182 42.67 12.60 -10.60
C LEU D 182 42.34 11.29 -11.29
N ALA D 183 43.36 10.48 -11.59
CA ALA D 183 43.12 9.30 -12.37
C ALA D 183 44.29 8.34 -12.20
N GLY D 184 44.46 7.45 -13.19
CA GLY D 184 45.33 6.29 -13.01
C GLY D 184 46.78 6.63 -12.73
N ARG D 185 47.38 7.50 -13.54
CA ARG D 185 48.82 7.74 -13.38
C ARG D 185 49.11 8.32 -11.99
N ASP D 186 48.21 9.15 -11.48
CA ASP D 186 48.40 9.72 -10.15
C ASP D 186 48.42 8.61 -9.12
N LEU D 187 47.52 7.62 -9.26
CA LEU D 187 47.46 6.53 -8.30
C LEU D 187 48.69 5.64 -8.40
N THR D 188 49.11 5.29 -9.62
CA THR D 188 50.27 4.42 -9.79
C THR D 188 51.51 5.04 -9.16
N ASP D 189 51.72 6.34 -9.37
CA ASP D 189 52.87 7.02 -8.79
C ASP D 189 52.72 7.16 -7.28
N TYR D 190 51.51 7.47 -6.81
CA TYR D 190 51.27 7.60 -5.37
C TYR D 190 51.62 6.33 -4.62
N LEU D 191 51.44 5.17 -5.25
CA LEU D 191 51.83 3.92 -4.62
C LEU D 191 53.33 3.83 -4.45
N MET D 192 54.10 4.33 -5.43
CA MET D 192 55.55 4.31 -5.32
C MET D 192 56.04 5.04 -4.08
N LYS D 193 55.47 6.21 -3.79
CA LYS D 193 55.91 6.99 -2.64
C LYS D 193 55.57 6.30 -1.32
N ILE D 194 54.28 6.00 -1.12
CA ILE D 194 53.86 5.39 0.15
C ILE D 194 54.51 4.02 0.35
N LEU D 195 54.86 3.33 -0.73
CA LEU D 195 55.57 2.06 -0.58
C LEU D 195 57.04 2.28 -0.21
N THR D 196 57.65 3.36 -0.72
CA THR D 196 58.99 3.72 -0.27
C THR D 196 58.97 4.11 1.21
N GLU D 197 57.90 4.75 1.66
CA GLU D 197 57.77 5.09 3.07
C GLU D 197 57.69 3.85 3.94
N ARG D 198 57.04 2.79 3.44
CA ARG D 198 56.97 1.53 4.18
C ARG D 198 58.29 0.76 4.18
N GLY D 199 59.35 1.30 3.57
CA GLY D 199 60.64 0.66 3.54
C GLY D 199 60.99 -0.04 2.25
N TYR D 200 60.44 0.41 1.13
CA TYR D 200 60.75 -0.09 -0.20
C TYR D 200 61.40 1.03 -1.02
N SER D 201 61.75 0.70 -2.26
CA SER D 201 62.39 1.64 -3.16
C SER D 201 61.91 1.32 -4.57
N PHE D 202 60.89 2.02 -5.02
CA PHE D 202 60.31 1.85 -6.35
C PHE D 202 60.44 3.21 -7.03
N VAL D 203 61.64 3.44 -7.57
CA VAL D 203 62.02 4.75 -8.08
C VAL D 203 62.46 4.64 -9.53
N THR D 204 62.96 3.45 -9.91
CA THR D 204 63.38 3.24 -11.28
C THR D 204 62.18 3.32 -12.23
N THR D 205 62.38 3.96 -13.38
CA THR D 205 61.33 4.06 -14.38
C THR D 205 60.85 2.67 -14.81
N ALA D 206 61.77 1.70 -14.90
CA ALA D 206 61.38 0.32 -15.14
C ALA D 206 60.52 -0.23 -13.99
N GLU D 207 60.78 0.21 -12.76
CA GLU D 207 59.99 -0.25 -11.63
C GLU D 207 58.58 0.32 -11.62
N ARG D 208 58.28 1.28 -12.51
CA ARG D 208 56.93 1.83 -12.58
C ARG D 208 55.91 0.79 -13.04
N GLU D 209 56.29 -0.06 -14.00
CA GLU D 209 55.35 -1.06 -14.49
C GLU D 209 55.15 -2.18 -13.47
N ILE D 210 56.21 -2.53 -12.74
CA ILE D 210 56.06 -3.47 -11.63
C ILE D 210 55.06 -2.93 -10.62
N VAL D 211 55.10 -1.62 -10.36
CA VAL D 211 54.12 -0.99 -9.48
C VAL D 211 52.72 -1.11 -10.06
N ARG D 212 52.60 -0.99 -11.39
CA ARG D 212 51.29 -1.10 -12.04
C ARG D 212 50.67 -2.47 -11.80
N ASP D 213 51.49 -3.53 -11.83
CA ASP D 213 50.97 -4.86 -11.52
C ASP D 213 50.53 -4.96 -10.06
N ILE D 214 51.28 -4.32 -9.16
CA ILE D 214 50.88 -4.29 -7.75
C ILE D 214 49.52 -3.61 -7.60
N LYS D 215 49.39 -2.42 -8.19
CA LYS D 215 48.13 -1.67 -8.08
C LYS D 215 46.96 -2.45 -8.65
N GLU D 216 47.10 -2.95 -9.88
CA GLU D 216 45.98 -3.53 -10.60
C GLU D 216 45.51 -4.85 -9.99
N LYS D 217 46.32 -5.51 -9.18
CA LYS D 217 46.00 -6.84 -8.68
C LYS D 217 45.72 -6.89 -7.19
N LEU D 218 46.41 -6.10 -6.37
CA LEU D 218 46.30 -6.22 -4.93
C LEU D 218 45.59 -5.05 -4.25
N CYS D 219 45.31 -3.97 -4.96
CA CYS D 219 44.67 -2.83 -4.32
C CYS D 219 43.15 -3.02 -4.30
N TYR D 220 42.48 -2.26 -3.43
CA TYR D 220 41.03 -2.35 -3.31
C TYR D 220 40.50 -1.13 -2.60
N VAL D 221 39.20 -0.90 -2.77
CA VAL D 221 38.50 0.21 -2.14
C VAL D 221 37.84 -0.29 -0.86
N ALA D 222 37.92 0.50 0.20
CA ALA D 222 37.37 0.12 1.49
C ALA D 222 36.07 0.89 1.74
N LEU D 223 35.07 0.19 2.29
CA LEU D 223 33.80 0.83 2.61
C LEU D 223 33.98 1.87 3.72
N ASP D 224 34.81 1.56 4.71
CA ASP D 224 35.12 2.49 5.79
C ASP D 224 36.64 2.51 5.95
N PHE D 225 37.26 3.57 5.44
CA PHE D 225 38.71 3.68 5.47
C PHE D 225 39.25 3.56 6.88
N GLU D 226 38.61 4.26 7.83
CA GLU D 226 39.09 4.26 9.22
C GLU D 226 39.09 2.85 9.81
N ASN D 227 37.96 2.14 9.70
CA ASN D 227 37.89 0.78 10.24
C ASN D 227 38.91 -0.14 9.59
N GLU D 228 39.04 -0.06 8.26
CA GLU D 228 40.00 -0.90 7.56
C GLU D 228 41.43 -0.48 7.84
N MET D 229 41.66 0.78 8.25
CA MET D 229 42.99 1.19 8.67
C MET D 229 43.34 0.64 10.04
N ALA D 230 42.35 0.49 10.92
CA ALA D 230 42.60 -0.07 12.24
C ALA D 230 42.98 -1.54 12.16
N THR D 231 42.27 -2.31 11.34
CA THR D 231 42.57 -3.72 11.16
C THR D 231 43.97 -3.96 10.62
N ALA D 232 44.58 -2.96 9.97
CA ALA D 232 45.92 -3.15 9.42
C ALA D 232 46.98 -3.14 10.51
N ALA D 233 46.72 -2.44 11.61
CA ALA D 233 47.61 -2.44 12.76
C ALA D 233 47.13 -3.36 13.88
N SER D 234 45.88 -3.81 13.83
CA SER D 234 45.35 -4.75 14.79
C SER D 234 45.39 -6.18 14.26
N SER D 235 46.09 -6.41 13.16
CA SER D 235 46.20 -7.72 12.51
C SER D 235 47.24 -7.58 11.42
N SER D 236 47.51 -8.72 10.75
CA SER D 236 48.30 -8.74 9.53
C SER D 236 47.53 -9.43 8.41
N SER D 237 46.21 -9.54 8.57
CA SER D 237 45.37 -10.27 7.62
C SER D 237 45.39 -9.61 6.25
N LEU D 238 45.14 -8.30 6.20
CA LEU D 238 45.03 -7.60 4.92
C LEU D 238 46.35 -7.52 4.17
N GLU D 239 47.47 -7.87 4.80
CA GLU D 239 48.75 -7.82 4.11
C GLU D 239 48.82 -8.93 3.06
N LYS D 240 49.26 -8.56 1.86
CA LYS D 240 49.42 -9.52 0.77
C LYS D 240 50.84 -9.40 0.24
N SER D 241 51.20 -10.27 -0.71
CA SER D 241 52.57 -10.39 -1.18
C SER D 241 52.62 -10.34 -2.69
N TYR D 242 53.69 -9.75 -3.20
CA TYR D 242 53.93 -9.57 -4.63
C TYR D 242 55.33 -9.99 -4.99
N GLU D 243 55.46 -10.73 -6.10
CA GLU D 243 56.75 -11.22 -6.57
C GLU D 243 57.33 -10.20 -7.55
N LEU D 244 58.47 -9.59 -7.17
CA LEU D 244 59.18 -8.64 -8.00
C LEU D 244 59.82 -9.33 -9.19
N PRO D 245 60.33 -8.57 -10.18
CA PRO D 245 61.06 -9.20 -11.29
C PRO D 245 62.36 -9.83 -10.85
N ASP D 246 62.92 -9.43 -9.71
CA ASP D 246 64.03 -10.15 -9.10
C ASP D 246 63.56 -11.38 -8.34
N GLY D 247 62.27 -11.70 -8.39
CA GLY D 247 61.72 -12.83 -7.65
C GLY D 247 61.39 -12.56 -6.20
N GLN D 248 61.77 -11.41 -5.67
CA GLN D 248 61.57 -11.13 -4.25
C GLN D 248 60.10 -10.86 -3.96
N VAL D 249 59.64 -11.35 -2.81
CA VAL D 249 58.26 -11.19 -2.36
C VAL D 249 58.25 -10.07 -1.31
N ILE D 250 57.65 -8.94 -1.68
CA ILE D 250 57.50 -7.80 -0.77
C ILE D 250 56.14 -7.90 -0.08
N THR D 251 55.93 -7.08 0.93
CA THR D 251 54.71 -7.12 1.74
C THR D 251 54.03 -5.76 1.64
N ILE D 252 52.78 -5.77 1.18
CA ILE D 252 51.97 -4.57 1.03
C ILE D 252 50.86 -4.61 2.07
N GLY D 253 50.74 -3.54 2.85
CA GLY D 253 49.78 -3.51 3.93
C GLY D 253 48.73 -2.45 3.78
N ASN D 254 48.90 -1.33 4.48
CA ASN D 254 47.93 -0.25 4.43
C ASN D 254 47.86 0.44 3.08
N GLU D 255 48.89 0.27 2.24
CA GLU D 255 48.88 0.90 0.92
C GLU D 255 47.77 0.36 0.03
N ARG D 256 47.32 -0.87 0.27
CA ARG D 256 46.33 -1.49 -0.61
C ARG D 256 45.06 -0.66 -0.71
N PHE D 257 44.57 -0.13 0.40
CA PHE D 257 43.38 0.69 0.38
C PHE D 257 43.67 2.19 0.34
N ARG D 258 44.91 2.60 0.59
CA ARG D 258 45.23 4.02 0.54
C ARG D 258 45.22 4.54 -0.90
N CYS D 259 45.85 3.79 -1.82
CA CYS D 259 45.89 4.20 -3.22
C CYS D 259 44.52 4.43 -3.83
N PRO D 260 43.54 3.51 -3.74
CA PRO D 260 42.22 3.81 -4.29
C PRO D 260 41.45 4.87 -3.50
N GLU D 261 41.80 5.06 -2.23
CA GLU D 261 41.09 6.04 -1.41
C GLU D 261 41.37 7.47 -1.85
N THR D 262 42.46 7.69 -2.59
CA THR D 262 42.75 9.02 -3.11
C THR D 262 41.60 9.54 -3.96
N LEU D 263 40.94 8.64 -4.70
CA LEU D 263 39.81 9.06 -5.53
C LEU D 263 38.69 9.68 -4.70
N PHE D 264 38.54 9.24 -3.45
CA PHE D 264 37.51 9.78 -2.57
C PHE D 264 38.03 10.92 -1.70
N GLN D 265 39.34 10.98 -1.46
CA GLN D 265 39.96 12.03 -0.67
C GLN D 265 41.15 12.56 -1.46
N PRO D 266 40.93 13.50 -2.38
CA PRO D 266 42.01 13.96 -3.27
C PRO D 266 43.17 14.61 -2.56
N SER D 267 43.07 14.87 -1.25
CA SER D 267 44.16 15.49 -0.52
C SER D 267 45.36 14.56 -0.37
N PHE D 268 45.18 13.26 -0.57
CA PHE D 268 46.27 12.30 -0.37
C PHE D 268 47.48 12.61 -1.25
N ILE D 269 47.25 12.95 -2.52
CA ILE D 269 48.36 13.26 -3.41
C ILE D 269 48.68 14.75 -3.49
N GLY D 270 47.87 15.60 -2.85
CA GLY D 270 48.15 17.01 -2.83
C GLY D 270 47.16 17.83 -3.62
N MET D 271 45.88 17.58 -3.42
CA MET D 271 44.83 18.30 -4.15
C MET D 271 43.75 18.75 -3.19
N GLU D 272 43.02 19.79 -3.60
CA GLU D 272 41.91 20.33 -2.84
C GLU D 272 40.57 20.10 -3.54
N SER D 273 40.57 19.44 -4.70
CA SER D 273 39.36 19.19 -5.44
C SER D 273 38.46 18.22 -4.67
N ALA D 274 37.25 18.05 -5.18
CA ALA D 274 36.35 17.06 -4.60
C ALA D 274 36.68 15.67 -5.12
N GLY D 275 36.14 14.66 -4.43
CA GLY D 275 36.39 13.28 -4.80
C GLY D 275 35.38 12.77 -5.79
N ILE D 276 35.62 11.54 -6.27
CA ILE D 276 34.71 10.94 -7.24
C ILE D 276 33.32 10.74 -6.63
N HIS D 277 33.21 10.74 -5.31
CA HIS D 277 31.91 10.65 -4.66
C HIS D 277 31.17 11.99 -4.72
N GLU D 278 31.88 13.09 -4.50
CA GLU D 278 31.23 14.40 -4.53
C GLU D 278 30.89 14.82 -5.96
N THR D 279 31.82 14.63 -6.90
CA THR D 279 31.57 14.99 -8.29
C THR D 279 30.28 14.34 -8.81
N THR D 280 30.05 13.08 -8.46
CA THR D 280 28.83 12.40 -8.89
C THR D 280 27.58 13.07 -8.32
N TYR D 281 27.64 13.47 -7.04
CA TYR D 281 26.49 14.15 -6.44
C TYR D 281 26.22 15.47 -7.12
N ASN D 282 27.24 16.32 -7.27
CA ASN D 282 27.07 17.61 -7.94
C ASN D 282 26.48 17.44 -9.33
N SER D 283 27.03 16.49 -10.10
CA SER D 283 26.57 16.29 -11.47
C SER D 283 25.09 15.89 -11.50
N ILE D 284 24.70 14.96 -10.63
CA ILE D 284 23.30 14.54 -10.60
C ILE D 284 22.40 15.69 -10.17
N MET D 285 22.89 16.54 -9.26
CA MET D 285 22.07 17.63 -8.75
C MET D 285 22.01 18.81 -9.72
N LYS D 286 23.04 18.99 -10.55
CA LYS D 286 22.95 20.02 -11.59
C LYS D 286 21.95 19.67 -12.68
N CYS D 287 21.26 18.55 -12.58
CA CYS D 287 20.28 18.16 -13.58
C CYS D 287 18.89 18.49 -13.05
N ASP D 288 17.89 18.28 -13.90
CA ASP D 288 16.53 18.51 -13.47
C ASP D 288 16.17 17.50 -12.38
N ILE D 289 15.47 17.96 -11.33
CA ILE D 289 15.16 17.08 -10.21
C ILE D 289 14.32 15.89 -10.69
N ASP D 290 13.55 16.08 -11.77
CA ASP D 290 12.70 15.00 -12.29
C ASP D 290 13.53 13.88 -12.91
N ILE D 291 14.66 14.21 -13.53
CA ILE D 291 15.56 13.21 -14.13
C ILE D 291 16.42 12.49 -13.10
N ARG D 292 16.41 12.93 -11.84
CA ARG D 292 17.36 12.44 -10.86
C ARG D 292 17.05 11.02 -10.40
N LYS D 293 15.77 10.70 -10.20
CA LYS D 293 15.41 9.36 -9.72
C LYS D 293 15.94 8.30 -10.67
N ASP D 294 15.69 8.47 -11.97
CA ASP D 294 16.20 7.53 -12.95
C ASP D 294 17.72 7.54 -13.00
N LEU D 295 18.33 8.71 -12.84
CA LEU D 295 19.79 8.79 -12.78
C LEU D 295 20.35 8.17 -11.51
N TYR D 296 19.57 8.17 -10.42
CA TYR D 296 20.09 7.57 -9.18
C TYR D 296 20.11 6.06 -9.26
N ALA D 297 19.20 5.46 -10.03
CA ALA D 297 19.13 4.01 -10.16
C ALA D 297 19.96 3.49 -11.32
N ASN D 298 20.72 4.34 -12.01
CA ASN D 298 21.53 3.91 -13.15
C ASN D 298 22.88 4.65 -13.16
N ASN D 299 23.70 4.40 -12.14
CA ASN D 299 25.04 5.00 -12.05
C ASN D 299 26.04 4.04 -12.69
N VAL D 300 26.14 4.12 -14.02
CA VAL D 300 27.02 3.24 -14.77
C VAL D 300 28.46 3.67 -14.60
N MET D 301 29.36 2.69 -14.57
CA MET D 301 30.80 2.93 -14.38
C MET D 301 31.58 2.51 -15.61
N SER D 302 32.65 3.27 -15.90
CA SER D 302 33.52 2.99 -17.02
C SER D 302 34.94 3.35 -16.65
N GLY D 303 35.90 2.73 -17.31
CA GLY D 303 37.29 3.09 -17.13
C GLY D 303 38.04 2.05 -16.30
N GLY D 304 39.35 2.00 -16.52
CA GLY D 304 40.17 1.01 -15.84
C GLY D 304 40.32 1.22 -14.35
N THR D 305 40.17 2.46 -13.87
CA THR D 305 40.28 2.73 -12.45
C THR D 305 38.96 2.59 -11.71
N THR D 306 37.91 2.16 -12.41
CA THR D 306 36.68 1.72 -11.77
C THR D 306 36.64 0.20 -11.63
N MET D 307 37.79 -0.45 -11.78
CA MET D 307 37.91 -1.90 -11.67
C MET D 307 38.57 -2.32 -10.36
N TYR D 308 38.54 -1.44 -9.35
CA TYR D 308 39.04 -1.76 -8.02
C TYR D 308 37.98 -2.51 -7.23
N PRO D 309 38.37 -3.57 -6.51
CA PRO D 309 37.39 -4.29 -5.68
C PRO D 309 36.76 -3.35 -4.65
N GLY D 310 35.43 -3.29 -4.66
CA GLY D 310 34.71 -2.55 -3.65
C GLY D 310 34.41 -1.10 -3.97
N ILE D 311 34.83 -0.59 -5.13
CA ILE D 311 34.56 0.80 -5.47
C ILE D 311 33.05 1.03 -5.61
N ALA D 312 32.30 0.01 -6.03
CA ALA D 312 30.86 0.14 -6.14
C ALA D 312 30.21 0.30 -4.77
N ASP D 313 30.71 -0.42 -3.77
CA ASP D 313 30.10 -0.37 -2.44
C ASP D 313 30.25 1.00 -1.80
N ARG D 314 31.48 1.53 -1.76
CA ARG D 314 31.69 2.84 -1.16
C ARG D 314 30.93 3.93 -1.92
N MET D 315 30.91 3.84 -3.24
CA MET D 315 30.17 4.82 -4.04
C MET D 315 28.68 4.76 -3.72
N GLN D 316 28.15 3.57 -3.43
CA GLN D 316 26.80 3.49 -2.91
C GLN D 316 26.71 4.12 -1.52
N LYS D 317 27.71 3.87 -0.68
CA LYS D 317 27.73 4.40 0.69
C LYS D 317 27.70 5.93 0.68
N GLU D 318 28.73 6.54 0.09
CA GLU D 318 28.84 8.00 0.10
C GLU D 318 27.60 8.66 -0.51
N ILE D 319 27.13 8.16 -1.65
CA ILE D 319 26.00 8.79 -2.32
C ILE D 319 24.71 8.57 -1.55
N THR D 320 24.55 7.39 -0.92
CA THR D 320 23.37 7.16 -0.11
C THR D 320 23.26 8.21 1.00
N ALA D 321 24.39 8.76 1.43
CA ALA D 321 24.39 9.78 2.48
C ALA D 321 23.94 11.12 1.91
N LEU D 322 24.60 11.59 0.86
CA LEU D 322 24.30 12.88 0.26
C LEU D 322 22.93 12.95 -0.40
N ALA D 323 22.16 11.86 -0.40
CA ALA D 323 20.92 11.80 -1.15
C ALA D 323 19.73 11.67 -0.21
N PRO D 324 18.49 11.89 -0.69
CA PRO D 324 17.31 11.69 0.17
C PRO D 324 17.25 10.30 0.80
N SER D 325 16.46 10.17 1.86
CA SER D 325 16.31 8.89 2.53
C SER D 325 15.51 7.87 1.72
N THR D 326 14.89 8.28 0.62
CA THR D 326 14.06 7.39 -0.19
C THR D 326 14.52 7.37 -1.64
N MET D 327 15.82 7.53 -1.88
CA MET D 327 16.38 7.49 -3.22
C MET D 327 17.24 6.24 -3.35
N LYS D 328 16.89 5.39 -4.32
CA LYS D 328 17.63 4.15 -4.57
C LYS D 328 18.91 4.48 -5.33
N ILE D 329 20.05 4.21 -4.72
CA ILE D 329 21.34 4.42 -5.35
C ILE D 329 21.83 3.08 -5.87
N LYS D 330 22.07 3.00 -7.17
CA LYS D 330 22.34 1.74 -7.85
C LYS D 330 23.56 1.91 -8.74
N ILE D 331 24.71 1.43 -8.27
CA ILE D 331 25.96 1.57 -9.00
C ILE D 331 26.13 0.33 -9.89
N ILE D 332 26.17 0.55 -11.20
CA ILE D 332 26.27 -0.53 -12.16
C ILE D 332 27.72 -0.63 -12.65
N ALA D 333 28.30 -1.83 -12.55
CA ALA D 333 29.70 -2.05 -12.90
C ALA D 333 29.84 -3.33 -13.69
N PRO D 334 29.58 -3.29 -14.99
CA PRO D 334 29.78 -4.46 -15.86
C PRO D 334 31.23 -4.92 -15.81
N PRO D 335 31.48 -6.23 -15.76
CA PRO D 335 32.88 -6.71 -15.68
C PRO D 335 33.79 -6.14 -16.75
N GLU D 336 33.32 -6.08 -18.00
CA GLU D 336 34.11 -5.45 -19.07
C GLU D 336 33.68 -4.00 -19.25
N ARG D 337 34.09 -3.18 -18.28
CA ARG D 337 33.96 -1.74 -18.38
C ARG D 337 35.28 -1.07 -18.70
N LYS D 338 36.39 -1.80 -18.53
CA LYS D 338 37.70 -1.31 -18.94
C LYS D 338 37.75 -1.01 -20.43
N TYR D 339 36.82 -1.58 -21.21
CA TYR D 339 36.76 -1.35 -22.65
C TYR D 339 35.34 -1.01 -23.09
N SER D 340 34.50 -0.55 -22.15
CA SER D 340 33.12 -0.20 -22.48
C SER D 340 33.06 0.88 -23.55
N VAL D 341 34.05 1.79 -23.55
CA VAL D 341 34.10 2.83 -24.57
C VAL D 341 34.29 2.21 -25.95
N TRP D 342 35.25 1.29 -26.07
CA TRP D 342 35.46 0.60 -27.33
C TRP D 342 34.26 -0.25 -27.71
N ILE D 343 33.78 -1.07 -26.78
CA ILE D 343 32.63 -1.94 -27.03
C ILE D 343 31.43 -1.14 -27.49
N GLY D 344 31.28 0.11 -27.02
CA GLY D 344 30.17 0.92 -27.46
C GLY D 344 30.25 1.27 -28.93
N GLY D 345 31.43 1.69 -29.39
CA GLY D 345 31.58 2.04 -30.79
C GLY D 345 31.43 0.86 -31.72
N SER D 346 32.01 -0.28 -31.34
CA SER D 346 31.82 -1.52 -32.11
C SER D 346 30.34 -1.83 -32.29
N ILE D 347 29.53 -1.60 -31.24
CA ILE D 347 28.09 -1.75 -31.38
C ILE D 347 27.52 -0.67 -32.29
N LEU D 348 27.86 0.59 -32.03
CA LEU D 348 27.31 1.70 -32.79
C LEU D 348 27.71 1.64 -34.26
N ALA D 349 28.99 1.43 -34.53
CA ALA D 349 29.48 1.43 -35.91
C ALA D 349 28.86 0.29 -36.71
N SER D 350 28.79 -0.91 -36.13
CA SER D 350 28.26 -2.08 -36.83
C SER D 350 26.77 -1.96 -37.17
N LEU D 351 26.11 -0.89 -36.72
CA LEU D 351 24.72 -0.66 -37.10
C LEU D 351 24.59 -0.44 -38.60
N SER D 352 23.75 -1.25 -39.24
CA SER D 352 23.48 -1.02 -40.65
C SER D 352 22.65 0.24 -40.88
N THR D 353 22.27 0.92 -39.80
CA THR D 353 21.55 2.18 -39.86
C THR D 353 22.44 3.37 -39.52
N PHE D 354 23.75 3.19 -39.50
CA PHE D 354 24.68 4.27 -39.19
C PHE D 354 25.19 4.99 -40.43
N GLN D 355 24.88 4.47 -41.63
CA GLN D 355 25.32 5.11 -42.86
C GLN D 355 24.71 6.50 -43.03
N GLN D 356 23.57 6.76 -42.40
CA GLN D 356 22.95 8.08 -42.46
C GLN D 356 23.73 9.10 -41.64
N MET D 357 24.43 8.65 -40.60
CA MET D 357 25.15 9.56 -39.72
C MET D 357 26.66 9.57 -39.97
N TRP D 358 27.17 8.65 -40.79
CA TRP D 358 28.57 8.73 -41.22
C TRP D 358 28.81 10.04 -41.97
N ILE D 359 30.04 10.56 -41.84
CA ILE D 359 30.46 11.73 -42.60
C ILE D 359 31.37 11.23 -43.71
N THR D 360 30.91 11.32 -44.95
CA THR D 360 31.63 10.80 -46.09
C THR D 360 32.66 11.80 -46.61
N LYS D 361 33.68 11.28 -47.29
CA LYS D 361 34.75 12.11 -47.81
C LYS D 361 34.20 13.21 -48.73
N GLN D 362 33.20 12.88 -49.55
CA GLN D 362 32.58 13.87 -50.41
C GLN D 362 31.98 15.01 -49.58
N GLU D 363 31.29 14.67 -48.49
CA GLU D 363 30.71 15.68 -47.63
C GLU D 363 31.77 16.57 -46.99
N TYR D 364 32.96 16.03 -46.72
CA TYR D 364 34.02 16.84 -46.14
C TYR D 364 34.54 17.87 -47.12
N ASP D 365 35.00 17.43 -48.29
CA ASP D 365 35.51 18.36 -49.29
C ASP D 365 34.49 19.43 -49.63
N GLU D 366 33.21 19.04 -49.68
CA GLU D 366 32.16 19.99 -50.04
C GLU D 366 31.85 20.94 -48.90
N ALA D 367 31.67 20.42 -47.69
CA ALA D 367 31.21 21.22 -46.56
C ALA D 367 32.31 21.57 -45.57
N GLY D 368 33.55 21.16 -45.84
CA GLY D 368 34.65 21.39 -44.92
C GLY D 368 34.57 20.51 -43.69
N PRO D 369 35.37 20.85 -42.67
CA PRO D 369 35.25 20.16 -41.38
C PRO D 369 33.95 20.47 -40.65
N SER D 370 33.42 21.69 -40.82
CA SER D 370 32.23 22.18 -40.15
C SER D 370 31.09 21.17 -40.05
N ILE D 371 31.04 20.19 -40.95
CA ILE D 371 29.91 19.25 -40.96
C ILE D 371 29.94 18.32 -39.76
N VAL D 372 31.10 18.10 -39.14
CA VAL D 372 31.19 17.15 -38.04
C VAL D 372 30.52 17.69 -36.79
N HIS D 373 30.33 19.00 -36.67
CA HIS D 373 29.52 19.57 -35.61
C HIS D 373 28.25 20.22 -36.13
N ARG D 374 28.16 20.49 -37.44
CA ARG D 374 26.89 20.94 -38.02
C ARG D 374 25.84 19.86 -37.93
N LYS D 375 26.19 18.63 -38.33
CA LYS D 375 25.29 17.49 -38.20
C LYS D 375 25.46 16.78 -36.86
N CYS D 376 26.38 17.23 -36.01
CA CYS D 376 26.59 16.67 -34.68
C CYS D 376 26.89 15.17 -34.72
#